data_6LVZ
#
_entry.id   6LVZ
#
_cell.length_a   98.548
_cell.length_b   139.079
_cell.length_c   149.200
_cell.angle_alpha   90.000
_cell.angle_beta   90.000
_cell.angle_gamma   90.000
#
_symmetry.space_group_name_H-M   'P 21 21 21'
#
loop_
_entity.id
_entity.type
_entity.pdbx_description
1 polymer 'Toll-like receptor 7'
2 branched beta-D-mannopyranose-(1-4)-2-acetamido-2-deoxy-beta-D-glucopyranose-(1-4)-2-acetamido-2-deoxy-beta-D-glucopyranose
3 branched 2-acetamido-2-deoxy-beta-D-glucopyranose-(1-4)-2-acetamido-2-deoxy-beta-D-glucopyranose
4 non-polymer 2-acetamido-2-deoxy-beta-D-glucopyranose
5 non-polymer 'SULFATE ION'
6 non-polymer 6-azanyl-2-(2-methoxyethoxy)-9-(pyridin-3-ylmethyl)-7H-purin-8-one
7 water water
#
_entity_poly.entity_id   1
_entity_poly.type   'polypeptide(L)'
_entity_poly.pdbx_seq_one_letter_code
;RSPWARWFPKTLPCDVTLDVSKNHVIVDCTDKHLTEIPGGIPTNTTNLTLTINHIPDISPASFHRLVHLVEIDFRCNCVP
IRLGSKSNMCPRRLQIKPRSFSGLTYLKSLYLDGNQLLEIPQGLPPSLQLLSLEANNIFSIRKEQLTELANIEILYLGQN
CYYRNPCYVSYSIEKDAFLNLTKLKVLSLKDNNVTTVPTVLPSTLTELYLYNNMIAEIQEDDFNNLNQLQILDLSGNCPR
CYNAPFPCTPCKNNSPLQIPVNAFDALTELKVLRLHSNSLQHVPPRWFKNINNLQELDLSQNFLAKEIGDAKFLHFLPNL
IQLDLSFNFELQVYRASMNLSQAFSSLKSLKILRIRGYVFKELKSFQLSPLHNLQNLEVLDLGTNFIKIANLSMFKQFKR
LKVIDLSVNKISPSGDSLVPRGSSNARTSVESYEPQVLEQLYYFRYDKYARSCRFKNKEASFTSVQESCYKYGQTLDLSK
NSIFFIKSSDFQHLSFLKCLNLSGNLISQTLNGSEFQPLAELRYLDFSNNRLDLLHSTAFEELRKLEVLDISSNSHYFQS
EGITHMLNFTKNLKVLQKLMMNDNDISSSTSRTMESESLRTLEFRGNHLDVLWRDGDNRYLQLFKNLLKLEELDISKNSL
SFLPSGVFDGMPPNLKNLSLAKNGLKSFIWEKLRYLKNLETLDLSHNQLTTVPERLSNCSRSLKNLILKNNQIRSLTKYF
LQDAFQLRYLDLSSNKIQMIQKTSFPENVLNNLKMLLLHHNRFLCTCDAVWFVWWVQHTEVTIPYLATDVTCVGPGAHKG
QSVISLDLYTCELDLTNEFLVPR
;
_entity_poly.pdbx_strand_id   B,A
#
loop_
_chem_comp.id
_chem_comp.type
_chem_comp.name
_chem_comp.formula
BMA D-saccharide, beta linking beta-D-mannopyranose 'C6 H12 O6'
EWX non-polymer 6-azanyl-2-(2-methoxyethoxy)-9-(pyridin-3-ylmethyl)-7H-purin-8-one 'C14 H16 N6 O3'
NAG D-saccharide, beta linking 2-acetamido-2-deoxy-beta-D-glucopyranose 'C8 H15 N O6'
SO4 non-polymer 'SULFATE ION' 'O4 S -2'
#
# COMPACT_ATOMS: atom_id res chain seq x y z
N ALA A 5 -9.38 37.37 26.76
CA ALA A 5 -9.05 37.82 25.39
C ALA A 5 -10.33 37.92 24.54
N ARG A 6 -11.29 36.99 24.74
CA ARG A 6 -12.64 37.05 24.12
C ARG A 6 -13.70 37.13 25.23
N TRP A 7 -14.57 38.14 25.17
CA TRP A 7 -15.60 38.32 26.19
C TRP A 7 -16.80 37.39 25.89
N PHE A 8 -17.15 37.27 24.61
CA PHE A 8 -18.27 36.46 24.16
C PHE A 8 -17.79 35.32 23.26
N PRO A 9 -17.96 34.04 23.69
CA PRO A 9 -17.50 32.89 22.90
C PRO A 9 -18.34 32.71 21.63
N LYS A 10 -17.65 32.40 20.53
CA LYS A 10 -18.32 32.01 19.31
C LYS A 10 -18.84 30.60 19.50
N THR A 11 -20.14 30.42 19.35
CA THR A 11 -20.78 29.14 19.58
C THR A 11 -21.33 28.55 18.27
N LEU A 12 -21.54 29.41 17.27
CA LEU A 12 -22.10 29.05 15.97
C LEU A 12 -21.22 28.02 15.25
N PRO A 13 -21.81 26.91 14.75
CA PRO A 13 -21.04 25.85 14.09
C PRO A 13 -20.58 26.13 12.64
N CYS A 14 -20.30 27.41 12.32
CA CYS A 14 -19.92 27.83 10.99
C CYS A 14 -18.71 28.78 11.10
N ASP A 15 -17.73 28.61 10.20
CA ASP A 15 -16.64 29.57 10.15
C ASP A 15 -17.25 30.92 9.77
N VAL A 16 -16.73 32.00 10.37
CA VAL A 16 -17.15 33.38 10.11
C VAL A 16 -15.91 34.22 9.79
N THR A 17 -16.02 35.09 8.79
CA THR A 17 -14.88 35.86 8.28
C THR A 17 -15.37 37.27 7.95
N LEU A 18 -14.51 38.26 8.22
CA LEU A 18 -14.66 39.61 7.74
C LEU A 18 -13.60 39.86 6.68
N ASP A 19 -14.06 40.29 5.50
CA ASP A 19 -13.19 40.82 4.46
C ASP A 19 -13.55 42.31 4.32
N VAL A 20 -13.02 43.13 5.23
CA VAL A 20 -13.54 44.51 5.46
C VAL A 20 -13.45 45.31 4.15
N SER A 21 -12.45 44.98 3.32
CA SER A 21 -12.25 45.56 1.98
C SER A 21 -13.55 45.58 1.15
N LYS A 22 -14.22 44.42 1.05
CA LYS A 22 -15.40 44.29 0.17
C LYS A 22 -16.71 44.15 0.98
N ASN A 23 -16.86 44.90 2.08
CA ASN A 23 -18.01 44.70 3.02
C ASN A 23 -18.56 43.27 2.95
N HIS A 24 -17.68 42.27 3.00
CA HIS A 24 -18.12 40.87 2.98
C HIS A 24 -18.07 40.34 4.43
N VAL A 25 -19.23 39.83 4.90
CA VAL A 25 -19.33 39.01 6.11
C VAL A 25 -19.72 37.60 5.67
N ILE A 26 -18.75 36.69 5.77
CA ILE A 26 -18.77 35.38 5.14
C ILE A 26 -18.99 34.31 6.21
N VAL A 27 -20.16 33.66 6.15
CA VAL A 27 -20.56 32.59 7.02
C VAL A 27 -20.59 31.29 6.22
N ASP A 28 -19.63 30.40 6.51
CA ASP A 28 -19.45 29.13 5.83
C ASP A 28 -19.85 27.96 6.75
N CYS A 29 -21.02 27.38 6.49
CA CYS A 29 -21.47 26.20 7.22
C CYS A 29 -21.41 24.98 6.31
N THR A 30 -20.38 24.90 5.47
CA THR A 30 -20.19 23.73 4.60
C THR A 30 -20.06 22.49 5.49
N ASP A 31 -20.92 21.50 5.27
CA ASP A 31 -20.71 20.14 5.81
C ASP A 31 -20.57 20.21 7.33
N LYS A 32 -21.67 20.53 8.03
CA LYS A 32 -21.67 20.53 9.46
C LYS A 32 -22.80 19.63 9.96
N HIS A 33 -23.28 18.74 9.11
CA HIS A 33 -24.27 17.75 9.54
C HIS A 33 -25.48 18.46 10.18
N LEU A 34 -25.88 19.61 9.63
CA LEU A 34 -27.00 20.43 10.15
C LEU A 34 -28.33 19.94 9.60
N THR A 35 -29.39 19.95 10.44
CA THR A 35 -30.77 19.63 10.03
C THR A 35 -31.71 20.86 10.11
N GLU A 36 -31.14 22.00 10.52
CA GLU A 36 -31.81 23.30 10.59
C GLU A 36 -30.74 24.36 10.34
N ILE A 37 -31.14 25.54 9.87
CA ILE A 37 -30.19 26.62 9.76
C ILE A 37 -29.86 27.05 11.19
N PRO A 38 -28.59 27.11 11.60
CA PRO A 38 -28.24 27.43 12.99
C PRO A 38 -28.74 28.82 13.39
N GLY A 39 -29.00 28.98 14.69
CA GLY A 39 -29.37 30.24 15.26
C GLY A 39 -28.16 31.18 15.36
N GLY A 40 -28.43 32.48 15.32
CA GLY A 40 -27.45 33.47 15.69
C GLY A 40 -26.47 33.75 14.57
N ILE A 41 -26.93 33.63 13.30
CA ILE A 41 -26.11 34.03 12.15
C ILE A 41 -26.06 35.57 12.12
N PRO A 42 -24.87 36.19 11.95
CA PRO A 42 -24.76 37.64 11.96
C PRO A 42 -25.71 38.32 10.98
N THR A 43 -26.42 39.35 11.45
CA THR A 43 -27.33 40.15 10.65
C THR A 43 -26.60 40.74 9.43
N ASN A 44 -25.35 41.18 9.63
CA ASN A 44 -24.53 41.83 8.59
C ASN A 44 -24.03 40.81 7.55
N THR A 45 -24.43 39.54 7.68
CA THR A 45 -23.97 38.44 6.80
C THR A 45 -24.32 38.76 5.35
N THR A 46 -23.33 38.61 4.46
CA THR A 46 -23.49 38.83 3.02
C THR A 46 -23.47 37.48 2.27
N ASN A 47 -22.50 36.62 2.58
CA ASN A 47 -22.31 35.31 1.91
C ASN A 47 -22.58 34.19 2.92
N LEU A 48 -23.65 33.42 2.70
CA LEU A 48 -24.01 32.31 3.54
C LEU A 48 -23.93 31.01 2.72
N THR A 49 -22.98 30.14 3.05
CA THR A 49 -22.91 28.79 2.46
C THR A 49 -23.47 27.72 3.41
N LEU A 50 -24.49 26.98 2.98
CA LEU A 50 -25.05 25.83 3.75
C LEU A 50 -24.95 24.52 2.97
N THR A 51 -23.91 24.39 2.12
CA THR A 51 -23.63 23.25 1.23
C THR A 51 -23.40 21.98 2.06
N ILE A 52 -23.79 20.84 1.49
CA ILE A 52 -23.74 19.52 2.15
C ILE A 52 -24.18 19.58 3.62
N ASN A 53 -25.50 19.65 3.82
CA ASN A 53 -26.15 19.54 5.10
C ASN A 53 -27.44 18.75 4.83
N HIS A 54 -28.27 18.55 5.84
CA HIS A 54 -29.51 17.82 5.66
C HIS A 54 -30.69 18.69 6.10
N ILE A 55 -30.69 19.94 5.59
CA ILE A 55 -31.72 20.93 5.91
C ILE A 55 -32.88 20.71 4.97
N PRO A 56 -34.06 20.26 5.46
CA PRO A 56 -35.11 19.71 4.59
C PRO A 56 -36.08 20.73 3.99
N ASP A 57 -36.04 21.97 4.48
CA ASP A 57 -36.92 23.01 3.98
C ASP A 57 -36.29 24.40 4.18
N ILE A 58 -36.78 25.32 3.35
CA ILE A 58 -36.49 26.73 3.40
C ILE A 58 -37.84 27.43 3.48
N SER A 59 -37.88 28.50 4.27
CA SER A 59 -39.11 29.26 4.58
C SER A 59 -38.74 30.71 4.82
N PRO A 60 -39.72 31.61 5.01
CA PRO A 60 -39.41 33.01 5.31
C PRO A 60 -38.63 33.17 6.64
N ALA A 61 -38.83 32.23 7.56
CA ALA A 61 -38.06 32.15 8.81
C ALA A 61 -36.56 32.03 8.51
N SER A 62 -36.22 31.24 7.48
CA SER A 62 -34.86 30.83 7.13
C SER A 62 -33.90 32.02 7.11
N PHE A 63 -34.28 33.10 6.39
CA PHE A 63 -33.37 34.23 6.12
C PHE A 63 -33.93 35.57 6.66
N HIS A 64 -34.90 35.50 7.59
CA HIS A 64 -35.72 36.65 8.09
C HIS A 64 -34.86 37.90 8.36
N ARG A 65 -33.82 37.73 9.18
CA ARG A 65 -33.10 38.84 9.77
C ARG A 65 -31.99 39.35 8.82
N LEU A 66 -31.72 38.62 7.74
CA LEU A 66 -30.44 38.66 7.02
C LEU A 66 -30.57 39.46 5.72
N VAL A 67 -30.98 40.72 5.84
CA VAL A 67 -31.44 41.48 4.71
C VAL A 67 -30.27 41.91 3.84
N HIS A 68 -29.03 41.75 4.33
CA HIS A 68 -27.86 42.24 3.61
C HIS A 68 -27.27 41.14 2.71
N LEU A 69 -27.94 39.98 2.61
CA LEU A 69 -27.46 38.80 1.85
C LEU A 69 -27.30 39.13 0.37
N VAL A 70 -26.12 38.86 -0.18
CA VAL A 70 -25.84 38.96 -1.63
C VAL A 70 -25.68 37.57 -2.26
N GLU A 71 -25.29 36.56 -1.47
CA GLU A 71 -25.12 35.19 -1.99
C GLU A 71 -25.65 34.17 -0.99
N ILE A 72 -26.47 33.24 -1.47
CA ILE A 72 -26.81 32.06 -0.72
C ILE A 72 -26.35 30.84 -1.53
N ASP A 73 -25.38 30.10 -1.00
CA ASP A 73 -25.01 28.79 -1.51
C ASP A 73 -25.68 27.74 -0.64
N PHE A 74 -26.70 27.07 -1.20
CA PHE A 74 -27.51 26.05 -0.53
C PHE A 74 -27.49 24.77 -1.38
N ARG A 75 -26.30 24.40 -1.86
CA ARG A 75 -26.11 23.25 -2.74
C ARG A 75 -26.14 21.94 -1.91
N CYS A 76 -26.76 20.91 -2.50
CA CYS A 76 -26.57 19.51 -2.10
C CYS A 76 -27.08 19.28 -0.65
N ASN A 77 -28.27 19.77 -0.35
CA ASN A 77 -28.92 19.43 0.89
C ASN A 77 -29.93 18.31 0.61
N CYS A 78 -29.92 17.78 -0.62
CA CYS A 78 -30.73 16.64 -0.99
C CYS A 78 -30.33 16.18 -2.38
N VAL A 79 -29.14 15.60 -2.50
CA VAL A 79 -28.57 15.34 -3.83
C VAL A 79 -29.33 14.13 -4.41
N PRO A 80 -29.56 14.08 -5.74
CA PRO A 80 -30.23 12.93 -6.35
C PRO A 80 -29.65 11.60 -5.85
N ILE A 81 -30.52 10.59 -5.79
CA ILE A 81 -30.22 9.25 -5.24
C ILE A 81 -28.83 8.76 -5.68
N ARG A 82 -28.52 8.80 -6.99
CA ARG A 82 -27.33 8.08 -7.61
C ARG A 82 -26.03 8.91 -7.52
N LEU A 83 -26.15 10.20 -7.20
CA LEU A 83 -24.99 11.12 -7.10
C LEU A 83 -24.50 11.23 -5.65
N GLY A 84 -25.36 10.93 -4.68
CA GLY A 84 -25.08 11.28 -3.28
C GLY A 84 -24.77 10.06 -2.44
N SER A 85 -24.50 10.30 -1.15
CA SER A 85 -24.26 9.26 -0.15
C SER A 85 -25.34 8.19 -0.23
N LYS A 86 -24.92 6.91 -0.08
CA LYS A 86 -25.86 5.77 0.03
C LYS A 86 -26.08 5.39 1.51
N SER A 87 -25.19 5.86 2.39
CA SER A 87 -25.31 5.70 3.84
C SER A 87 -26.28 6.74 4.44
N ASN A 88 -26.37 7.91 3.82
CA ASN A 88 -27.25 9.00 4.25
C ASN A 88 -28.01 9.53 3.02
N MET A 89 -28.81 8.66 2.38
CA MET A 89 -29.72 9.06 1.28
C MET A 89 -30.67 10.14 1.79
N CYS A 90 -30.86 11.18 0.98
CA CYS A 90 -31.87 12.19 1.27
C CYS A 90 -33.27 11.59 1.15
N PRO A 91 -34.14 11.71 2.18
CA PRO A 91 -35.46 11.07 2.16
C PRO A 91 -36.48 11.75 1.20
N ARG A 92 -36.42 13.08 1.09
CA ARG A 92 -37.51 13.85 0.55
C ARG A 92 -36.95 15.16 0.01
N ARG A 93 -37.48 15.60 -1.12
CA ARG A 93 -36.95 16.75 -1.84
C ARG A 93 -37.08 17.99 -0.95
N LEU A 94 -36.11 18.89 -1.08
CA LEU A 94 -36.08 20.18 -0.38
C LEU A 94 -37.37 20.95 -0.64
N GLN A 95 -38.03 21.40 0.43
CA GLN A 95 -39.29 22.18 0.38
C GLN A 95 -38.96 23.67 0.47
N ILE A 96 -39.40 24.45 -0.53
CA ILE A 96 -39.24 25.91 -0.50
C ILE A 96 -40.62 26.54 -0.40
N LYS A 97 -40.92 27.13 0.76
CA LYS A 97 -42.24 27.68 1.00
C LYS A 97 -42.27 29.08 0.40
N PRO A 98 -43.44 29.63 0.02
CA PRO A 98 -43.50 30.91 -0.68
C PRO A 98 -42.87 32.03 0.14
N ARG A 99 -42.35 33.03 -0.56
CA ARG A 99 -41.86 34.28 0.02
C ARG A 99 -40.60 34.03 0.85
N SER A 100 -39.85 32.97 0.52
CA SER A 100 -38.60 32.63 1.22
C SER A 100 -37.45 33.52 0.78
N PHE A 101 -37.48 34.02 -0.47
CA PHE A 101 -36.36 34.76 -1.03
C PHE A 101 -36.73 36.20 -1.37
N SER A 102 -38.04 36.46 -1.55
CA SER A 102 -38.54 37.74 -2.07
C SER A 102 -38.08 38.88 -1.16
N GLY A 103 -37.91 38.60 0.14
CA GLY A 103 -37.29 39.54 1.08
C GLY A 103 -35.91 40.04 0.64
N LEU A 104 -35.05 39.13 0.21
CA LEU A 104 -33.59 39.41 0.15
C LEU A 104 -33.27 40.30 -1.06
N THR A 105 -33.40 41.60 -0.82
CA THR A 105 -33.52 42.60 -1.82
C THR A 105 -32.15 42.86 -2.50
N TYR A 106 -31.04 42.40 -1.91
CA TYR A 106 -29.70 42.61 -2.49
C TYR A 106 -29.09 41.32 -3.08
N LEU A 107 -29.88 40.24 -3.11
CA LEU A 107 -29.42 38.88 -3.45
C LEU A 107 -29.03 38.80 -4.94
N LYS A 108 -27.75 38.49 -5.18
CA LYS A 108 -27.15 38.51 -6.49
C LYS A 108 -26.85 37.06 -6.97
N SER A 109 -26.67 36.11 -6.05
CA SER A 109 -26.29 34.72 -6.43
C SER A 109 -27.11 33.75 -5.58
N LEU A 110 -27.69 32.75 -6.22
CA LEU A 110 -28.39 31.71 -5.51
C LEU A 110 -28.08 30.36 -6.17
N TYR A 111 -27.41 29.48 -5.42
CA TYR A 111 -27.06 28.13 -5.83
C TYR A 111 -27.98 27.12 -5.09
N LEU A 112 -28.84 26.41 -5.83
CA LEU A 112 -29.73 25.39 -5.27
C LEU A 112 -29.52 24.05 -6.00
N ASP A 113 -28.27 23.78 -6.40
CA ASP A 113 -27.92 22.54 -7.08
C ASP A 113 -28.21 21.34 -6.18
N GLY A 114 -28.56 20.20 -6.79
CA GLY A 114 -28.56 18.92 -6.10
C GLY A 114 -29.45 18.93 -4.87
N ASN A 115 -30.74 19.27 -5.05
CA ASN A 115 -31.78 19.30 -4.00
C ASN A 115 -33.09 18.64 -4.48
N GLN A 116 -33.06 18.00 -5.66
CA GLN A 116 -34.19 17.21 -6.17
C GLN A 116 -35.44 18.09 -6.38
N LEU A 117 -35.22 19.38 -6.64
CA LEU A 117 -36.29 20.31 -6.96
C LEU A 117 -37.02 19.82 -8.22
N LEU A 118 -38.34 20.04 -8.26
CA LEU A 118 -39.16 19.62 -9.40
C LEU A 118 -39.40 20.79 -10.37
N GLU A 119 -39.19 22.04 -9.93
CA GLU A 119 -39.61 23.24 -10.67
C GLU A 119 -38.70 24.42 -10.32
N ILE A 120 -38.65 25.41 -11.21
CA ILE A 120 -37.82 26.57 -10.96
C ILE A 120 -38.42 27.39 -9.82
N PRO A 121 -37.72 27.53 -8.67
CA PRO A 121 -38.27 28.26 -7.52
C PRO A 121 -38.77 29.64 -7.95
N GLN A 122 -39.99 29.99 -7.55
CA GLN A 122 -40.59 31.28 -7.92
C GLN A 122 -40.35 32.31 -6.79
N GLY A 123 -40.89 33.53 -6.99
CA GLY A 123 -40.76 34.60 -6.03
C GLY A 123 -39.30 34.86 -5.66
N LEU A 124 -38.47 34.95 -6.69
CA LEU A 124 -37.08 35.29 -6.49
C LEU A 124 -36.95 36.79 -6.69
N PRO A 125 -36.03 37.44 -5.94
CA PRO A 125 -35.83 38.88 -6.09
C PRO A 125 -35.29 39.24 -7.46
N PRO A 126 -35.58 40.49 -7.91
CA PRO A 126 -35.17 40.96 -9.23
C PRO A 126 -33.71 41.42 -9.27
N SER A 127 -33.00 41.30 -8.14
CA SER A 127 -31.55 41.61 -8.08
C SER A 127 -30.70 40.47 -8.64
N LEU A 128 -31.31 39.28 -8.74
CA LEU A 128 -30.58 38.04 -8.97
C LEU A 128 -29.88 38.07 -10.33
N GLN A 129 -28.53 37.94 -10.31
CA GLN A 129 -27.65 37.90 -11.48
C GLN A 129 -27.26 36.45 -11.83
N LEU A 130 -27.16 35.56 -10.82
CA LEU A 130 -26.72 34.16 -11.03
C LEU A 130 -27.64 33.21 -10.30
N LEU A 131 -28.06 32.16 -10.98
CA LEU A 131 -28.94 31.13 -10.42
C LEU A 131 -28.51 29.78 -10.99
N SER A 132 -28.18 28.86 -10.10
CA SER A 132 -27.69 27.54 -10.41
C SER A 132 -28.68 26.50 -9.88
N LEU A 133 -29.17 25.63 -10.78
CA LEU A 133 -30.14 24.58 -10.41
C LEU A 133 -29.69 23.21 -10.93
N GLU A 134 -28.37 23.01 -11.06
CA GLU A 134 -27.80 21.76 -11.57
C GLU A 134 -28.27 20.62 -10.67
N ALA A 135 -28.50 19.45 -11.26
CA ALA A 135 -28.72 18.21 -10.53
C ALA A 135 -30.00 18.28 -9.68
N ASN A 136 -31.01 18.97 -10.20
CA ASN A 136 -32.38 18.85 -9.69
C ASN A 136 -33.15 17.99 -10.69
N ASN A 137 -34.49 18.01 -10.64
CA ASN A 137 -35.37 17.19 -11.49
C ASN A 137 -36.33 18.11 -12.26
N ILE A 138 -35.75 19.15 -12.86
CA ILE A 138 -36.47 20.13 -13.67
C ILE A 138 -36.11 19.86 -15.13
N PHE A 139 -37.06 19.30 -15.88
CA PHE A 139 -36.79 18.91 -17.27
C PHE A 139 -37.88 19.42 -18.25
N SER A 140 -38.51 20.55 -17.87
CA SER A 140 -39.42 21.32 -18.72
C SER A 140 -39.36 22.81 -18.34
N ILE A 141 -38.86 23.62 -19.27
CA ILE A 141 -38.65 25.06 -19.09
C ILE A 141 -39.75 25.80 -19.84
N ARG A 142 -40.54 26.58 -19.12
CA ARG A 142 -41.67 27.31 -19.67
C ARG A 142 -41.39 28.81 -19.52
N LYS A 143 -41.71 29.57 -20.58
CA LYS A 143 -41.52 30.99 -20.64
C LYS A 143 -42.02 31.65 -19.35
N GLU A 144 -43.19 31.22 -18.85
CA GLU A 144 -43.87 31.88 -17.72
C GLU A 144 -43.01 31.82 -16.44
N GLN A 145 -42.39 30.65 -16.20
CA GLN A 145 -41.62 30.37 -14.97
C GLN A 145 -40.33 31.19 -14.94
N LEU A 146 -39.92 31.73 -16.09
CA LEU A 146 -38.66 32.44 -16.25
C LEU A 146 -38.83 33.97 -16.28
N THR A 147 -40.04 34.49 -16.04
CA THR A 147 -40.26 35.94 -16.14
C THR A 147 -39.63 36.63 -14.92
N GLU A 148 -39.64 35.95 -13.76
CA GLU A 148 -38.99 36.47 -12.52
C GLU A 148 -37.51 36.81 -12.78
N LEU A 149 -36.89 36.24 -13.82
CA LEU A 149 -35.45 36.31 -13.93
C LEU A 149 -34.98 37.42 -14.87
N ALA A 150 -35.72 38.54 -14.98
CA ALA A 150 -35.42 39.52 -16.07
C ALA A 150 -33.93 39.90 -16.04
N ASN A 151 -33.44 40.27 -14.86
CA ASN A 151 -32.10 40.80 -14.71
C ASN A 151 -31.02 39.71 -14.60
N ILE A 152 -31.38 38.45 -14.88
CA ILE A 152 -30.43 37.33 -14.71
C ILE A 152 -29.37 37.36 -15.82
N GLU A 153 -28.14 37.04 -15.42
CA GLU A 153 -26.95 37.06 -16.28
C GLU A 153 -26.33 35.65 -16.43
N ILE A 154 -26.44 34.78 -15.42
CA ILE A 154 -25.78 33.45 -15.43
C ILE A 154 -26.79 32.41 -14.94
N LEU A 155 -27.01 31.38 -15.76
CA LEU A 155 -28.09 30.43 -15.51
C LEU A 155 -27.62 28.99 -15.84
N TYR A 156 -27.48 28.17 -14.80
CA TYR A 156 -27.04 26.80 -14.87
C TYR A 156 -28.24 25.87 -14.64
N LEU A 157 -28.63 25.15 -15.70
CA LEU A 157 -29.79 24.26 -15.65
C LEU A 157 -29.39 22.81 -15.96
N GLY A 158 -28.09 22.53 -16.05
CA GLY A 158 -27.61 21.24 -16.54
C GLY A 158 -27.80 20.12 -15.53
N GLN A 159 -27.54 18.88 -15.96
CA GLN A 159 -27.48 17.67 -15.13
C GLN A 159 -28.83 17.38 -14.49
N ASN A 160 -29.92 17.82 -15.14
CA ASN A 160 -31.24 17.57 -14.62
C ASN A 160 -31.86 16.32 -15.26
N CYS A 161 -31.28 15.78 -16.35
CA CYS A 161 -31.84 14.59 -17.00
C CYS A 161 -30.76 13.87 -17.81
N TYR A 162 -30.08 12.92 -17.15
CA TYR A 162 -28.95 12.15 -17.72
C TYR A 162 -28.77 10.88 -16.90
N TYR A 163 -27.78 10.05 -17.24
CA TYR A 163 -27.74 8.66 -16.72
C TYR A 163 -27.61 8.62 -15.19
N ARG A 164 -26.87 9.54 -14.57
CA ARG A 164 -26.74 9.60 -13.09
C ARG A 164 -27.99 10.22 -12.42
N ASN A 165 -28.91 10.80 -13.18
CA ASN A 165 -30.02 11.55 -12.62
C ASN A 165 -31.14 11.59 -13.65
N PRO A 166 -31.69 10.42 -14.01
CA PRO A 166 -32.62 10.32 -15.14
C PRO A 166 -33.98 10.96 -14.88
N CYS A 167 -34.62 11.42 -15.96
CA CYS A 167 -35.97 11.98 -15.99
C CYS A 167 -36.88 11.14 -16.89
N TYR A 168 -36.29 10.28 -17.71
CA TYR A 168 -37.01 9.28 -18.54
C TYR A 168 -37.88 9.95 -19.63
N VAL A 169 -37.59 11.20 -20.01
CA VAL A 169 -38.26 11.86 -21.18
C VAL A 169 -37.25 12.79 -21.90
N SER A 170 -37.67 13.39 -23.01
CA SER A 170 -36.91 14.47 -23.60
C SER A 170 -37.02 15.74 -22.74
N TYR A 171 -35.93 16.48 -22.64
CA TYR A 171 -35.97 17.81 -22.10
C TYR A 171 -36.91 18.61 -22.99
N SER A 172 -37.69 19.54 -22.42
CA SER A 172 -38.60 20.41 -23.19
C SER A 172 -38.29 21.87 -22.85
N ILE A 173 -38.23 22.70 -23.89
CA ILE A 173 -38.06 24.13 -23.74
C ILE A 173 -39.06 24.81 -24.65
N GLU A 174 -39.90 25.71 -24.11
CA GLU A 174 -40.85 26.42 -24.90
C GLU A 174 -40.13 27.36 -25.88
N LYS A 175 -40.74 27.51 -27.06
CA LYS A 175 -40.33 28.48 -28.06
C LYS A 175 -40.06 29.81 -27.34
N ASP A 176 -38.87 30.39 -27.58
CA ASP A 176 -38.49 31.77 -27.18
C ASP A 176 -38.46 31.91 -25.64
N ALA A 177 -38.26 30.78 -24.94
CA ALA A 177 -38.34 30.74 -23.48
C ALA A 177 -37.40 31.74 -22.85
N PHE A 178 -36.18 31.84 -23.39
CA PHE A 178 -35.13 32.66 -22.82
C PHE A 178 -34.99 34.02 -23.51
N LEU A 179 -35.85 34.32 -24.50
CA LEU A 179 -35.63 35.46 -25.40
C LEU A 179 -35.69 36.79 -24.63
N ASN A 180 -36.68 36.91 -23.73
CA ASN A 180 -36.95 38.12 -22.92
C ASN A 180 -35.94 38.28 -21.76
N LEU A 181 -35.08 37.28 -21.49
CA LEU A 181 -33.98 37.41 -20.51
C LEU A 181 -32.86 38.20 -21.16
N THR A 182 -33.00 39.53 -21.13
CA THR A 182 -32.31 40.43 -22.02
C THR A 182 -30.89 40.73 -21.54
N LYS A 183 -30.49 40.17 -20.39
CA LYS A 183 -29.16 40.43 -19.78
C LYS A 183 -28.37 39.13 -19.62
N LEU A 184 -28.89 38.03 -20.19
CA LEU A 184 -28.35 36.70 -20.03
C LEU A 184 -27.03 36.60 -20.79
N LYS A 185 -25.99 36.15 -20.10
CA LYS A 185 -24.64 36.03 -20.63
C LYS A 185 -24.29 34.54 -20.77
N VAL A 186 -24.56 33.75 -19.72
CA VAL A 186 -24.19 32.32 -19.62
C VAL A 186 -25.44 31.45 -19.40
N LEU A 187 -25.67 30.50 -20.32
CA LEU A 187 -26.72 29.50 -20.26
C LEU A 187 -26.07 28.12 -20.48
N SER A 188 -26.28 27.22 -19.51
CA SER A 188 -25.75 25.87 -19.52
C SER A 188 -26.92 24.90 -19.45
N LEU A 189 -27.02 24.02 -20.45
CA LEU A 189 -28.11 23.03 -20.54
C LEU A 189 -27.48 21.66 -20.78
N LYS A 190 -26.22 21.53 -20.35
CA LYS A 190 -25.47 20.29 -20.47
C LYS A 190 -26.14 19.15 -19.72
N ASP A 191 -25.92 17.93 -20.21
CA ASP A 191 -26.33 16.74 -19.51
C ASP A 191 -27.84 16.79 -19.21
N ASN A 192 -28.65 17.15 -20.22
CA ASN A 192 -30.08 17.36 -19.99
C ASN A 192 -30.98 16.55 -20.95
N ASN A 193 -30.45 15.73 -21.84
CA ASN A 193 -31.33 15.00 -22.77
C ASN A 193 -32.11 15.99 -23.67
N VAL A 194 -31.47 17.09 -24.08
CA VAL A 194 -32.02 18.08 -25.00
C VAL A 194 -31.98 17.53 -26.43
N THR A 195 -32.98 17.88 -27.25
CA THR A 195 -33.12 17.30 -28.63
C THR A 195 -32.94 18.35 -29.73
N THR A 196 -33.07 19.65 -29.44
CA THR A 196 -32.80 20.72 -30.42
C THR A 196 -32.27 21.97 -29.70
N VAL A 197 -31.42 22.74 -30.40
CA VAL A 197 -30.94 23.99 -29.84
C VAL A 197 -32.18 24.82 -29.56
N PRO A 198 -32.46 25.27 -28.31
CA PRO A 198 -33.65 26.07 -28.01
C PRO A 198 -33.50 27.37 -28.77
N THR A 199 -34.60 27.84 -29.38
CA THR A 199 -34.62 29.14 -30.05
C THR A 199 -35.88 29.86 -29.61
N VAL A 200 -35.90 31.19 -29.71
CA VAL A 200 -34.73 32.02 -29.99
C VAL A 200 -34.05 32.37 -28.66
N LEU A 201 -32.72 32.51 -28.72
CA LEU A 201 -31.90 32.84 -27.55
C LEU A 201 -31.54 34.31 -27.59
N PRO A 202 -31.40 34.98 -26.43
CA PRO A 202 -31.07 36.39 -26.42
C PRO A 202 -29.67 36.64 -26.98
N SER A 203 -29.49 37.76 -27.70
CA SER A 203 -28.27 38.05 -28.48
C SER A 203 -27.10 38.44 -27.54
N THR A 204 -27.45 38.49 -26.26
CA THR A 204 -26.65 39.04 -25.25
C THR A 204 -25.71 37.97 -24.69
N LEU A 205 -25.92 36.69 -25.07
CA LEU A 205 -25.12 35.49 -24.67
C LEU A 205 -23.65 35.63 -25.07
N THR A 206 -22.79 35.29 -24.11
CA THR A 206 -21.35 35.17 -24.29
C THR A 206 -20.93 33.70 -24.33
N GLU A 207 -21.64 32.86 -23.56
CA GLU A 207 -21.30 31.47 -23.40
C GLU A 207 -22.56 30.59 -23.45
N LEU A 208 -22.54 29.57 -24.31
CA LEU A 208 -23.62 28.62 -24.46
C LEU A 208 -23.07 27.20 -24.40
N TYR A 209 -23.57 26.41 -23.44
CA TYR A 209 -23.17 25.02 -23.17
C TYR A 209 -24.36 24.08 -23.42
N LEU A 210 -24.24 23.23 -24.46
CA LEU A 210 -25.29 22.26 -24.89
C LEU A 210 -24.72 20.84 -24.97
N TYR A 211 -23.58 20.58 -24.31
CA TYR A 211 -22.91 19.31 -24.50
C TYR A 211 -23.60 18.19 -23.68
N ASN A 212 -23.34 16.96 -24.11
CA ASN A 212 -23.93 15.75 -23.54
C ASN A 212 -25.46 15.88 -23.57
N ASN A 213 -26.02 15.79 -24.77
CA ASN A 213 -27.45 15.89 -25.03
C ASN A 213 -27.77 14.97 -26.23
N MET A 214 -29.02 15.00 -26.72
CA MET A 214 -29.47 14.20 -27.89
C MET A 214 -29.80 15.13 -29.07
N ILE A 215 -28.96 16.13 -29.32
CA ILE A 215 -29.12 16.99 -30.47
C ILE A 215 -28.45 16.30 -31.65
N ALA A 216 -29.24 15.97 -32.69
CA ALA A 216 -28.74 15.24 -33.87
C ALA A 216 -28.42 16.19 -35.03
N GLU A 217 -29.05 17.37 -35.07
CA GLU A 217 -28.95 18.35 -36.13
C GLU A 217 -28.91 19.76 -35.58
N ILE A 218 -28.03 20.61 -36.14
CA ILE A 218 -28.07 22.05 -35.94
C ILE A 218 -28.77 22.67 -37.14
N GLN A 219 -29.90 23.35 -36.93
CA GLN A 219 -30.54 24.19 -37.95
C GLN A 219 -29.64 25.38 -38.28
N GLU A 220 -29.66 25.84 -39.54
CA GLU A 220 -28.66 26.78 -40.02
C GLU A 220 -28.85 28.14 -39.36
N ASP A 221 -30.02 28.38 -38.76
CA ASP A 221 -30.34 29.67 -38.14
C ASP A 221 -30.40 29.57 -36.60
N ASP A 222 -30.00 28.41 -36.03
CA ASP A 222 -30.04 28.14 -34.59
C ASP A 222 -29.20 29.18 -33.82
N PHE A 223 -28.15 29.77 -34.41
CA PHE A 223 -27.28 30.71 -33.67
C PHE A 223 -27.17 32.06 -34.40
N ASN A 224 -28.15 32.41 -35.24
CA ASN A 224 -28.18 33.62 -36.10
C ASN A 224 -27.99 34.92 -35.32
N ASN A 225 -28.59 35.03 -34.15
CA ASN A 225 -28.57 36.29 -33.45
C ASN A 225 -27.33 36.45 -32.54
N LEU A 226 -26.56 35.39 -32.30
CA LEU A 226 -25.63 35.33 -31.13
C LEU A 226 -24.28 36.00 -31.40
N ASN A 227 -24.35 37.28 -31.78
CA ASN A 227 -23.20 37.99 -32.31
C ASN A 227 -22.31 38.50 -31.17
N GLN A 228 -22.61 38.12 -29.90
CA GLN A 228 -21.71 38.40 -28.75
C GLN A 228 -21.08 37.11 -28.21
N LEU A 229 -21.41 35.96 -28.81
CA LEU A 229 -21.01 34.66 -28.27
C LEU A 229 -19.51 34.46 -28.42
N GLN A 230 -18.89 33.92 -27.35
CA GLN A 230 -17.44 33.71 -27.18
C GLN A 230 -17.11 32.23 -27.00
N ILE A 231 -17.96 31.51 -26.27
CA ILE A 231 -17.80 30.09 -26.04
C ILE A 231 -19.09 29.36 -26.49
N LEU A 232 -18.91 28.34 -27.33
CA LEU A 232 -19.95 27.43 -27.74
C LEU A 232 -19.44 26.00 -27.55
N ASP A 233 -20.25 25.13 -26.94
CA ASP A 233 -19.90 23.76 -26.69
C ASP A 233 -21.08 22.88 -27.11
N LEU A 234 -20.87 22.08 -28.17
CA LEU A 234 -21.88 21.17 -28.69
C LEU A 234 -21.38 19.73 -28.55
N SER A 235 -20.37 19.54 -27.69
CA SER A 235 -19.72 18.23 -27.51
C SER A 235 -20.71 17.13 -27.08
N GLY A 236 -20.44 15.89 -27.47
CA GLY A 236 -21.18 14.73 -26.93
C GLY A 236 -22.67 14.73 -27.31
N ASN A 237 -22.98 15.36 -28.43
CA ASN A 237 -24.17 15.11 -29.21
C ASN A 237 -23.74 14.26 -30.43
N CYS A 238 -24.33 13.07 -30.59
CA CYS A 238 -23.82 12.04 -31.54
C CYS A 238 -22.41 11.61 -31.15
N PRO A 239 -22.25 11.12 -29.91
CA PRO A 239 -20.92 10.79 -29.39
C PRO A 239 -20.26 9.60 -30.07
N ARG A 240 -18.92 9.59 -30.02
CA ARG A 240 -18.11 8.44 -30.33
C ARG A 240 -18.02 7.59 -29.07
N CYS A 241 -18.65 6.42 -29.09
CA CYS A 241 -18.93 5.64 -27.91
C CYS A 241 -17.93 4.50 -27.67
N TYR A 242 -16.89 4.35 -28.49
CA TYR A 242 -15.88 3.31 -28.28
C TYR A 242 -15.08 3.57 -26.99
N ASN A 243 -14.93 2.53 -26.16
CA ASN A 243 -14.31 2.59 -24.79
C ASN A 243 -14.91 3.70 -23.93
N ALA A 244 -16.13 4.15 -24.20
CA ALA A 244 -16.73 5.19 -23.37
C ALA A 244 -16.93 4.61 -21.98
N PRO A 245 -16.44 5.26 -20.91
CA PRO A 245 -16.64 4.78 -19.54
C PRO A 245 -17.89 5.39 -18.86
N PHE A 246 -18.85 5.83 -19.67
CA PHE A 246 -20.20 6.13 -19.25
C PHE A 246 -21.13 5.43 -20.24
N PRO A 247 -22.41 5.15 -19.90
CA PRO A 247 -23.36 4.62 -20.89
C PRO A 247 -23.45 5.62 -22.05
N CYS A 248 -23.53 5.10 -23.27
CA CYS A 248 -23.27 5.89 -24.46
C CYS A 248 -24.15 5.38 -25.61
N THR A 249 -25.03 6.24 -26.11
CA THR A 249 -25.85 5.90 -27.26
C THR A 249 -25.46 6.81 -28.43
N PRO A 250 -24.92 6.23 -29.53
CA PRO A 250 -24.55 7.00 -30.71
C PRO A 250 -25.79 7.28 -31.57
N CYS A 251 -25.71 8.35 -32.38
CA CYS A 251 -26.71 8.61 -33.39
C CYS A 251 -26.75 7.41 -34.36
N LYS A 252 -27.94 7.06 -34.83
CA LYS A 252 -28.12 5.89 -35.69
C LYS A 252 -27.29 6.03 -36.97
N ASN A 253 -26.89 4.88 -37.54
CA ASN A 253 -26.11 4.80 -38.78
C ASN A 253 -24.73 5.44 -38.60
N ASN A 254 -24.25 5.50 -37.35
CA ASN A 254 -23.02 6.23 -36.95
C ASN A 254 -22.99 7.62 -37.60
N SER A 255 -24.11 8.32 -37.53
CA SER A 255 -24.22 9.60 -38.13
C SER A 255 -23.50 10.59 -37.22
N PRO A 256 -22.92 11.69 -37.77
CA PRO A 256 -22.48 12.81 -36.96
C PRO A 256 -23.58 13.82 -36.62
N LEU A 257 -23.27 14.66 -35.64
CA LEU A 257 -23.92 15.91 -35.47
C LEU A 257 -23.83 16.59 -36.83
N GLN A 258 -24.99 17.01 -37.33
CA GLN A 258 -25.09 17.64 -38.62
C GLN A 258 -25.17 19.16 -38.42
N ILE A 259 -24.18 19.84 -38.99
CA ILE A 259 -23.94 21.25 -38.80
C ILE A 259 -23.87 21.89 -40.18
N PRO A 260 -24.92 22.61 -40.60
CA PRO A 260 -24.84 23.43 -41.79
C PRO A 260 -23.50 24.17 -41.86
N VAL A 261 -22.97 24.29 -43.07
CA VAL A 261 -21.69 24.92 -43.31
C VAL A 261 -21.73 26.39 -42.89
N ASN A 262 -22.94 26.97 -42.84
CA ASN A 262 -23.10 28.39 -42.48
C ASN A 262 -23.66 28.57 -41.05
N ALA A 263 -23.52 27.55 -40.21
CA ALA A 263 -24.20 27.58 -38.91
C ALA A 263 -23.53 28.60 -37.98
N PHE A 264 -22.23 28.87 -38.19
CA PHE A 264 -21.43 29.71 -37.26
C PHE A 264 -21.25 31.15 -37.79
N ASP A 265 -21.96 31.49 -38.86
CA ASP A 265 -21.71 32.73 -39.62
C ASP A 265 -21.93 33.98 -38.76
N ALA A 266 -22.90 33.91 -37.85
CA ALA A 266 -23.20 35.07 -36.99
C ALA A 266 -22.12 35.29 -35.90
N LEU A 267 -21.26 34.31 -35.63
CA LEU A 267 -20.52 34.24 -34.37
C LEU A 267 -19.13 34.88 -34.51
N THR A 268 -19.08 36.16 -34.87
CA THR A 268 -17.81 36.82 -35.24
C THR A 268 -16.92 36.96 -34.01
N GLU A 269 -17.54 36.85 -32.83
CA GLU A 269 -16.89 37.06 -31.54
C GLU A 269 -16.38 35.75 -30.92
N LEU A 270 -16.71 34.61 -31.53
CA LEU A 270 -16.40 33.29 -30.97
C LEU A 270 -14.88 33.12 -30.82
N LYS A 271 -14.51 32.62 -29.63
CA LYS A 271 -13.14 32.40 -29.19
C LYS A 271 -12.88 30.92 -28.93
N VAL A 272 -13.91 30.19 -28.45
CA VAL A 272 -13.82 28.77 -28.05
C VAL A 272 -14.99 28.00 -28.64
N LEU A 273 -14.65 27.00 -29.48
CA LEU A 273 -15.59 26.09 -30.07
C LEU A 273 -15.17 24.69 -29.66
N ARG A 274 -16.10 23.96 -29.05
CA ARG A 274 -15.84 22.64 -28.56
C ARG A 274 -16.77 21.66 -29.26
N LEU A 275 -16.16 20.79 -30.07
CA LEU A 275 -16.85 19.74 -30.81
C LEU A 275 -16.16 18.41 -30.53
N HIS A 276 -16.07 18.10 -29.24
CA HIS A 276 -15.59 16.81 -28.70
C HIS A 276 -16.74 15.79 -28.82
N SER A 277 -16.43 14.60 -29.33
CA SER A 277 -17.39 13.46 -29.34
C SER A 277 -18.67 13.85 -30.10
N ASN A 278 -18.51 14.26 -31.37
CA ASN A 278 -19.62 14.53 -32.26
C ASN A 278 -19.56 13.64 -33.50
N SER A 279 -18.68 12.63 -33.47
CA SER A 279 -18.58 11.61 -34.51
C SER A 279 -18.36 12.24 -35.89
N LEU A 280 -17.61 13.35 -35.93
CA LEU A 280 -17.34 14.08 -37.17
C LEU A 280 -16.36 13.28 -38.05
N GLN A 281 -16.61 13.28 -39.37
CA GLN A 281 -15.77 12.62 -40.35
C GLN A 281 -15.00 13.66 -41.14
N HIS A 282 -15.58 14.85 -41.29
CA HIS A 282 -15.02 15.96 -42.08
C HIS A 282 -15.24 17.25 -41.31
N VAL A 283 -14.36 18.22 -41.57
CA VAL A 283 -14.39 19.53 -40.94
C VAL A 283 -14.39 20.56 -42.07
N PRO A 284 -15.58 20.97 -42.54
CA PRO A 284 -15.69 21.91 -43.65
C PRO A 284 -15.02 23.23 -43.35
N PRO A 285 -14.06 23.68 -44.19
CA PRO A 285 -13.50 25.03 -44.12
C PRO A 285 -14.56 26.13 -43.97
N ARG A 286 -15.68 25.93 -44.70
CA ARG A 286 -16.76 26.87 -44.79
C ARG A 286 -17.26 27.24 -43.38
N TRP A 287 -17.15 26.34 -42.38
CA TRP A 287 -17.55 26.61 -40.97
C TRP A 287 -16.88 27.91 -40.48
N PHE A 288 -15.58 28.06 -40.78
CA PHE A 288 -14.74 29.07 -40.13
C PHE A 288 -14.58 30.32 -40.99
N LYS A 289 -15.43 30.50 -42.01
CA LYS A 289 -15.31 31.62 -42.98
C LYS A 289 -15.42 32.98 -42.26
N ASN A 290 -16.39 33.17 -41.36
CA ASN A 290 -16.58 34.49 -40.69
C ASN A 290 -16.18 34.44 -39.19
N ILE A 291 -15.20 33.62 -38.84
CA ILE A 291 -14.67 33.63 -37.49
C ILE A 291 -13.16 33.71 -37.56
N ASN A 292 -12.63 34.93 -37.42
CA ASN A 292 -11.20 35.12 -37.50
C ASN A 292 -10.58 35.13 -36.10
N ASN A 293 -11.42 35.09 -35.05
CA ASN A 293 -10.99 35.31 -33.69
C ASN A 293 -10.77 33.98 -32.94
N LEU A 294 -11.07 32.84 -33.57
CA LEU A 294 -11.12 31.59 -32.83
C LEU A 294 -9.73 31.26 -32.29
N GLN A 295 -9.67 30.92 -30.99
CA GLN A 295 -8.43 30.72 -30.22
C GLN A 295 -8.31 29.28 -29.70
N GLU A 296 -9.43 28.68 -29.27
CA GLU A 296 -9.45 27.32 -28.78
C GLU A 296 -10.46 26.50 -29.62
N LEU A 297 -10.00 25.36 -30.17
CA LEU A 297 -10.86 24.43 -30.92
C LEU A 297 -10.61 22.99 -30.45
N ASP A 298 -11.67 22.34 -29.95
CA ASP A 298 -11.61 20.93 -29.50
C ASP A 298 -12.35 20.04 -30.50
N LEU A 299 -11.60 19.21 -31.23
CA LEU A 299 -12.15 18.25 -32.21
C LEU A 299 -11.78 16.81 -31.78
N SER A 300 -11.56 16.62 -30.48
CA SER A 300 -11.22 15.33 -29.89
C SER A 300 -12.42 14.37 -29.96
N GLN A 301 -12.12 13.08 -30.07
CA GLN A 301 -13.10 11.98 -30.03
C GLN A 301 -14.10 12.06 -31.18
N ASN A 302 -13.59 12.31 -32.38
CA ASN A 302 -14.34 12.23 -33.60
C ASN A 302 -13.76 11.07 -34.42
N PHE A 303 -14.08 11.02 -35.72
CA PHE A 303 -13.46 10.10 -36.67
C PHE A 303 -12.73 10.95 -37.73
N LEU A 304 -11.70 11.69 -37.30
CA LEU A 304 -11.03 12.64 -38.16
C LEU A 304 -9.59 12.20 -38.51
N ALA A 305 -9.28 10.90 -38.45
CA ALA A 305 -7.93 10.46 -38.81
C ALA A 305 -7.57 10.91 -40.23
N LYS A 306 -8.40 10.57 -41.22
CA LYS A 306 -8.17 10.91 -42.60
C LYS A 306 -8.01 12.42 -42.72
N GLU A 307 -8.95 13.16 -42.11
CA GLU A 307 -9.03 14.62 -42.20
C GLU A 307 -7.71 15.27 -41.74
N ILE A 308 -7.04 14.67 -40.74
CA ILE A 308 -5.82 15.27 -40.19
C ILE A 308 -4.75 15.35 -41.28
N GLY A 309 -4.87 14.49 -42.30
CA GLY A 309 -3.90 14.44 -43.37
C GLY A 309 -4.18 15.46 -44.46
N ASP A 310 -5.29 16.20 -44.31
CA ASP A 310 -5.81 17.11 -45.33
C ASP A 310 -6.01 18.48 -44.67
N ALA A 311 -7.12 18.65 -43.96
CA ALA A 311 -7.36 19.71 -43.00
C ALA A 311 -7.21 21.08 -43.65
N LYS A 312 -7.94 21.30 -44.74
CA LYS A 312 -8.00 22.60 -45.38
C LYS A 312 -8.58 23.64 -44.40
N PHE A 313 -9.37 23.22 -43.43
CA PHE A 313 -10.00 24.18 -42.49
C PHE A 313 -8.92 24.98 -41.72
N LEU A 314 -7.71 24.44 -41.60
CA LEU A 314 -6.67 25.09 -40.77
C LEU A 314 -6.25 26.45 -41.35
N HIS A 315 -6.41 26.60 -42.67
CA HIS A 315 -6.01 27.83 -43.37
C HIS A 315 -6.85 29.02 -42.89
N PHE A 316 -7.96 28.76 -42.19
CA PHE A 316 -8.89 29.81 -41.81
C PHE A 316 -8.70 30.17 -40.33
N LEU A 317 -7.63 29.68 -39.68
CA LEU A 317 -7.53 29.76 -38.20
C LEU A 317 -6.15 30.28 -37.80
N PRO A 318 -5.69 31.40 -38.40
CA PRO A 318 -4.36 31.92 -38.08
C PRO A 318 -4.25 32.55 -36.67
N ASN A 319 -5.36 32.70 -35.96
CA ASN A 319 -5.32 33.18 -34.58
C ASN A 319 -5.42 32.04 -33.54
N LEU A 320 -5.57 30.78 -33.99
CA LEU A 320 -5.82 29.68 -33.08
C LEU A 320 -4.59 29.50 -32.16
N ILE A 321 -4.86 29.32 -30.87
CA ILE A 321 -3.87 29.12 -29.82
C ILE A 321 -3.77 27.63 -29.46
N GLN A 322 -4.92 26.97 -29.25
CA GLN A 322 -5.04 25.57 -28.85
C GLN A 322 -5.85 24.77 -29.89
N LEU A 323 -5.32 23.63 -30.31
CA LEU A 323 -5.98 22.67 -31.16
C LEU A 323 -5.90 21.28 -30.53
N ASP A 324 -7.05 20.64 -30.38
CA ASP A 324 -7.12 19.29 -29.91
C ASP A 324 -7.69 18.34 -30.97
N LEU A 325 -6.88 17.40 -31.45
CA LEU A 325 -7.32 16.40 -32.41
C LEU A 325 -7.14 14.97 -31.85
N SER A 326 -7.26 14.86 -30.52
CA SER A 326 -6.99 13.59 -29.82
C SER A 326 -8.13 12.57 -29.99
N PHE A 327 -7.75 11.30 -30.00
CA PHE A 327 -8.66 10.18 -30.11
C PHE A 327 -9.53 10.33 -31.36
N ASN A 328 -8.88 10.33 -32.53
CA ASN A 328 -9.58 10.27 -33.81
C ASN A 328 -9.26 8.97 -34.57
N PHE A 329 -8.57 8.02 -33.93
CA PHE A 329 -8.08 6.81 -34.61
C PHE A 329 -9.25 6.03 -35.19
N GLU A 330 -9.00 5.33 -36.32
CA GLU A 330 -9.97 4.42 -36.90
C GLU A 330 -9.95 3.08 -36.16
N LEU A 331 -11.11 2.61 -35.69
CA LEU A 331 -11.20 1.34 -34.95
C LEU A 331 -10.52 0.26 -35.79
N GLN A 332 -9.65 -0.53 -35.15
CA GLN A 332 -9.05 -1.76 -35.69
C GLN A 332 -7.91 -1.44 -36.68
N VAL A 333 -7.36 -0.24 -36.63
CA VAL A 333 -6.28 0.13 -37.48
C VAL A 333 -5.08 0.59 -36.64
N TYR A 334 -3.89 0.17 -37.08
CA TYR A 334 -2.64 0.59 -36.47
C TYR A 334 -1.79 1.20 -37.58
N ARG A 335 -2.04 2.48 -37.89
CA ARG A 335 -1.33 3.18 -38.94
C ARG A 335 0.18 3.04 -38.74
N ALA A 336 0.92 3.09 -39.84
CA ALA A 336 2.37 2.96 -39.85
C ALA A 336 3.03 4.29 -39.46
N SER A 337 2.31 5.39 -39.67
CA SER A 337 2.89 6.71 -39.50
C SER A 337 1.79 7.74 -39.29
N MET A 338 2.18 8.92 -38.80
CA MET A 338 1.27 10.03 -38.66
C MET A 338 1.39 10.94 -39.88
N ASN A 339 0.25 11.12 -40.55
CA ASN A 339 0.13 11.91 -41.75
C ASN A 339 -0.51 13.25 -41.33
N LEU A 340 0.35 14.25 -41.12
CA LEU A 340 -0.03 15.64 -40.80
C LEU A 340 0.00 16.52 -42.05
N SER A 341 -1.14 17.09 -42.42
CA SER A 341 -1.27 18.00 -43.55
C SER A 341 -0.28 19.17 -43.46
N GLN A 342 0.12 19.70 -44.63
CA GLN A 342 0.99 20.89 -44.65
C GLN A 342 0.23 22.06 -44.03
N ALA A 343 -1.10 21.98 -44.08
CA ALA A 343 -1.96 23.07 -43.65
C ALA A 343 -1.62 23.48 -42.20
N PHE A 344 -1.18 22.54 -41.37
CA PHE A 344 -0.75 22.82 -39.98
C PHE A 344 0.23 24.01 -39.97
N SER A 345 1.01 24.15 -41.04
CA SER A 345 1.99 25.23 -41.14
C SER A 345 1.33 26.62 -41.17
N SER A 346 0.01 26.71 -41.37
CA SER A 346 -0.66 28.01 -41.48
C SER A 346 -1.25 28.44 -40.13
N LEU A 347 -0.85 27.76 -39.04
CA LEU A 347 -1.35 28.07 -37.70
C LEU A 347 -0.38 29.01 -36.96
N LYS A 348 -0.15 30.21 -37.53
CA LYS A 348 0.84 31.19 -37.05
C LYS A 348 0.86 31.27 -35.52
N SER A 349 -0.31 31.34 -34.85
CA SER A 349 -0.38 31.70 -33.41
C SER A 349 -0.38 30.49 -32.47
N LEU A 350 -0.39 29.26 -33.01
CA LEU A 350 -0.59 28.03 -32.24
C LEU A 350 0.51 27.89 -31.18
N LYS A 351 0.05 27.64 -29.93
CA LYS A 351 0.86 27.40 -28.76
C LYS A 351 0.78 25.92 -28.32
N ILE A 352 -0.38 25.29 -28.50
CA ILE A 352 -0.65 23.95 -27.97
C ILE A 352 -1.30 23.07 -29.04
N LEU A 353 -0.70 21.92 -29.33
CA LEU A 353 -1.25 20.99 -30.25
C LEU A 353 -1.29 19.61 -29.57
N ARG A 354 -2.50 19.05 -29.43
CA ARG A 354 -2.67 17.74 -28.88
C ARG A 354 -3.27 16.81 -29.94
N ILE A 355 -2.64 15.65 -30.15
CA ILE A 355 -3.11 14.59 -31.01
C ILE A 355 -2.73 13.26 -30.32
N ARG A 356 -3.31 13.04 -29.13
CA ARG A 356 -3.29 11.75 -28.54
C ARG A 356 -4.17 10.80 -29.39
N GLY A 357 -3.99 9.50 -29.23
CA GLY A 357 -4.89 8.51 -29.76
C GLY A 357 -5.11 8.65 -31.26
N TYR A 358 -4.05 8.98 -32.00
CA TYR A 358 -4.01 8.83 -33.46
C TYR A 358 -3.71 7.36 -33.75
N VAL A 359 -2.73 6.81 -33.03
CA VAL A 359 -2.42 5.37 -32.97
C VAL A 359 -1.64 4.94 -34.21
N PHE A 360 -0.31 4.94 -34.06
CA PHE A 360 0.62 4.71 -35.18
C PHE A 360 1.97 4.14 -34.68
N LYS A 361 2.71 3.49 -35.59
CA LYS A 361 3.84 2.62 -35.23
C LYS A 361 5.14 3.42 -35.09
N GLU A 362 5.34 4.42 -35.95
CA GLU A 362 6.65 4.99 -36.15
C GLU A 362 6.49 6.50 -36.36
N LEU A 363 7.26 7.28 -35.59
CA LEU A 363 7.31 8.72 -35.71
C LEU A 363 8.67 9.09 -36.30
N LYS A 364 8.68 9.74 -37.47
CA LYS A 364 9.92 10.18 -38.12
C LYS A 364 9.93 11.72 -38.23
N SER A 365 11.15 12.28 -38.19
CA SER A 365 11.40 13.70 -38.14
C SER A 365 10.52 14.46 -39.13
N PHE A 366 10.50 13.98 -40.38
CA PHE A 366 9.91 14.72 -41.49
C PHE A 366 8.41 14.94 -41.20
N GLN A 367 7.74 13.99 -40.53
CA GLN A 367 6.28 13.95 -40.36
C GLN A 367 5.79 15.18 -39.57
N LEU A 368 6.67 15.77 -38.75
CA LEU A 368 6.36 16.93 -37.91
C LEU A 368 6.73 18.26 -38.60
N SER A 369 7.11 18.18 -39.89
CA SER A 369 7.77 19.34 -40.58
C SER A 369 6.78 20.48 -40.74
N PRO A 370 5.45 20.21 -40.88
CA PRO A 370 4.47 21.29 -40.88
C PRO A 370 4.56 22.16 -39.61
N LEU A 371 5.10 21.61 -38.52
CA LEU A 371 5.16 22.35 -37.26
C LEU A 371 6.47 23.16 -37.13
N HIS A 372 7.45 22.91 -38.02
CA HIS A 372 8.84 23.43 -37.90
C HIS A 372 8.89 24.96 -37.70
N ASN A 373 8.04 25.72 -38.42
CA ASN A 373 8.05 27.20 -38.34
C ASN A 373 6.80 27.75 -37.64
N LEU A 374 6.23 27.03 -36.65
CA LEU A 374 5.20 27.60 -35.82
C LEU A 374 5.89 28.27 -34.63
N GLN A 375 6.14 29.57 -34.78
CA GLN A 375 7.03 30.32 -33.89
C GLN A 375 6.59 30.20 -32.43
N ASN A 376 5.28 30.15 -32.14
CA ASN A 376 4.81 30.22 -30.76
C ASN A 376 4.47 28.84 -30.17
N LEU A 377 4.80 27.76 -30.87
CA LEU A 377 4.41 26.47 -30.38
C LEU A 377 5.16 26.23 -29.08
N GLU A 378 4.42 25.83 -28.04
CA GLU A 378 4.94 25.59 -26.72
C GLU A 378 4.71 24.15 -26.28
N VAL A 379 3.59 23.53 -26.69
CA VAL A 379 3.30 22.16 -26.25
C VAL A 379 2.93 21.30 -27.46
N LEU A 380 3.63 20.16 -27.61
CA LEU A 380 3.27 19.11 -28.53
C LEU A 380 3.00 17.83 -27.75
N ASP A 381 1.76 17.33 -27.82
CA ASP A 381 1.26 16.18 -27.05
C ASP A 381 0.93 15.03 -28.01
N LEU A 382 1.81 14.02 -28.07
CA LEU A 382 1.58 12.85 -28.90
C LEU A 382 1.51 11.61 -28.00
N GLY A 383 0.88 11.78 -26.84
CA GLY A 383 0.70 10.71 -25.89
C GLY A 383 -0.31 9.68 -26.35
N THR A 384 -0.25 8.50 -25.73
CA THR A 384 -1.22 7.44 -25.94
C THR A 384 -1.36 7.20 -27.43
N ASN A 385 -0.25 6.92 -28.11
CA ASN A 385 -0.28 6.64 -29.55
C ASN A 385 0.30 5.25 -29.89
N PHE A 386 0.81 4.50 -28.91
CA PHE A 386 1.41 3.19 -29.14
C PHE A 386 2.56 3.28 -30.15
N ILE A 387 3.28 4.39 -30.09
CA ILE A 387 4.45 4.58 -30.93
C ILE A 387 5.53 3.63 -30.44
N LYS A 388 6.12 2.87 -31.38
CA LYS A 388 7.15 1.84 -31.12
C LYS A 388 8.54 2.37 -31.44
N ILE A 389 8.66 3.42 -32.27
CA ILE A 389 9.98 3.90 -32.78
C ILE A 389 9.95 5.42 -32.93
N ALA A 390 10.94 6.08 -32.33
CA ALA A 390 11.09 7.55 -32.45
C ALA A 390 12.54 7.97 -32.20
N ASN A 391 13.18 8.53 -33.21
CA ASN A 391 14.54 9.05 -33.01
C ASN A 391 14.38 10.38 -32.28
N LEU A 392 14.66 10.34 -30.97
CA LEU A 392 14.39 11.44 -30.07
C LEU A 392 15.13 12.69 -30.53
N SER A 393 16.18 12.49 -31.34
CA SER A 393 17.03 13.61 -31.82
C SER A 393 16.25 14.54 -32.75
N MET A 394 15.08 14.11 -33.24
CA MET A 394 14.27 14.93 -34.09
C MET A 394 13.85 16.20 -33.33
N PHE A 395 13.81 16.12 -31.99
CA PHE A 395 13.27 17.24 -31.20
C PHE A 395 14.30 18.37 -31.11
N LYS A 396 15.44 18.21 -31.77
CA LYS A 396 16.46 19.28 -31.89
C LYS A 396 15.89 20.47 -32.64
N GLN A 397 14.87 20.22 -33.47
CA GLN A 397 14.17 21.25 -34.19
C GLN A 397 13.01 21.83 -33.36
N PHE A 398 13.01 21.59 -32.05
CA PHE A 398 11.91 22.02 -31.20
C PHE A 398 12.41 22.53 -29.84
N LYS A 399 13.62 23.12 -29.80
CA LYS A 399 14.17 23.72 -28.55
C LYS A 399 13.23 24.83 -28.00
N ARG A 400 12.39 25.43 -28.86
CA ARG A 400 11.52 26.55 -28.44
C ARG A 400 10.38 26.07 -27.55
N LEU A 401 10.02 24.78 -27.63
CA LEU A 401 8.86 24.20 -26.93
C LEU A 401 9.18 24.08 -25.44
N LYS A 402 8.14 24.13 -24.63
CA LYS A 402 8.19 23.95 -23.18
C LYS A 402 8.00 22.47 -22.81
N VAL A 403 7.08 21.78 -23.51
CA VAL A 403 6.80 20.38 -23.27
C VAL A 403 6.64 19.63 -24.61
N ILE A 404 7.36 18.51 -24.71
CA ILE A 404 7.15 17.48 -25.71
C ILE A 404 6.68 16.24 -24.95
N ASP A 405 5.42 15.86 -25.13
CA ASP A 405 4.78 14.79 -24.34
C ASP A 405 4.59 13.52 -25.20
N LEU A 406 5.40 12.49 -24.93
CA LEU A 406 5.28 11.15 -25.56
C LEU A 406 4.85 10.14 -24.50
N SER A 407 4.19 10.64 -23.47
CA SER A 407 3.69 9.83 -22.35
C SER A 407 2.72 8.73 -22.81
N VAL A 408 2.91 7.51 -22.29
CA VAL A 408 2.01 6.38 -22.58
C VAL A 408 2.18 5.99 -24.04
N ASN A 409 3.33 5.40 -24.35
CA ASN A 409 3.62 4.98 -25.69
C ASN A 409 4.38 3.66 -25.55
N LYS A 410 4.86 3.09 -26.66
CA LYS A 410 5.57 1.81 -26.62
C LYS A 410 6.98 1.97 -27.20
N ILE A 411 7.54 3.17 -27.05
CA ILE A 411 8.86 3.50 -27.55
C ILE A 411 9.90 2.61 -26.87
N SER A 412 10.89 2.18 -27.65
CA SER A 412 12.11 1.51 -27.15
C SER A 412 13.20 1.57 -28.22
N PRO A 413 14.49 1.33 -27.90
CA PRO A 413 15.54 1.31 -28.93
C PRO A 413 15.41 0.04 -29.79
N VAL A 437 -0.74 20.16 -16.26
CA VAL A 437 -1.06 18.75 -16.47
C VAL A 437 -2.58 18.62 -16.67
N LEU A 438 -3.04 17.38 -16.98
CA LEU A 438 -4.47 17.01 -17.19
C LEU A 438 -4.85 15.89 -16.19
N GLU A 439 -6.15 15.73 -15.94
CA GLU A 439 -6.69 14.70 -15.02
C GLU A 439 -6.43 13.31 -15.63
N GLN A 440 -6.27 12.29 -14.76
CA GLN A 440 -5.94 10.90 -15.18
C GLN A 440 -6.97 10.42 -16.22
N LEU A 441 -8.25 10.75 -15.97
CA LEU A 441 -9.40 10.46 -16.85
C LEU A 441 -9.86 11.80 -17.47
N TYR A 442 -9.13 12.28 -18.48
CA TYR A 442 -9.32 13.63 -19.04
C TYR A 442 -10.21 13.57 -20.29
N TYR A 443 -9.82 12.72 -21.26
CA TYR A 443 -10.48 12.66 -22.57
C TYR A 443 -11.66 11.68 -22.52
N PHE A 444 -11.76 10.91 -21.43
CA PHE A 444 -12.69 9.82 -21.44
C PHE A 444 -13.72 9.94 -20.30
N ARG A 445 -13.72 11.04 -19.53
CA ARG A 445 -14.77 11.21 -18.51
C ARG A 445 -15.97 11.96 -19.11
N TYR A 446 -17.13 11.81 -18.47
CA TYR A 446 -18.43 12.21 -19.02
C TYR A 446 -18.50 13.74 -19.13
N ASP A 447 -18.34 14.40 -17.98
CA ASP A 447 -18.37 15.86 -17.92
C ASP A 447 -17.15 16.31 -17.12
N LYS A 448 -16.09 16.64 -17.86
CA LYS A 448 -14.81 16.97 -17.26
C LYS A 448 -14.91 18.30 -16.51
N TYR A 449 -15.99 19.08 -16.73
CA TYR A 449 -16.25 20.35 -16.00
C TYR A 449 -17.41 20.20 -15.02
N ALA A 450 -17.62 19.00 -14.45
CA ALA A 450 -18.76 18.72 -13.52
C ALA A 450 -18.41 19.16 -12.10
N ARG A 451 -19.27 20.02 -11.53
CA ARG A 451 -19.17 20.56 -10.17
C ARG A 451 -19.63 19.46 -9.19
N SER A 452 -18.82 19.22 -8.16
CA SER A 452 -19.24 18.34 -7.08
C SER A 452 -19.82 19.20 -5.95
N CYS A 453 -20.30 18.49 -4.94
CA CYS A 453 -20.85 19.10 -3.77
C CYS A 453 -19.68 19.55 -2.86
N SER A 468 5.82 18.11 -10.63
CA SER A 468 5.91 18.52 -12.02
C SER A 468 7.22 19.30 -12.23
N CYS A 469 7.81 19.13 -13.42
CA CYS A 469 9.16 19.65 -13.71
C CYS A 469 9.13 20.64 -14.88
N TYR A 470 7.93 21.07 -15.28
CA TYR A 470 7.74 21.98 -16.41
C TYR A 470 8.49 23.29 -16.14
N LYS A 471 8.48 23.75 -14.89
CA LYS A 471 9.03 25.06 -14.50
C LYS A 471 10.56 25.12 -14.67
N TYR A 472 11.23 23.98 -14.79
CA TYR A 472 12.69 23.94 -14.96
C TYR A 472 13.09 24.40 -16.38
N GLY A 473 12.14 24.32 -17.32
CA GLY A 473 12.39 24.59 -18.71
C GLY A 473 11.86 23.45 -19.59
N GLN A 474 12.54 23.26 -20.71
CA GLN A 474 12.10 22.36 -21.74
C GLN A 474 12.04 20.94 -21.20
N THR A 475 10.92 20.28 -21.46
CA THR A 475 10.60 18.99 -20.88
C THR A 475 10.31 17.96 -21.97
N LEU A 476 10.99 16.84 -21.90
CA LEU A 476 10.72 15.70 -22.72
C LEU A 476 10.17 14.59 -21.81
N ASP A 477 8.85 14.44 -21.83
CA ASP A 477 8.12 13.43 -21.09
C ASP A 477 8.10 12.13 -21.90
N LEU A 478 8.91 11.14 -21.48
CA LEU A 478 8.98 9.79 -22.07
C LEU A 478 8.37 8.77 -21.11
N SER A 479 7.55 9.23 -20.16
CA SER A 479 7.01 8.36 -19.11
C SER A 479 6.13 7.25 -19.69
N LYS A 480 6.02 6.14 -18.94
CA LYS A 480 5.17 5.00 -19.27
C LYS A 480 5.43 4.57 -20.73
N ASN A 481 6.69 4.28 -21.04
CA ASN A 481 7.07 3.73 -22.32
C ASN A 481 7.74 2.38 -22.10
N SER A 482 8.30 1.80 -23.16
CA SER A 482 8.89 0.47 -23.09
C SER A 482 10.42 0.58 -23.28
N ILE A 483 11.04 1.62 -22.74
CA ILE A 483 12.47 1.79 -22.85
C ILE A 483 13.11 0.87 -21.81
N PHE A 484 13.86 -0.14 -22.28
CA PHE A 484 14.54 -1.14 -21.42
C PHE A 484 16.04 -0.79 -21.34
N PHE A 485 16.61 -0.20 -22.39
CA PHE A 485 18.04 0.12 -22.45
C PHE A 485 18.24 1.54 -22.96
N ILE A 486 19.12 2.30 -22.30
CA ILE A 486 19.50 3.64 -22.74
C ILE A 486 21.02 3.72 -22.97
N LYS A 487 21.41 4.58 -23.92
CA LYS A 487 22.78 4.91 -24.18
C LYS A 487 22.85 6.36 -24.68
N SER A 488 24.04 6.95 -24.55
CA SER A 488 24.28 8.35 -24.81
C SER A 488 23.67 8.82 -26.13
N SER A 489 23.89 8.07 -27.21
CA SER A 489 23.51 8.54 -28.55
C SER A 489 21.99 8.76 -28.66
N ASP A 490 21.19 8.02 -27.86
CA ASP A 490 19.76 8.12 -27.83
C ASP A 490 19.32 9.57 -27.64
N PHE A 491 20.16 10.38 -26.96
CA PHE A 491 19.89 11.76 -26.58
C PHE A 491 20.75 12.75 -27.40
N GLN A 492 21.40 12.27 -28.45
CA GLN A 492 22.24 13.12 -29.31
C GLN A 492 21.39 14.31 -29.79
N HIS A 493 21.95 15.51 -29.61
CA HIS A 493 21.37 16.77 -30.06
C HIS A 493 20.25 17.26 -29.14
N LEU A 494 20.15 16.74 -27.91
CA LEU A 494 19.11 17.21 -27.00
C LEU A 494 19.74 17.94 -25.80
N SER A 495 20.89 18.61 -25.99
CA SER A 495 21.63 19.23 -24.87
C SER A 495 20.76 20.28 -24.18
N PHE A 496 19.77 20.82 -24.90
CA PHE A 496 18.95 21.93 -24.40
C PHE A 496 17.94 21.52 -23.33
N LEU A 497 17.74 20.21 -23.12
CA LEU A 497 16.67 19.69 -22.21
C LEU A 497 17.01 20.02 -20.75
N LYS A 498 15.97 20.40 -20.01
CA LYS A 498 16.07 20.80 -18.62
C LYS A 498 15.46 19.72 -17.72
N CYS A 499 14.41 19.05 -18.21
CA CYS A 499 13.78 17.96 -17.47
C CYS A 499 13.54 16.83 -18.46
N LEU A 500 13.80 15.60 -18.00
CA LEU A 500 13.50 14.41 -18.76
C LEU A 500 12.73 13.49 -17.84
N ASN A 501 11.57 13.01 -18.31
CA ASN A 501 10.71 12.14 -17.54
C ASN A 501 10.83 10.72 -18.12
N LEU A 502 11.54 9.84 -17.42
CA LEU A 502 11.68 8.46 -17.83
C LEU A 502 10.86 7.58 -16.90
N SER A 503 10.00 8.21 -16.11
CA SER A 503 9.19 7.45 -15.16
C SER A 503 8.38 6.36 -15.87
N GLY A 504 8.35 5.16 -15.32
CA GLY A 504 7.46 4.12 -15.80
C GLY A 504 8.02 3.41 -17.01
N ASN A 505 9.34 3.26 -17.08
CA ASN A 505 9.94 2.48 -18.15
C ASN A 505 10.46 1.16 -17.58
N LEU A 506 11.34 0.50 -18.33
CA LEU A 506 11.80 -0.81 -17.95
C LEU A 506 13.30 -0.81 -17.65
N ILE A 507 13.87 0.36 -17.36
CA ILE A 507 15.32 0.52 -17.38
C ILE A 507 15.90 -0.24 -16.20
N SER A 508 16.75 -1.23 -16.53
CA SER A 508 17.04 -2.38 -15.68
C SER A 508 18.55 -2.64 -15.63
N GLN A 509 19.34 -1.57 -15.69
CA GLN A 509 20.71 -1.59 -16.25
C GLN A 509 21.65 -0.89 -15.25
N THR A 510 22.95 -1.22 -15.33
CA THR A 510 23.92 -0.81 -14.32
C THR A 510 24.58 0.51 -14.75
N LEU A 511 23.77 1.58 -14.77
CA LEU A 511 24.17 2.94 -15.06
C LEU A 511 25.55 3.22 -14.48
N ASN A 512 26.50 3.60 -15.35
CA ASN A 512 27.91 3.78 -15.02
C ASN A 512 28.39 5.20 -15.38
N GLY A 513 27.48 6.11 -15.72
CA GLY A 513 27.87 7.49 -16.02
C GLY A 513 28.07 7.76 -17.49
N SER A 514 27.52 6.92 -18.36
CA SER A 514 27.78 7.00 -19.77
C SER A 514 26.48 6.92 -20.57
N GLU A 515 25.34 7.07 -19.91
CA GLU A 515 24.05 6.85 -20.55
C GLU A 515 23.41 8.17 -20.97
N PHE A 516 23.76 9.28 -20.32
CA PHE A 516 23.02 10.54 -20.45
C PHE A 516 23.96 11.65 -20.89
N GLN A 517 25.10 11.29 -21.50
CA GLN A 517 26.27 12.19 -21.65
C GLN A 517 25.84 13.48 -22.38
N PRO A 518 24.99 13.45 -23.42
CA PRO A 518 24.58 14.69 -24.09
C PRO A 518 23.75 15.69 -23.28
N LEU A 519 23.19 15.26 -22.13
CA LEU A 519 22.20 16.07 -21.38
C LEU A 519 22.92 16.97 -20.36
N ALA A 520 23.70 17.90 -20.91
CA ALA A 520 24.62 18.74 -20.20
C ALA A 520 23.88 19.82 -19.41
N GLU A 521 22.61 20.04 -19.73
CA GLU A 521 21.86 21.14 -19.13
C GLU A 521 20.76 20.61 -18.20
N LEU A 522 20.55 19.29 -18.19
CA LEU A 522 19.44 18.69 -17.48
C LEU A 522 19.50 19.09 -16.00
N ARG A 523 18.35 19.53 -15.48
CA ARG A 523 18.21 20.00 -14.12
C ARG A 523 17.37 19.02 -13.29
N TYR A 524 16.47 18.30 -13.95
CA TYR A 524 15.55 17.39 -13.31
C TYR A 524 15.53 16.10 -14.09
N LEU A 525 15.67 14.97 -13.39
CA LEU A 525 15.41 13.66 -13.98
C LEU A 525 14.43 12.88 -13.09
N ASP A 526 13.30 12.48 -13.68
CA ASP A 526 12.37 11.52 -13.08
C ASP A 526 12.70 10.12 -13.61
N PHE A 527 13.32 9.30 -12.74
CA PHE A 527 13.69 7.93 -13.01
C PHE A 527 12.86 6.98 -12.15
N SER A 528 11.68 7.43 -11.73
CA SER A 528 10.85 6.63 -10.84
C SER A 528 10.23 5.49 -11.65
N ASN A 529 9.86 4.40 -10.96
CA ASN A 529 9.20 3.25 -11.58
C ASN A 529 10.06 2.77 -12.73
N ASN A 530 11.35 2.57 -12.44
CA ASN A 530 12.26 1.80 -13.28
C ASN A 530 12.87 0.73 -12.40
N ARG A 531 14.01 0.16 -12.81
CA ARG A 531 14.68 -0.88 -12.05
C ARG A 531 16.16 -0.53 -11.93
N LEU A 532 16.43 0.57 -11.20
CA LEU A 532 17.77 1.09 -11.05
C LEU A 532 18.65 0.01 -10.46
N ASP A 533 19.82 -0.19 -11.10
CA ASP A 533 20.86 -1.05 -10.55
C ASP A 533 22.11 -0.24 -10.17
N LEU A 534 22.29 -0.04 -8.85
CA LEU A 534 23.37 0.77 -8.33
C LEU A 534 24.59 -0.11 -8.06
N LEU A 535 25.04 -0.84 -9.07
CA LEU A 535 26.29 -1.52 -8.96
C LEU A 535 27.42 -0.51 -8.87
N HIS A 536 27.33 0.57 -9.66
CA HIS A 536 28.39 1.56 -9.77
C HIS A 536 27.96 2.84 -9.08
N SER A 537 28.88 3.45 -8.34
CA SER A 537 28.66 4.74 -7.68
C SER A 537 28.88 5.90 -8.65
N THR A 538 29.11 5.59 -9.93
CA THR A 538 29.28 6.59 -11.00
C THR A 538 27.94 6.81 -11.71
N ALA A 539 26.89 6.14 -11.25
CA ALA A 539 25.54 6.35 -11.77
C ALA A 539 25.20 7.83 -11.72
N PHE A 540 24.70 8.33 -12.87
CA PHE A 540 24.11 9.66 -13.00
C PHE A 540 25.14 10.79 -12.97
N GLU A 541 26.43 10.47 -12.86
CA GLU A 541 27.44 11.53 -12.64
C GLU A 541 27.63 12.39 -13.89
N GLU A 542 27.18 11.93 -15.06
CA GLU A 542 27.35 12.71 -16.29
C GLU A 542 26.40 13.92 -16.28
N LEU A 543 25.31 13.83 -15.50
CA LEU A 543 24.32 14.89 -15.46
C LEU A 543 24.80 15.98 -14.50
N ARG A 544 25.70 16.83 -14.99
CA ARG A 544 26.54 17.68 -14.14
C ARG A 544 25.76 18.87 -13.60
N LYS A 545 24.55 19.14 -14.11
CA LYS A 545 23.76 20.29 -13.63
C LYS A 545 22.48 19.82 -12.95
N LEU A 546 22.42 18.54 -12.60
CA LEU A 546 21.23 17.92 -12.02
C LEU A 546 20.98 18.48 -10.61
N GLU A 547 19.77 19.06 -10.45
CA GLU A 547 19.34 19.65 -9.19
C GLU A 547 18.33 18.75 -8.48
N VAL A 548 17.54 18.01 -9.26
CA VAL A 548 16.54 17.08 -8.70
C VAL A 548 16.67 15.71 -9.40
N LEU A 549 16.78 14.66 -8.59
CA LEU A 549 16.81 13.28 -9.06
C LEU A 549 15.77 12.49 -8.28
N ASP A 550 14.80 11.90 -9.00
CA ASP A 550 13.81 11.01 -8.44
C ASP A 550 14.13 9.58 -8.85
N ILE A 551 14.60 8.76 -7.89
CA ILE A 551 14.77 7.35 -8.11
C ILE A 551 13.84 6.55 -7.20
N SER A 552 12.67 7.12 -6.93
CA SER A 552 11.62 6.45 -6.16
C SER A 552 11.01 5.27 -6.94
N SER A 553 10.51 4.30 -6.19
CA SER A 553 9.84 3.11 -6.71
C SER A 553 10.73 2.45 -7.76
N ASN A 554 11.99 2.20 -7.36
CA ASN A 554 12.95 1.37 -8.08
C ASN A 554 13.41 0.23 -7.16
N SER A 555 12.44 -0.44 -6.53
CA SER A 555 12.68 -1.38 -5.43
C SER A 555 13.23 -2.73 -5.91
N HIS A 556 13.04 -3.05 -7.20
CA HIS A 556 13.43 -4.34 -7.79
C HIS A 556 14.78 -4.87 -7.27
N TYR A 557 15.89 -4.17 -7.54
CA TYR A 557 17.21 -4.72 -7.20
C TYR A 557 17.49 -4.54 -5.69
N PHE A 558 16.76 -3.67 -4.99
CA PHE A 558 16.92 -3.54 -3.51
C PHE A 558 16.15 -4.66 -2.77
N GLN A 559 15.24 -5.35 -3.48
CA GLN A 559 14.37 -6.42 -2.93
C GLN A 559 15.08 -7.78 -2.87
N SER A 560 16.22 -7.92 -3.54
CA SER A 560 16.92 -9.21 -3.58
C SER A 560 18.20 -9.10 -2.75
N GLU A 561 18.54 -10.24 -2.11
CA GLU A 561 19.56 -10.33 -1.07
C GLU A 561 20.95 -10.43 -1.70
N GLY A 562 21.93 -9.76 -1.10
CA GLY A 562 23.35 -9.98 -1.48
C GLY A 562 23.65 -9.56 -2.92
N ILE A 563 23.17 -8.37 -3.24
CA ILE A 563 23.42 -7.65 -4.45
C ILE A 563 24.09 -6.34 -4.03
N THR A 564 25.08 -5.86 -4.79
CA THR A 564 25.73 -4.61 -4.43
C THR A 564 24.78 -3.42 -4.66
N HIS A 565 24.77 -2.46 -3.70
CA HIS A 565 24.06 -1.18 -3.88
C HIS A 565 24.92 -0.03 -3.34
N MET A 566 25.35 0.90 -4.21
CA MET A 566 26.23 1.98 -3.83
C MET A 566 25.38 3.24 -3.66
N LEU A 567 24.86 3.44 -2.44
CA LEU A 567 24.04 4.63 -2.12
C LEU A 567 24.91 5.90 -2.07
N ASN A 568 26.24 5.75 -2.10
CA ASN A 568 27.16 6.89 -2.00
C ASN A 568 27.37 7.58 -3.37
N PHE A 569 26.65 7.11 -4.39
CA PHE A 569 26.63 7.70 -5.72
C PHE A 569 26.35 9.22 -5.71
N THR A 570 25.82 9.73 -4.60
CA THR A 570 25.39 11.13 -4.45
C THR A 570 26.55 12.14 -4.56
N LYS A 571 27.79 11.65 -4.42
CA LYS A 571 28.94 12.50 -4.15
C LYS A 571 29.32 13.28 -5.40
N ASN A 572 29.06 12.69 -6.57
CA ASN A 572 29.52 13.21 -7.85
C ASN A 572 28.61 14.34 -8.36
N LEU A 573 27.42 14.47 -7.77
CA LEU A 573 26.39 15.36 -8.29
C LEU A 573 26.45 16.69 -7.52
N LYS A 574 27.15 17.65 -8.11
CA LYS A 574 27.70 18.72 -7.33
C LYS A 574 26.68 19.81 -7.09
N VAL A 575 25.55 19.77 -7.79
CA VAL A 575 24.58 20.85 -7.64
C VAL A 575 23.20 20.28 -7.29
N LEU A 576 23.17 19.04 -6.80
CA LEU A 576 21.95 18.33 -6.53
C LEU A 576 21.34 18.87 -5.23
N GLN A 577 20.11 19.41 -5.33
CA GLN A 577 19.39 19.99 -4.24
C GLN A 577 18.47 18.94 -3.59
N LYS A 578 17.87 18.06 -4.40
CA LYS A 578 16.78 17.21 -3.95
C LYS A 578 16.90 15.81 -4.54
N LEU A 579 16.82 14.84 -3.65
CA LEU A 579 16.88 13.43 -4.00
C LEU A 579 15.66 12.73 -3.38
N MET A 580 14.94 12.00 -4.22
CA MET A 580 13.81 11.21 -3.81
C MET A 580 14.11 9.74 -4.05
N MET A 581 14.15 8.93 -3.00
CA MET A 581 14.34 7.53 -3.15
C MET A 581 13.36 6.76 -2.25
N ASN A 582 12.10 7.18 -2.39
CA ASN A 582 10.94 6.64 -1.73
C ASN A 582 10.57 5.26 -2.29
N ASP A 583 10.05 4.39 -1.40
CA ASP A 583 9.47 3.12 -1.74
C ASP A 583 10.46 2.24 -2.49
N ASN A 584 11.71 2.23 -2.06
CA ASN A 584 12.74 1.40 -2.70
C ASN A 584 12.99 0.16 -1.86
N ASP A 585 12.32 0.07 -0.69
CA ASP A 585 12.34 -1.14 0.06
C ASP A 585 13.78 -1.48 0.49
N ILE A 586 14.60 -0.44 0.65
CA ILE A 586 16.01 -0.50 0.94
C ILE A 586 16.21 -1.03 2.37
N SER A 587 16.96 -2.13 2.47
CA SER A 587 17.25 -2.79 3.71
C SER A 587 18.71 -3.21 3.77
N SER A 588 19.47 -2.97 2.70
CA SER A 588 20.89 -3.18 2.74
C SER A 588 21.57 -2.12 1.88
N SER A 589 22.84 -1.81 2.23
CA SER A 589 23.66 -0.89 1.43
C SER A 589 25.12 -1.30 1.58
N THR A 590 25.84 -1.29 0.47
CA THR A 590 27.23 -1.61 0.42
C THR A 590 28.02 -0.44 1.01
N SER A 591 27.54 0.79 0.83
CA SER A 591 28.21 1.95 1.42
C SER A 591 27.53 2.36 2.74
N ARG A 592 28.35 2.80 3.69
CA ARG A 592 27.92 3.09 5.07
C ARG A 592 27.49 4.55 5.23
N THR A 593 27.83 5.40 4.24
CA THR A 593 27.54 6.81 4.27
C THR A 593 27.19 7.33 2.87
N MET A 594 26.14 8.15 2.80
CA MET A 594 25.81 8.98 1.64
C MET A 594 26.42 10.35 1.86
N GLU A 595 26.92 10.95 0.78
CA GLU A 595 27.70 12.19 0.87
C GLU A 595 27.29 13.15 -0.24
N SER A 596 27.15 14.43 0.15
CA SER A 596 26.86 15.53 -0.74
C SER A 596 27.20 16.83 -0.03
N GLU A 597 27.76 17.76 -0.80
CA GLU A 597 28.07 19.07 -0.35
C GLU A 597 26.92 20.00 -0.73
N SER A 598 25.96 19.49 -1.52
CA SER A 598 24.95 20.32 -2.18
C SER A 598 23.55 20.02 -1.66
N LEU A 599 23.30 18.75 -1.34
CA LEU A 599 21.95 18.21 -1.17
C LEU A 599 21.26 18.82 0.05
N ARG A 600 20.00 19.22 -0.16
CA ARG A 600 19.22 20.01 0.77
C ARG A 600 18.01 19.19 1.25
N THR A 601 17.42 18.37 0.36
CA THR A 601 16.24 17.56 0.65
C THR A 601 16.46 16.10 0.24
N LEU A 602 16.14 15.18 1.15
CA LEU A 602 16.19 13.78 0.86
C LEU A 602 14.89 13.11 1.32
N GLU A 603 14.16 12.51 0.37
CA GLU A 603 12.98 11.71 0.68
C GLU A 603 13.37 10.23 0.64
N PHE A 604 13.26 9.55 1.80
CA PHE A 604 13.72 8.17 2.00
C PHE A 604 12.57 7.33 2.57
N ARG A 605 11.36 7.68 2.14
CA ARG A 605 10.11 7.18 2.70
C ARG A 605 9.88 5.77 2.16
N GLY A 606 9.31 4.89 2.97
CA GLY A 606 8.97 3.54 2.51
C GLY A 606 10.20 2.70 2.18
N ASN A 607 11.15 2.64 3.10
CA ASN A 607 12.34 1.78 3.00
C ASN A 607 12.39 0.92 4.27
N HIS A 608 13.54 0.34 4.60
CA HIS A 608 13.67 -0.47 5.80
C HIS A 608 14.90 -0.07 6.59
N LEU A 609 14.94 1.18 7.01
CA LEU A 609 15.96 1.62 7.98
C LEU A 609 15.86 0.80 9.27
N ASP A 610 14.71 0.20 9.54
CA ASP A 610 14.60 -0.64 10.73
C ASP A 610 15.61 -1.80 10.66
N VAL A 611 15.85 -2.32 9.45
CA VAL A 611 16.81 -3.40 9.21
C VAL A 611 18.25 -2.86 9.18
N LEU A 612 18.51 -1.76 8.46
CA LEU A 612 19.83 -1.14 8.43
C LEU A 612 20.30 -0.73 9.83
N TRP A 613 19.34 -0.30 10.67
CA TRP A 613 19.61 0.13 12.05
C TRP A 613 19.17 -0.96 13.06
N ARG A 614 19.15 -2.22 12.61
CA ARG A 614 18.93 -3.36 13.48
C ARG A 614 19.70 -3.10 14.79
N ASP A 615 19.04 -3.21 15.94
CA ASP A 615 19.68 -2.92 17.22
C ASP A 615 20.92 -3.81 17.40
N GLY A 616 22.07 -3.16 17.58
CA GLY A 616 23.38 -3.83 17.66
C GLY A 616 24.27 -3.60 16.45
N ASP A 617 23.71 -3.13 15.33
CA ASP A 617 24.45 -2.85 14.12
C ASP A 617 24.67 -1.35 14.00
N ASN A 618 25.90 -0.94 14.30
CA ASN A 618 26.38 0.42 14.36
C ASN A 618 26.63 1.01 12.98
N ARG A 619 26.74 0.17 11.96
CA ARG A 619 27.42 0.52 10.72
C ARG A 619 26.67 1.59 9.91
N TYR A 620 25.35 1.72 10.07
CA TYR A 620 24.60 2.66 9.20
C TYR A 620 24.03 3.86 9.98
N LEU A 621 24.46 4.07 11.23
CA LEU A 621 23.94 5.11 12.07
C LEU A 621 24.42 6.48 11.61
N GLN A 622 25.34 6.52 10.63
CA GLN A 622 25.83 7.80 10.11
C GLN A 622 25.60 7.83 8.59
N LEU A 623 24.57 7.10 8.14
CA LEU A 623 24.21 7.00 6.72
C LEU A 623 23.92 8.39 6.12
N PHE A 624 23.35 9.32 6.92
CA PHE A 624 22.99 10.65 6.40
C PHE A 624 23.90 11.78 6.95
N LYS A 625 24.88 11.45 7.80
CA LYS A 625 25.66 12.45 8.55
C LYS A 625 26.45 13.40 7.63
N ASN A 626 26.96 12.90 6.50
CA ASN A 626 27.86 13.66 5.63
C ASN A 626 27.08 14.31 4.48
N LEU A 627 25.75 14.42 4.63
CA LEU A 627 24.95 15.26 3.76
C LEU A 627 24.87 16.65 4.41
N LEU A 628 25.91 17.47 4.21
CA LEU A 628 26.22 18.57 5.17
C LEU A 628 25.19 19.69 5.09
N LYS A 629 24.65 19.93 3.90
CA LYS A 629 23.71 20.99 3.71
C LYS A 629 22.26 20.46 3.83
N LEU A 630 22.07 19.21 4.24
CA LEU A 630 20.72 18.65 4.32
C LEU A 630 19.88 19.41 5.36
N GLU A 631 18.72 19.87 4.91
CA GLU A 631 17.77 20.60 5.72
C GLU A 631 16.49 19.81 5.97
N GLU A 632 16.12 18.89 5.07
CA GLU A 632 14.86 18.14 5.16
C GLU A 632 15.10 16.64 4.91
N LEU A 633 14.68 15.81 5.87
CA LEU A 633 14.75 14.34 5.75
C LEU A 633 13.39 13.75 6.06
N ASP A 634 12.84 12.99 5.09
CA ASP A 634 11.65 12.20 5.27
C ASP A 634 12.02 10.72 5.45
N ILE A 635 11.90 10.21 6.68
CA ILE A 635 12.11 8.79 6.95
C ILE A 635 10.86 8.22 7.62
N SER A 636 9.71 8.70 7.14
CA SER A 636 8.46 8.07 7.40
C SER A 636 8.43 6.69 6.74
N LYS A 637 7.51 5.84 7.19
CA LYS A 637 7.20 4.54 6.55
C LYS A 637 8.47 3.70 6.41
N ASN A 638 9.24 3.60 7.51
CA ASN A 638 10.43 2.81 7.53
C ASN A 638 10.38 1.76 8.63
N SER A 639 9.17 1.47 9.16
CA SER A 639 8.99 0.39 10.15
C SER A 639 9.84 0.62 11.39
N LEU A 640 10.07 1.88 11.77
CA LEU A 640 10.91 2.20 12.92
C LEU A 640 10.04 2.25 14.18
N SER A 641 9.81 1.07 14.77
CA SER A 641 9.02 0.95 15.98
C SER A 641 9.76 1.56 17.18
N PHE A 642 11.10 1.66 17.10
CA PHE A 642 11.96 2.41 18.01
C PHE A 642 13.10 2.99 17.18
N LEU A 643 13.81 3.97 17.78
CA LEU A 643 15.01 4.55 17.17
C LEU A 643 16.25 4.16 17.95
N PRO A 644 17.19 3.39 17.37
CA PRO A 644 18.39 2.98 18.10
C PRO A 644 19.16 4.24 18.52
N SER A 645 19.84 4.19 19.66
CA SER A 645 20.68 5.31 20.03
C SER A 645 21.79 5.44 18.99
N GLY A 646 22.08 6.68 18.60
CA GLY A 646 23.08 6.95 17.63
C GLY A 646 22.48 7.61 16.40
N VAL A 647 21.16 7.44 16.23
CA VAL A 647 20.43 7.93 15.08
C VAL A 647 20.43 9.46 15.05
N PHE A 648 20.07 10.08 16.18
CA PHE A 648 19.99 11.55 16.22
C PHE A 648 21.40 12.16 16.23
N ASP A 649 22.35 11.53 16.95
CA ASP A 649 23.75 11.97 16.89
C ASP A 649 24.27 11.94 15.45
N GLY A 650 23.82 11.00 14.64
CA GLY A 650 24.33 10.81 13.30
C GLY A 650 23.59 11.62 12.24
N MET A 651 22.67 12.48 12.65
CA MET A 651 21.93 13.27 11.66
C MET A 651 22.85 14.41 11.26
N PRO A 652 22.77 14.91 10.01
CA PRO A 652 23.63 16.00 9.56
C PRO A 652 23.29 17.27 10.33
N PRO A 653 24.24 18.22 10.46
CA PRO A 653 24.14 19.26 11.48
C PRO A 653 23.12 20.37 11.19
N ASN A 654 22.56 20.41 9.96
CA ASN A 654 21.66 21.51 9.62
C ASN A 654 20.24 20.99 9.42
N LEU A 655 19.93 19.78 9.91
CA LEU A 655 18.61 19.20 9.72
C LEU A 655 17.57 20.10 10.40
N LYS A 656 16.51 20.46 9.65
CA LYS A 656 15.47 21.42 10.06
C LYS A 656 14.10 20.76 10.15
N ASN A 657 13.80 19.86 9.22
CA ASN A 657 12.48 19.34 8.97
C ASN A 657 12.62 17.80 8.92
N LEU A 658 12.16 17.12 9.98
CA LEU A 658 12.34 15.66 10.08
C LEU A 658 10.99 14.97 10.22
N SER A 659 10.64 14.07 9.30
CA SER A 659 9.46 13.21 9.46
C SER A 659 9.86 11.80 9.91
N LEU A 660 9.21 11.36 10.99
CA LEU A 660 9.25 9.97 11.45
C LEU A 660 7.81 9.45 11.49
N ALA A 661 6.96 9.95 10.59
CA ALA A 661 5.56 9.57 10.57
C ALA A 661 5.41 8.11 10.13
N LYS A 662 4.27 7.52 10.49
CA LYS A 662 3.86 6.21 10.00
C LYS A 662 4.97 5.18 10.19
N ASN A 663 5.52 5.08 11.40
CA ASN A 663 6.62 4.18 11.67
C ASN A 663 6.23 3.13 12.72
N GLY A 664 5.04 3.28 13.31
CA GLY A 664 4.65 2.44 14.43
C GLY A 664 5.57 2.64 15.62
N LEU A 665 6.17 3.81 15.77
CA LEU A 665 6.94 4.16 16.97
C LEU A 665 6.10 3.89 18.20
N LYS A 666 6.62 3.10 19.13
CA LYS A 666 5.96 2.77 20.38
C LYS A 666 6.66 3.53 21.52
N SER A 667 7.81 4.14 21.28
CA SER A 667 8.55 4.86 22.34
C SER A 667 9.45 5.90 21.69
N PHE A 668 9.92 6.87 22.47
CA PHE A 668 10.71 7.95 21.91
C PHE A 668 11.42 8.71 23.04
N ILE A 669 12.77 8.64 23.06
CA ILE A 669 13.61 9.44 23.98
C ILE A 669 13.66 10.89 23.46
N TRP A 670 12.77 11.73 24.00
CA TRP A 670 12.63 13.13 23.60
C TRP A 670 13.91 13.93 23.84
N GLU A 671 14.67 13.56 24.88
CA GLU A 671 15.92 14.26 25.27
C GLU A 671 16.90 14.25 24.10
N LYS A 672 16.82 13.22 23.24
CA LYS A 672 17.78 13.05 22.14
C LYS A 672 17.59 14.16 21.09
N LEU A 673 16.54 14.95 21.20
CA LEU A 673 16.29 16.00 20.25
C LEU A 673 17.32 17.14 20.44
N ARG A 674 18.05 17.09 21.56
CA ARG A 674 19.08 18.08 21.87
C ARG A 674 20.23 18.02 20.85
N TYR A 675 20.42 16.85 20.22
CA TYR A 675 21.46 16.69 19.21
C TYR A 675 21.10 17.43 17.91
N LEU A 676 19.83 17.69 17.66
CA LEU A 676 19.37 18.22 16.37
C LEU A 676 19.23 19.76 16.47
N LYS A 677 20.35 20.46 16.44
CA LYS A 677 20.44 21.81 16.99
C LYS A 677 19.70 22.85 16.13
N ASN A 678 19.29 22.47 14.92
CA ASN A 678 18.59 23.37 14.01
C ASN A 678 17.19 22.83 13.68
N LEU A 679 16.62 21.97 14.54
CA LEU A 679 15.34 21.33 14.25
C LEU A 679 14.21 22.35 14.41
N GLU A 680 13.33 22.41 13.42
CA GLU A 680 12.24 23.37 13.41
C GLU A 680 10.89 22.65 13.29
N THR A 681 10.79 21.65 12.41
CA THR A 681 9.61 20.83 12.23
C THR A 681 9.89 19.37 12.58
N LEU A 682 9.09 18.77 13.47
CA LEU A 682 9.18 17.34 13.79
C LEU A 682 7.80 16.69 13.61
N ASP A 683 7.73 15.71 12.70
CA ASP A 683 6.48 15.05 12.35
C ASP A 683 6.51 13.64 12.94
N LEU A 684 5.74 13.41 14.00
CA LEU A 684 5.62 12.11 14.58
C LEU A 684 4.19 11.59 14.39
N SER A 685 3.53 12.00 13.29
CA SER A 685 2.13 11.65 13.06
C SER A 685 2.00 10.16 12.74
N HIS A 686 0.85 9.58 13.12
CA HIS A 686 0.49 8.18 12.82
C HIS A 686 1.53 7.22 13.41
N ASN A 687 1.71 7.32 14.71
CA ASN A 687 2.59 6.42 15.43
C ASN A 687 1.78 5.90 16.60
N GLN A 688 2.47 5.30 17.58
CA GLN A 688 1.86 4.71 18.77
C GLN A 688 2.47 5.29 20.06
N LEU A 689 2.87 6.56 20.03
CA LEU A 689 3.41 7.22 21.21
C LEU A 689 2.27 7.40 22.21
N THR A 690 2.58 7.20 23.48
CA THR A 690 1.59 7.27 24.54
C THR A 690 1.87 8.46 25.47
N THR A 691 3.07 9.04 25.40
CA THR A 691 3.48 10.14 26.30
C THR A 691 4.28 11.21 25.55
N VAL A 692 4.16 12.42 26.08
CA VAL A 692 4.92 13.58 25.63
C VAL A 692 5.99 13.87 26.67
N PRO A 693 7.04 14.63 26.32
CA PRO A 693 8.11 14.95 27.27
C PRO A 693 7.64 15.80 28.46
N GLU A 694 8.32 15.67 29.61
CA GLU A 694 7.98 16.39 30.86
C GLU A 694 8.09 17.90 30.65
N ARG A 695 9.17 18.32 29.96
CA ARG A 695 9.37 19.71 29.48
C ARG A 695 9.98 19.68 28.08
N LEU A 696 9.26 20.25 27.10
CA LEU A 696 9.66 20.26 25.70
C LEU A 696 10.81 21.25 25.46
N SER A 697 10.88 22.32 26.25
CA SER A 697 11.93 23.33 26.10
C SER A 697 13.30 22.72 26.43
N ASN A 698 13.28 21.69 27.30
CA ASN A 698 14.46 21.04 27.83
C ASN A 698 14.99 20.03 26.81
N CYS A 699 14.24 19.84 25.71
CA CYS A 699 14.49 18.80 24.69
C CYS A 699 15.02 19.42 23.40
N SER A 700 14.53 20.60 23.07
CA SER A 700 15.02 21.31 21.94
C SER A 700 14.70 22.80 22.13
N ARG A 701 15.71 23.63 21.85
CA ARG A 701 15.59 25.07 21.91
C ARG A 701 15.12 25.64 20.58
N SER A 702 15.10 24.81 19.51
CA SER A 702 14.90 25.32 18.17
C SER A 702 13.49 25.02 17.66
N LEU A 703 12.84 24.02 18.25
CA LEU A 703 11.65 23.34 17.67
C LEU A 703 10.47 24.31 17.58
N LYS A 704 9.93 24.46 16.36
CA LYS A 704 8.82 25.34 16.06
C LYS A 704 7.50 24.59 15.89
N ASN A 705 7.52 23.48 15.13
CA ASN A 705 6.33 22.79 14.66
C ASN A 705 6.37 21.33 15.11
N LEU A 706 5.43 20.95 15.97
CA LEU A 706 5.41 19.62 16.51
C LEU A 706 4.10 18.94 16.15
N ILE A 707 4.20 17.86 15.37
CA ILE A 707 3.05 17.13 14.91
C ILE A 707 2.98 15.78 15.60
N LEU A 708 1.94 15.60 16.41
CA LEU A 708 1.76 14.38 17.22
C LEU A 708 0.43 13.70 16.91
N LYS A 709 -0.13 14.01 15.73
CA LYS A 709 -1.51 13.63 15.46
C LYS A 709 -1.54 12.12 15.20
N ASN A 710 -2.65 11.48 15.55
CA ASN A 710 -2.90 10.05 15.34
C ASN A 710 -1.84 9.27 16.10
N ASN A 711 -1.83 9.47 17.41
CA ASN A 711 -1.01 8.71 18.33
C ASN A 711 -1.95 8.19 19.43
N GLN A 712 -1.38 7.70 20.53
CA GLN A 712 -2.13 7.04 21.59
C GLN A 712 -1.95 7.80 22.90
N ILE A 713 -1.87 9.13 22.84
CA ILE A 713 -1.49 9.91 24.01
C ILE A 713 -2.74 10.09 24.85
N ARG A 714 -2.64 9.77 26.15
CA ARG A 714 -3.79 9.78 27.06
C ARG A 714 -3.80 11.04 27.94
N SER A 715 -2.62 11.64 28.18
CA SER A 715 -2.53 12.81 29.04
C SER A 715 -1.25 13.61 28.78
N LEU A 716 -1.29 14.91 29.07
CA LEU A 716 -0.09 15.73 28.88
C LEU A 716 0.68 15.77 30.20
N THR A 717 2.00 15.95 30.13
CA THR A 717 2.82 16.09 31.31
C THR A 717 2.46 17.41 32.02
N LYS A 718 2.76 17.49 33.31
CA LYS A 718 2.32 18.61 34.14
C LYS A 718 2.81 19.98 33.60
N TYR A 719 4.06 20.05 33.14
CA TYR A 719 4.60 21.31 32.60
C TYR A 719 5.03 21.19 31.12
N PHE A 720 4.28 20.42 30.33
CA PHE A 720 4.64 20.06 28.98
C PHE A 720 5.27 21.25 28.25
N LEU A 721 4.46 22.29 27.94
CA LEU A 721 4.88 23.40 27.05
C LEU A 721 5.58 24.54 27.81
N GLN A 722 5.94 24.34 29.08
CA GLN A 722 6.56 25.41 29.88
C GLN A 722 7.85 25.92 29.20
N ASP A 723 7.88 27.23 29.01
CA ASP A 723 9.00 28.04 28.51
C ASP A 723 9.43 27.64 27.09
N ALA A 724 8.52 27.04 26.30
CA ALA A 724 8.81 26.63 24.94
C ALA A 724 8.54 27.79 23.97
N PHE A 725 9.37 28.83 24.08
CA PHE A 725 9.17 30.12 23.43
C PHE A 725 9.29 30.02 21.91
N GLN A 726 9.89 28.95 21.40
CA GLN A 726 10.11 28.85 19.95
C GLN A 726 8.87 28.29 19.24
N LEU A 727 8.00 27.58 20.00
CA LEU A 727 6.89 26.79 19.46
C LEU A 727 5.88 27.71 18.76
N ARG A 728 5.42 27.31 17.58
CA ARG A 728 4.47 28.09 16.80
C ARG A 728 3.29 27.23 16.32
N TYR A 729 3.43 25.91 16.27
CA TYR A 729 2.41 24.99 15.73
C TYR A 729 2.47 23.68 16.53
N LEU A 730 1.34 23.27 17.12
CA LEU A 730 1.27 22.01 17.86
C LEU A 730 -0.02 21.27 17.46
N ASP A 731 0.11 20.06 16.93
CA ASP A 731 -1.03 19.25 16.57
C ASP A 731 -1.09 18.06 17.54
N LEU A 732 -2.12 18.03 18.38
CA LEU A 732 -2.36 16.89 19.31
C LEU A 732 -3.66 16.18 18.95
N SER A 733 -4.17 16.43 17.73
CA SER A 733 -5.43 15.85 17.30
C SER A 733 -5.31 14.34 17.21
N SER A 734 -6.46 13.66 17.25
CA SER A 734 -6.58 12.21 17.09
C SER A 734 -5.66 11.45 18.06
N ASN A 735 -5.79 11.78 19.34
CA ASN A 735 -5.12 11.08 20.41
C ASN A 735 -6.24 10.63 21.38
N LYS A 736 -5.92 10.37 22.65
CA LYS A 736 -6.90 9.87 23.61
C LYS A 736 -6.86 10.72 24.87
N ILE A 737 -6.57 12.01 24.69
CA ILE A 737 -6.37 12.92 25.81
C ILE A 737 -7.73 13.15 26.49
N GLN A 738 -7.74 13.12 27.83
CA GLN A 738 -8.95 13.33 28.61
C GLN A 738 -8.97 14.73 29.25
N MET A 739 -7.89 15.08 29.97
CA MET A 739 -7.74 16.33 30.69
C MET A 739 -6.65 17.15 30.02
N ILE A 740 -6.69 18.48 30.17
CA ILE A 740 -5.59 19.37 29.92
C ILE A 740 -5.63 20.42 31.04
N GLN A 741 -4.60 20.47 31.88
CA GLN A 741 -4.52 21.42 33.01
C GLN A 741 -3.70 22.63 32.57
N LYS A 742 -3.87 23.77 33.27
CA LYS A 742 -3.21 25.06 32.94
C LYS A 742 -1.67 24.93 32.91
N THR A 743 -1.13 24.13 33.83
CA THR A 743 0.28 23.99 34.00
C THR A 743 0.91 23.52 32.68
N SER A 744 0.23 22.64 31.95
CA SER A 744 0.74 22.07 30.71
C SER A 744 0.73 23.10 29.56
N PHE A 745 -0.18 24.07 29.60
CA PHE A 745 -0.46 24.98 28.49
C PHE A 745 -0.35 26.42 28.98
N PRO A 746 0.85 26.91 29.38
CA PRO A 746 0.99 28.30 29.80
C PRO A 746 0.64 29.27 28.66
N GLU A 747 -0.02 30.36 29.05
CA GLU A 747 -0.59 31.36 28.18
C GLU A 747 0.53 32.04 27.34
N ASN A 748 1.73 32.21 27.90
CA ASN A 748 2.82 32.92 27.19
C ASN A 748 3.40 32.07 26.04
N VAL A 749 3.05 30.78 26.00
CA VAL A 749 3.38 29.90 24.87
C VAL A 749 2.18 29.80 23.93
N LEU A 750 0.98 29.68 24.50
CA LEU A 750 -0.23 29.54 23.70
C LEU A 750 -0.43 30.73 22.76
N ASN A 751 -0.08 31.94 23.20
CA ASN A 751 -0.46 33.17 22.52
C ASN A 751 0.52 33.49 21.38
N ASN A 752 1.55 32.65 21.20
CA ASN A 752 2.45 32.72 20.04
C ASN A 752 2.10 31.66 19.00
N LEU A 753 1.16 30.79 19.31
CA LEU A 753 0.83 29.68 18.43
C LEU A 753 0.04 30.20 17.23
N LYS A 754 0.55 29.95 16.03
CA LYS A 754 -0.19 30.21 14.81
C LYS A 754 -1.47 29.36 14.80
N MET A 755 -1.35 28.13 15.30
CA MET A 755 -2.41 27.13 15.21
C MET A 755 -2.14 26.05 16.29
N LEU A 756 -3.21 25.41 16.79
CA LEU A 756 -3.16 24.42 17.88
C LEU A 756 -4.32 23.46 17.67
N LEU A 757 -4.02 22.19 17.38
CA LEU A 757 -5.01 21.20 16.97
C LEU A 757 -5.32 20.24 18.14
N LEU A 758 -6.60 20.12 18.52
CA LEU A 758 -6.98 19.30 19.68
C LEU A 758 -8.11 18.33 19.32
N HIS A 759 -8.69 18.47 18.12
CA HIS A 759 -9.88 17.71 17.76
C HIS A 759 -9.63 16.20 17.80
N HIS A 760 -10.72 15.45 18.01
CA HIS A 760 -10.76 13.98 18.01
C HIS A 760 -9.88 13.45 19.13
N ASN A 761 -10.17 13.92 20.35
CA ASN A 761 -9.60 13.37 21.58
C ASN A 761 -10.77 12.78 22.39
N ARG A 762 -10.56 12.52 23.69
CA ARG A 762 -11.54 11.79 24.52
C ARG A 762 -11.81 12.64 25.77
N PHE A 763 -12.13 13.92 25.54
CA PHE A 763 -12.23 14.94 26.58
C PHE A 763 -13.38 14.67 27.58
N LEU A 764 -13.03 14.67 28.85
CA LEU A 764 -13.97 14.46 29.94
C LEU A 764 -14.44 15.83 30.45
N CYS A 765 -15.74 16.09 30.44
CA CYS A 765 -16.28 17.40 30.81
C CYS A 765 -16.92 17.41 32.22
N THR A 766 -16.15 16.90 33.18
CA THR A 766 -16.42 16.98 34.57
C THR A 766 -15.99 18.37 35.04
N CYS A 767 -16.18 18.63 36.34
CA CYS A 767 -15.88 19.93 36.90
C CYS A 767 -14.36 20.13 36.95
N ASP A 768 -13.61 19.02 36.93
CA ASP A 768 -12.15 19.09 36.94
C ASP A 768 -11.62 19.78 35.67
N ALA A 769 -12.44 19.80 34.60
CA ALA A 769 -12.04 20.24 33.27
C ALA A 769 -12.40 21.72 33.06
N VAL A 770 -12.56 22.45 34.16
CA VAL A 770 -13.24 23.73 34.14
C VAL A 770 -12.31 24.76 33.47
N TRP A 771 -11.01 24.73 33.80
CA TRP A 771 -10.04 25.65 33.17
C TRP A 771 -10.03 25.44 31.65
N PHE A 772 -9.95 24.16 31.23
CA PHE A 772 -9.81 23.85 29.82
C PHE A 772 -11.04 24.34 29.06
N VAL A 773 -12.22 24.09 29.61
CA VAL A 773 -13.46 24.46 28.90
C VAL A 773 -13.51 25.97 28.75
N TRP A 774 -13.14 26.69 29.83
CA TRP A 774 -13.19 28.16 29.81
C TRP A 774 -12.18 28.68 28.78
N TRP A 775 -10.98 28.11 28.82
CA TRP A 775 -9.90 28.57 28.01
C TRP A 775 -10.22 28.38 26.52
N VAL A 776 -10.82 27.22 26.18
CA VAL A 776 -11.18 26.89 24.81
C VAL A 776 -12.17 27.94 24.30
N GLN A 777 -13.19 28.23 25.11
CA GLN A 777 -14.31 29.09 24.73
C GLN A 777 -13.88 30.55 24.54
N HIS A 778 -12.82 30.98 25.25
CA HIS A 778 -12.45 32.37 25.38
C HIS A 778 -11.06 32.71 24.76
N THR A 779 -10.40 31.76 24.08
CA THR A 779 -9.05 31.99 23.53
C THR A 779 -9.12 32.50 22.09
N GLU A 780 -8.09 33.28 21.73
CA GLU A 780 -7.90 33.83 20.36
C GLU A 780 -7.22 32.79 19.46
N VAL A 781 -6.39 31.92 20.06
CA VAL A 781 -5.61 30.92 19.35
C VAL A 781 -6.50 30.14 18.39
N THR A 782 -6.00 29.92 17.15
CA THR A 782 -6.76 29.22 16.15
C THR A 782 -6.81 27.74 16.48
N ILE A 783 -8.01 27.18 16.55
CA ILE A 783 -8.23 25.80 16.88
C ILE A 783 -9.25 25.26 15.89
N PRO A 784 -8.83 24.63 14.78
CA PRO A 784 -9.80 24.10 13.82
C PRO A 784 -10.77 23.12 14.47
N TYR A 785 -12.00 23.09 13.96
CA TYR A 785 -13.03 22.10 14.21
C TYR A 785 -13.65 22.20 15.63
N LEU A 786 -13.63 23.38 16.26
CA LEU A 786 -14.35 23.58 17.55
C LEU A 786 -15.86 23.24 17.45
N ALA A 787 -16.45 23.41 16.26
CA ALA A 787 -17.82 23.01 15.91
C ALA A 787 -17.95 21.50 15.77
N THR A 788 -17.18 20.96 14.83
CA THR A 788 -17.41 19.61 14.31
C THR A 788 -16.84 18.54 15.28
N ASP A 789 -15.61 18.70 15.81
CA ASP A 789 -14.89 17.54 16.37
C ASP A 789 -14.05 17.90 17.62
N VAL A 790 -14.43 18.89 18.44
CA VAL A 790 -13.85 19.07 19.81
C VAL A 790 -14.96 18.95 20.86
N THR A 791 -15.04 17.76 21.45
CA THR A 791 -16.28 17.20 21.89
C THR A 791 -16.05 16.41 23.19
N CYS A 792 -17.05 16.43 24.08
CA CYS A 792 -17.01 15.68 25.33
C CYS A 792 -17.43 14.24 25.06
N VAL A 793 -16.69 13.25 25.57
CA VAL A 793 -17.16 11.85 25.51
C VAL A 793 -18.01 11.52 26.74
N GLY A 794 -17.87 12.32 27.80
CA GLY A 794 -18.59 12.14 29.05
C GLY A 794 -18.44 13.36 29.97
N PRO A 795 -19.02 13.36 31.20
CA PRO A 795 -19.76 12.20 31.73
C PRO A 795 -21.16 12.09 31.11
N GLY A 796 -21.75 10.89 31.15
CA GLY A 796 -23.14 10.59 30.73
C GLY A 796 -23.87 11.80 30.18
N ALA A 797 -24.13 12.78 31.06
CA ALA A 797 -24.95 14.00 30.77
C ALA A 797 -24.52 14.67 29.45
N HIS A 798 -23.23 15.02 29.32
CA HIS A 798 -22.70 15.88 28.27
C HIS A 798 -22.12 15.07 27.09
N LYS A 799 -22.27 13.74 27.09
CA LYS A 799 -21.75 12.91 25.97
C LYS A 799 -22.22 13.51 24.64
N GLY A 800 -21.30 13.66 23.68
CA GLY A 800 -21.61 14.08 22.32
C GLY A 800 -21.63 15.59 22.15
N GLN A 801 -21.58 16.32 23.27
CA GLN A 801 -21.70 17.77 23.26
C GLN A 801 -20.34 18.46 23.00
N SER A 802 -20.37 19.50 22.18
CA SER A 802 -19.21 20.32 21.90
C SER A 802 -18.78 21.06 23.19
N VAL A 803 -17.47 21.21 23.40
CA VAL A 803 -17.01 21.80 24.64
C VAL A 803 -17.16 23.31 24.46
N ILE A 804 -17.19 23.76 23.21
CA ILE A 804 -17.40 25.18 22.96
C ILE A 804 -18.71 25.64 23.64
N SER A 805 -19.71 24.74 23.72
CA SER A 805 -21.11 25.07 24.11
C SER A 805 -21.39 24.78 25.60
N LEU A 806 -20.41 24.24 26.30
CA LEU A 806 -20.60 23.66 27.62
C LEU A 806 -20.83 24.77 28.65
N ASP A 807 -21.96 24.70 29.36
CA ASP A 807 -22.23 25.58 30.52
C ASP A 807 -21.89 24.80 31.79
N LEU A 808 -20.83 25.20 32.49
CA LEU A 808 -20.38 24.52 33.70
C LEU A 808 -20.54 25.43 34.92
N TYR A 809 -21.65 26.17 34.99
CA TYR A 809 -21.91 27.09 36.10
C TYR A 809 -22.17 26.29 37.39
N THR A 810 -22.67 25.06 37.24
CA THR A 810 -22.96 24.13 38.33
C THR A 810 -21.71 23.87 39.17
N CYS A 811 -20.51 24.13 38.61
CA CYS A 811 -19.21 23.92 39.26
C CYS A 811 -18.75 25.20 39.97
N GLU A 812 -19.67 26.14 40.27
CA GLU A 812 -19.33 27.47 40.77
C GLU A 812 -20.38 28.01 41.76
N LEU A 813 -21.18 27.14 42.40
CA LEU A 813 -22.40 27.63 43.04
C LEU A 813 -22.09 28.34 44.36
N ALA B 5 -23.91 -24.97 31.21
CA ALA B 5 -23.08 -25.90 30.37
C ALA B 5 -21.73 -26.13 31.06
N ARG B 6 -21.18 -25.07 31.67
CA ARG B 6 -20.01 -25.13 32.59
C ARG B 6 -20.45 -24.68 34.00
N TRP B 7 -20.20 -25.50 35.02
CA TRP B 7 -20.58 -25.19 36.39
C TRP B 7 -19.59 -24.17 37.00
N PHE B 8 -18.30 -24.36 36.73
CA PHE B 8 -17.24 -23.48 37.22
C PHE B 8 -16.55 -22.77 36.07
N PRO B 9 -16.61 -21.41 36.02
CA PRO B 9 -16.02 -20.63 34.93
C PRO B 9 -14.49 -20.74 34.92
N LYS B 10 -13.94 -20.95 33.73
CA LYS B 10 -12.51 -21.02 33.59
C LYS B 10 -12.00 -19.58 33.64
N THR B 11 -11.19 -19.30 34.65
CA THR B 11 -10.89 -17.94 35.02
C THR B 11 -9.39 -17.67 34.84
N LEU B 12 -8.59 -18.74 34.82
CA LEU B 12 -7.15 -18.68 34.57
C LEU B 12 -6.85 -18.06 33.21
N PRO B 13 -5.95 -17.05 33.13
CA PRO B 13 -5.65 -16.39 31.85
C PRO B 13 -4.67 -17.15 30.93
N CYS B 14 -4.76 -18.47 30.90
CA CYS B 14 -3.94 -19.35 30.08
C CYS B 14 -4.82 -20.43 29.42
N ASP B 15 -4.56 -20.72 28.14
CA ASP B 15 -5.27 -21.80 27.50
C ASP B 15 -4.86 -23.09 28.21
N VAL B 16 -5.81 -24.02 28.37
CA VAL B 16 -5.60 -25.31 29.02
C VAL B 16 -6.12 -26.42 28.09
N THR B 17 -5.38 -27.50 27.96
CA THR B 17 -5.71 -28.56 27.00
C THR B 17 -5.39 -29.92 27.65
N LEU B 18 -6.23 -30.91 27.34
CA LEU B 18 -5.97 -32.30 27.67
C LEU B 18 -5.60 -33.04 26.38
N ASP B 19 -4.45 -33.70 26.40
CA ASP B 19 -4.13 -34.77 25.48
C ASP B 19 -4.14 -36.07 26.31
N VAL B 20 -5.34 -36.57 26.64
CA VAL B 20 -5.55 -37.60 27.68
C VAL B 20 -4.72 -38.84 27.34
N SER B 21 -4.50 -39.08 26.03
CA SER B 21 -3.65 -40.16 25.51
C SER B 21 -2.29 -40.23 26.24
N LYS B 22 -1.58 -39.09 26.33
CA LYS B 22 -0.22 -39.04 26.87
C LYS B 22 -0.17 -38.36 28.23
N ASN B 23 -1.15 -38.62 29.12
CA ASN B 23 -1.29 -37.89 30.42
C ASN B 23 -0.69 -36.48 30.31
N HIS B 24 -0.98 -35.75 29.25
CA HIS B 24 -0.49 -34.38 29.07
C HIS B 24 -1.61 -33.40 29.44
N VAL B 25 -1.34 -32.55 30.43
CA VAL B 25 -2.14 -31.38 30.76
C VAL B 25 -1.30 -30.14 30.43
N ILE B 26 -1.73 -29.44 29.36
CA ILE B 26 -0.96 -28.40 28.71
C ILE B 26 -1.55 -27.04 29.05
N VAL B 27 -0.79 -26.25 29.82
CA VAL B 27 -1.14 -24.92 30.25
C VAL B 27 -0.24 -23.92 29.53
N ASP B 28 -0.82 -23.16 28.59
CA ASP B 28 -0.11 -22.18 27.74
C ASP B 28 -0.46 -20.75 28.14
N CYS B 29 0.46 -20.09 28.83
CA CYS B 29 0.30 -18.69 29.22
C CYS B 29 1.23 -17.80 28.38
N THR B 30 1.42 -18.15 27.12
CA THR B 30 2.28 -17.35 26.25
C THR B 30 1.69 -15.93 26.13
N ASP B 31 2.51 -14.93 26.48
CA ASP B 31 2.21 -13.52 26.19
C ASP B 31 0.83 -13.15 26.77
N LYS B 32 0.74 -13.08 28.10
CA LYS B 32 -0.48 -12.69 28.77
C LYS B 32 -0.18 -11.51 29.71
N HIS B 33 0.91 -10.82 29.47
CA HIS B 33 1.21 -9.59 30.19
C HIS B 33 1.21 -9.87 31.70
N LEU B 34 1.69 -11.06 32.12
CA LEU B 34 1.72 -11.48 33.54
C LEU B 34 2.99 -10.98 34.23
N THR B 35 2.86 -10.56 35.50
CA THR B 35 3.99 -10.16 36.37
C THR B 35 4.16 -11.13 37.55
N GLU B 36 3.32 -12.18 37.60
CA GLU B 36 3.31 -13.23 38.63
C GLU B 36 2.91 -14.54 37.97
N ILE B 37 3.36 -15.70 38.47
CA ILE B 37 2.79 -16.96 37.96
C ILE B 37 1.36 -17.02 38.46
N PRO B 38 0.33 -17.21 37.59
CA PRO B 38 -1.06 -17.19 38.04
C PRO B 38 -1.35 -18.25 39.10
N GLY B 39 -2.30 -17.92 40.00
CA GLY B 39 -2.83 -18.87 40.95
C GLY B 39 -3.77 -19.84 40.26
N GLY B 40 -3.85 -21.05 40.80
CA GLY B 40 -4.84 -22.02 40.43
C GLY B 40 -4.53 -22.71 39.11
N ILE B 41 -3.23 -22.90 38.83
CA ILE B 41 -2.77 -23.77 37.72
C ILE B 41 -3.09 -25.21 38.13
N PRO B 42 -3.67 -26.04 37.24
CA PRO B 42 -4.00 -27.42 37.58
C PRO B 42 -2.79 -28.19 38.14
N THR B 43 -3.02 -28.90 39.23
CA THR B 43 -2.04 -29.74 39.90
C THR B 43 -1.47 -30.79 38.93
N ASN B 44 -2.34 -31.37 38.09
CA ASN B 44 -2.00 -32.44 37.13
C ASN B 44 -1.19 -31.86 35.94
N THR B 45 -0.89 -30.55 35.93
CA THR B 45 -0.20 -29.86 34.81
C THR B 45 1.14 -30.54 34.53
N THR B 46 1.38 -30.84 33.25
CA THR B 46 2.62 -31.46 32.79
C THR B 46 3.48 -30.47 32.01
N ASN B 47 2.87 -29.72 31.08
CA ASN B 47 3.56 -28.71 30.25
C ASN B 47 3.06 -27.32 30.61
N LEU B 48 3.93 -26.50 31.18
CA LEU B 48 3.62 -25.13 31.52
C LEU B 48 4.48 -24.17 30.70
N THR B 49 3.85 -23.39 29.80
CA THR B 49 4.56 -22.35 29.04
C THR B 49 4.25 -20.96 29.60
N LEU B 50 5.29 -20.22 30.02
CA LEU B 50 5.14 -18.83 30.52
C LEU B 50 5.96 -17.83 29.69
N THR B 51 6.13 -18.15 28.39
CA THR B 51 6.93 -17.39 27.42
C THR B 51 6.35 -15.98 27.23
N ILE B 52 7.24 -15.02 26.99
CA ILE B 52 6.91 -13.59 26.84
C ILE B 52 5.89 -13.15 27.91
N ASN B 53 6.40 -12.95 29.13
CA ASN B 53 5.68 -12.33 30.21
C ASN B 53 6.72 -11.47 30.93
N HIS B 54 6.35 -10.82 32.03
CA HIS B 54 7.27 -9.97 32.75
C HIS B 54 7.37 -10.45 34.19
N ILE B 55 7.53 -11.78 34.35
CA ILE B 55 7.65 -12.42 35.66
C ILE B 55 9.08 -12.29 36.12
N PRO B 56 9.35 -11.53 37.22
CA PRO B 56 10.72 -11.13 37.56
C PRO B 56 11.51 -12.14 38.38
N ASP B 57 10.86 -13.16 38.94
CA ASP B 57 11.58 -14.16 39.73
C ASP B 57 10.88 -15.52 39.71
N ILE B 58 11.69 -16.55 39.98
CA ILE B 58 11.27 -17.90 40.20
C ILE B 58 11.78 -18.31 41.58
N SER B 59 10.95 -19.06 42.32
CA SER B 59 11.22 -19.51 43.72
C SER B 59 10.58 -20.88 43.94
N PRO B 60 10.77 -21.52 45.12
CA PRO B 60 10.13 -22.80 45.40
C PRO B 60 8.59 -22.67 45.42
N ALA B 61 8.09 -21.48 45.78
CA ALA B 61 6.64 -21.18 45.69
C ALA B 61 6.12 -21.39 44.25
N SER B 62 6.93 -20.99 43.25
CA SER B 62 6.57 -20.91 41.83
C SER B 62 5.89 -22.19 41.36
N PHE B 63 6.51 -23.35 41.67
CA PHE B 63 6.08 -24.65 41.12
C PHE B 63 5.69 -25.66 42.21
N HIS B 64 5.45 -25.19 43.46
CA HIS B 64 5.25 -26.04 44.70
C HIS B 64 4.28 -27.19 44.42
N ARG B 65 3.10 -26.86 43.88
CA ARG B 65 1.98 -27.79 43.83
C ARG B 65 2.04 -28.68 42.58
N LEU B 66 2.94 -28.36 41.65
CA LEU B 66 2.90 -28.82 40.26
C LEU B 66 3.92 -29.93 40.03
N VAL B 67 3.85 -30.97 40.85
CA VAL B 67 4.98 -31.87 40.99
C VAL B 67 5.05 -32.78 39.77
N HIS B 68 4.01 -32.80 38.94
CA HIS B 68 3.93 -33.72 37.81
C HIS B 68 4.45 -33.05 36.53
N LEU B 69 5.09 -31.88 36.65
CA LEU B 69 5.69 -31.11 35.52
C LEU B 69 6.79 -31.93 34.83
N VAL B 70 6.66 -32.08 33.50
CA VAL B 70 7.71 -32.65 32.65
C VAL B 70 8.38 -31.56 31.78
N GLU B 71 7.68 -30.45 31.51
CA GLU B 71 8.26 -29.33 30.73
C GLU B 71 7.90 -27.99 31.36
N ILE B 72 8.90 -27.14 31.55
CA ILE B 72 8.68 -25.73 31.84
C ILE B 72 9.33 -24.91 30.72
N ASP B 73 8.49 -24.22 29.94
CA ASP B 73 8.96 -23.22 29.01
C ASP B 73 8.77 -21.84 29.64
N PHE B 74 9.88 -21.21 30.03
CA PHE B 74 9.90 -19.91 30.71
C PHE B 74 10.85 -18.98 29.93
N ARG B 75 10.71 -18.98 28.59
CA ARG B 75 11.57 -18.20 27.69
C ARG B 75 11.13 -16.74 27.70
N CYS B 76 12.12 -15.84 27.62
CA CYS B 76 11.90 -14.43 27.25
C CYS B 76 11.01 -13.71 28.28
N ASN B 77 11.30 -13.89 29.57
CA ASN B 77 10.69 -13.09 30.59
C ASN B 77 11.63 -11.95 30.96
N CYS B 78 12.74 -11.84 30.25
CA CYS B 78 13.66 -10.73 30.39
C CYS B 78 14.70 -10.80 29.26
N VAL B 79 14.27 -10.50 28.05
CA VAL B 79 15.12 -10.73 26.87
C VAL B 79 16.21 -9.65 26.90
N PRO B 80 17.45 -9.96 26.46
CA PRO B 80 18.52 -8.96 26.40
C PRO B 80 18.04 -7.65 25.76
N ILE B 81 18.59 -6.53 26.25
CA ILE B 81 18.19 -5.15 25.87
C ILE B 81 17.94 -5.04 24.34
N ARG B 82 18.88 -5.51 23.50
CA ARG B 82 18.91 -5.23 22.02
C ARG B 82 18.02 -6.19 21.20
N LEU B 83 17.57 -7.30 21.80
CA LEU B 83 16.71 -8.29 21.12
C LEU B 83 15.22 -8.03 21.41
N GLY B 84 14.91 -7.30 22.48
CA GLY B 84 13.56 -7.22 22.99
C GLY B 84 12.90 -5.90 22.70
N SER B 85 11.62 -5.79 23.06
CA SER B 85 10.84 -4.56 23.00
C SER B 85 11.64 -3.39 23.61
N LYS B 86 11.55 -2.20 22.98
CA LYS B 86 12.11 -0.97 23.56
C LYS B 86 11.01 -0.15 24.29
N SER B 87 9.74 -0.49 24.03
CA SER B 87 8.60 0.12 24.73
C SER B 87 8.37 -0.55 26.11
N ASN B 88 8.74 -1.83 26.23
CA ASN B 88 8.67 -2.56 27.51
C ASN B 88 9.99 -3.31 27.71
N MET B 89 11.09 -2.55 27.84
CA MET B 89 12.41 -3.10 28.27
C MET B 89 12.24 -3.80 29.62
N CYS B 90 12.81 -4.99 29.75
CA CYS B 90 12.91 -5.67 31.04
C CYS B 90 13.87 -4.90 31.95
N PRO B 91 13.45 -4.52 33.19
CA PRO B 91 14.29 -3.69 34.06
C PRO B 91 15.48 -4.42 34.71
N ARG B 92 15.32 -5.71 35.03
CA ARG B 92 16.32 -6.42 35.85
C ARG B 92 16.26 -7.92 35.54
N ARG B 93 17.42 -8.60 35.54
CA ARG B 93 17.51 -9.99 35.16
C ARG B 93 16.61 -10.85 36.07
N LEU B 94 16.05 -11.90 35.48
CA LEU B 94 15.26 -12.92 36.16
C LEU B 94 16.04 -13.49 37.36
N GLN B 95 15.40 -13.47 38.55
CA GLN B 95 15.97 -13.98 39.83
C GLN B 95 15.49 -15.41 40.07
N ILE B 96 16.42 -16.35 40.20
CA ILE B 96 16.09 -17.77 40.44
C ILE B 96 16.64 -18.14 41.81
N LYS B 97 15.74 -18.31 42.78
CA LYS B 97 16.13 -18.57 44.16
C LYS B 97 16.46 -20.05 44.27
N PRO B 98 17.27 -20.46 45.27
CA PRO B 98 17.66 -21.85 45.38
C PRO B 98 16.43 -22.77 45.55
N ARG B 99 16.58 -24.03 45.13
CA ARG B 99 15.61 -25.11 45.37
C ARG B 99 14.31 -24.85 44.58
N SER B 100 14.40 -24.07 43.49
CA SER B 100 13.22 -23.74 42.68
C SER B 100 12.83 -24.92 41.78
N PHE B 101 13.79 -25.77 41.41
CA PHE B 101 13.53 -26.85 40.45
C PHE B 101 13.74 -28.23 41.09
N SER B 102 14.47 -28.29 42.22
CA SER B 102 14.95 -29.57 42.79
C SER B 102 13.76 -30.48 43.12
N GLY B 103 12.62 -29.86 43.48
CA GLY B 103 11.34 -30.56 43.65
C GLY B 103 10.91 -31.35 42.41
N LEU B 104 11.03 -30.77 41.23
CA LEU B 104 10.28 -31.24 40.06
C LEU B 104 10.93 -32.51 39.48
N THR B 105 10.52 -33.62 40.08
CA THR B 105 11.21 -34.88 40.01
C THR B 105 10.98 -35.54 38.66
N TYR B 106 9.99 -35.08 37.87
CA TYR B 106 9.70 -35.72 36.55
C TYR B 106 10.13 -34.81 35.38
N LEU B 107 10.78 -33.67 35.68
CA LEU B 107 11.09 -32.58 34.73
C LEU B 107 12.12 -33.04 33.68
N LYS B 108 11.71 -33.03 32.41
CA LYS B 108 12.48 -33.54 31.28
C LYS B 108 12.98 -32.39 30.39
N SER B 109 12.30 -31.23 30.36
CA SER B 109 12.65 -30.11 29.48
C SER B 109 12.55 -28.80 30.25
N LEU B 110 13.58 -27.95 30.14
CA LEU B 110 13.52 -26.66 30.78
C LEU B 110 14.17 -25.63 29.86
N TYR B 111 13.34 -24.67 29.40
CA TYR B 111 13.73 -23.58 28.53
C TYR B 111 13.77 -22.27 29.34
N LEU B 112 14.96 -21.70 29.51
CA LEU B 112 15.16 -20.43 30.21
C LEU B 112 15.89 -19.45 29.31
N ASP B 113 15.64 -19.52 28.00
CA ASP B 113 16.28 -18.62 27.03
C ASP B 113 15.87 -17.16 27.33
N GLY B 114 16.78 -16.22 27.01
CA GLY B 114 16.42 -14.82 26.92
C GLY B 114 15.82 -14.29 28.21
N ASN B 115 16.58 -14.44 29.31
CA ASN B 115 16.25 -13.99 30.67
C ASN B 115 17.45 -13.30 31.34
N GLN B 116 18.53 -13.07 30.60
CA GLN B 116 19.68 -12.31 31.07
C GLN B 116 20.34 -12.99 32.29
N LEU B 117 20.19 -14.32 32.40
CA LEU B 117 20.83 -15.12 33.42
C LEU B 117 22.34 -14.96 33.30
N LEU B 118 23.01 -14.93 34.45
CA LEU B 118 24.45 -14.73 34.53
C LEU B 118 25.19 -16.07 34.65
N GLU B 119 24.49 -17.14 35.06
CA GLU B 119 25.12 -18.43 35.42
C GLU B 119 24.14 -19.57 35.16
N ILE B 120 24.67 -20.78 34.98
CA ILE B 120 23.81 -21.94 34.73
C ILE B 120 23.03 -22.26 36.01
N PRO B 121 21.68 -22.14 36.01
CA PRO B 121 20.89 -22.44 37.20
C PRO B 121 21.28 -23.80 37.78
N GLN B 122 21.52 -23.84 39.10
CA GLN B 122 21.92 -25.05 39.78
C GLN B 122 20.68 -25.75 40.39
N GLY B 123 20.94 -26.86 41.10
CA GLY B 123 19.90 -27.60 41.76
C GLY B 123 18.80 -28.00 40.80
N LEU B 124 19.20 -28.53 39.64
CA LEU B 124 18.26 -29.02 38.68
C LEU B 124 18.06 -30.50 38.93
N PRO B 125 16.84 -31.02 38.68
CA PRO B 125 16.57 -32.45 38.83
C PRO B 125 17.37 -33.31 37.85
N PRO B 126 17.62 -34.58 38.24
CA PRO B 126 18.43 -35.51 37.45
C PRO B 126 17.65 -36.16 36.29
N SER B 127 16.37 -35.83 36.18
CA SER B 127 15.50 -36.33 35.10
C SER B 127 15.72 -35.55 33.79
N LEU B 128 16.37 -34.38 33.91
CA LEU B 128 16.40 -33.38 32.86
C LEU B 128 17.16 -33.92 31.64
N GLN B 129 16.50 -33.96 30.49
CA GLN B 129 17.08 -34.41 29.19
C GLN B 129 17.45 -33.21 28.31
N LEU B 130 16.73 -32.07 28.45
CA LEU B 130 16.91 -30.92 27.57
C LEU B 130 16.92 -29.65 28.41
N LEU B 131 17.90 -28.78 28.14
CA LEU B 131 18.08 -27.54 28.87
C LEU B 131 18.54 -26.49 27.87
N SER B 132 17.79 -25.39 27.79
CA SER B 132 18.02 -24.34 26.81
C SER B 132 18.29 -23.04 27.57
N LEU B 133 19.44 -22.42 27.30
CA LEU B 133 19.84 -21.19 27.97
C LEU B 133 20.31 -20.13 26.95
N GLU B 134 19.78 -20.21 25.71
CA GLU B 134 20.14 -19.28 24.65
C GLU B 134 19.81 -17.86 25.12
N ALA B 135 20.62 -16.89 24.69
CA ALA B 135 20.31 -15.47 24.84
C ALA B 135 20.25 -15.07 26.32
N ASN B 136 21.09 -15.71 27.14
CA ASN B 136 21.39 -15.22 28.48
C ASN B 136 22.78 -14.59 28.43
N ASN B 137 23.42 -14.38 29.58
CA ASN B 137 24.76 -13.71 29.67
C ASN B 137 25.75 -14.65 30.38
N ILE B 138 25.76 -15.90 29.93
CA ILE B 138 26.61 -16.96 30.42
C ILE B 138 27.71 -17.16 29.39
N PHE B 139 28.94 -16.70 29.69
CA PHE B 139 30.03 -16.78 28.73
C PHE B 139 31.31 -17.37 29.35
N SER B 140 31.12 -18.22 30.38
CA SER B 140 32.13 -19.11 30.92
C SER B 140 31.46 -20.38 31.46
N ILE B 141 31.85 -21.52 30.90
CA ILE B 141 31.38 -22.83 31.28
C ILE B 141 32.47 -23.50 32.11
N ARG B 142 32.11 -23.87 33.34
CA ARG B 142 33.00 -24.60 34.23
C ARG B 142 32.45 -26.00 34.45
N LYS B 143 33.37 -26.99 34.42
CA LYS B 143 33.05 -28.38 34.61
C LYS B 143 32.16 -28.57 35.85
N GLU B 144 32.45 -27.84 36.92
CA GLU B 144 31.74 -27.97 38.20
C GLU B 144 30.24 -27.68 38.05
N GLN B 145 29.89 -26.61 37.31
CA GLN B 145 28.52 -26.11 37.13
C GLN B 145 27.68 -27.08 36.29
N LEU B 146 28.34 -27.98 35.58
CA LEU B 146 27.71 -28.92 34.66
C LEU B 146 27.53 -30.32 35.26
N THR B 147 27.88 -30.53 36.55
CA THR B 147 27.83 -31.91 37.11
C THR B 147 26.36 -32.30 37.33
N GLU B 148 25.51 -31.33 37.67
CA GLU B 148 24.05 -31.55 37.83
C GLU B 148 23.46 -32.20 36.56
N LEU B 149 24.12 -32.08 35.41
CA LEU B 149 23.44 -32.41 34.16
C LEU B 149 23.79 -33.82 33.68
N ALA B 150 24.06 -34.77 34.59
CA ALA B 150 24.48 -36.13 34.21
C ALA B 150 23.65 -36.67 33.04
N ASN B 151 22.32 -36.72 33.24
CA ASN B 151 21.45 -37.41 32.30
C ASN B 151 21.06 -36.53 31.11
N ILE B 152 21.72 -35.37 30.93
CA ILE B 152 21.31 -34.42 29.91
C ILE B 152 21.70 -34.93 28.53
N GLU B 153 20.81 -34.68 27.56
CA GLU B 153 20.93 -35.13 26.17
C GLU B 153 21.01 -33.96 25.19
N ILE B 154 20.32 -32.84 25.48
CA ILE B 154 20.24 -31.70 24.54
C ILE B 154 20.51 -30.41 25.32
N LEU B 155 21.53 -29.67 24.87
CA LEU B 155 22.02 -28.52 25.59
C LEU B 155 22.26 -27.36 24.61
N TYR B 156 21.46 -26.29 24.76
CA TYR B 156 21.53 -25.07 23.96
C TYR B 156 22.14 -23.96 24.79
N LEU B 157 23.37 -23.56 24.42
CA LEU B 157 24.09 -22.50 25.16
C LEU B 157 24.40 -21.29 24.28
N GLY B 158 23.85 -21.26 23.05
CA GLY B 158 24.25 -20.28 22.04
C GLY B 158 23.72 -18.89 22.34
N GLN B 159 24.18 -17.91 21.55
CA GLN B 159 23.63 -16.55 21.53
C GLN B 159 23.84 -15.86 22.89
N ASN B 160 24.86 -16.27 23.63
CA ASN B 160 25.16 -15.66 24.91
C ASN B 160 26.23 -14.58 24.78
N CYS B 161 26.96 -14.52 23.65
CA CYS B 161 28.00 -13.50 23.47
C CYS B 161 28.24 -13.23 21.98
N TYR B 162 27.49 -12.25 21.44
CA TYR B 162 27.51 -11.89 20.02
C TYR B 162 26.95 -10.47 19.87
N TYR B 163 26.87 -9.96 18.64
CA TYR B 163 26.71 -8.52 18.43
C TYR B 163 25.36 -8.02 19.00
N ARG B 164 24.30 -8.82 18.93
CA ARG B 164 22.98 -8.46 19.50
C ARG B 164 22.94 -8.62 21.03
N ASN B 165 23.94 -9.27 21.63
CA ASN B 165 23.91 -9.61 23.04
C ASN B 165 25.34 -9.74 23.54
N PRO B 166 26.13 -8.65 23.47
CA PRO B 166 27.58 -8.73 23.71
C PRO B 166 27.99 -8.98 25.16
N CYS B 167 29.13 -9.69 25.33
CA CYS B 167 29.74 -10.02 26.61
C CYS B 167 31.14 -9.38 26.72
N TYR B 168 31.68 -8.90 25.60
CA TYR B 168 32.92 -8.10 25.56
C TYR B 168 34.18 -8.92 25.96
N VAL B 169 34.12 -10.26 25.97
CA VAL B 169 35.32 -11.10 26.16
C VAL B 169 35.19 -12.38 25.30
N SER B 170 36.23 -13.22 25.32
CA SER B 170 36.13 -14.52 24.72
C SER B 170 35.25 -15.44 25.57
N TYR B 171 34.47 -16.29 24.90
CA TYR B 171 33.83 -17.38 25.56
C TYR B 171 34.93 -18.23 26.19
N SER B 172 34.66 -18.82 27.37
CA SER B 172 35.62 -19.70 28.08
C SER B 172 34.95 -21.02 28.38
N ILE B 173 35.68 -22.12 28.14
CA ILE B 173 35.21 -23.46 28.46
C ILE B 173 36.37 -24.22 29.12
N GLU B 174 36.14 -24.76 30.32
CA GLU B 174 37.17 -25.54 30.99
C GLU B 174 37.42 -26.85 30.23
N LYS B 175 38.69 -27.26 30.21
CA LYS B 175 39.14 -28.53 29.66
C LYS B 175 38.16 -29.62 30.16
N ASP B 176 37.66 -30.42 29.22
CA ASP B 176 36.87 -31.66 29.49
C ASP B 176 35.54 -31.34 30.20
N ALA B 177 35.05 -30.10 30.04
CA ALA B 177 33.89 -29.63 30.82
C ALA B 177 32.65 -30.49 30.54
N PHE B 178 32.48 -30.94 29.31
CA PHE B 178 31.30 -31.69 28.92
C PHE B 178 31.58 -33.20 28.87
N LEU B 179 32.80 -33.64 29.19
CA LEU B 179 33.23 -35.03 28.90
C LEU B 179 32.38 -36.04 29.67
N ASN B 180 32.13 -35.76 30.96
CA ASN B 180 31.41 -36.68 31.86
C ASN B 180 29.88 -36.61 31.66
N LEU B 181 29.38 -35.71 30.79
CA LEU B 181 27.97 -35.71 30.36
C LEU B 181 27.79 -36.82 29.32
N THR B 182 27.59 -38.04 29.82
CA THR B 182 27.84 -39.25 29.05
C THR B 182 26.63 -39.63 28.19
N LYS B 183 25.55 -38.82 28.23
CA LYS B 183 24.33 -39.06 27.43
C LYS B 183 24.04 -37.90 26.47
N LEU B 184 24.99 -36.95 26.37
CA LEU B 184 24.84 -35.74 25.59
C LEU B 184 24.84 -36.07 24.10
N LYS B 185 23.82 -35.58 23.39
CA LYS B 185 23.58 -35.88 22.00
C LYS B 185 23.79 -34.61 21.18
N VAL B 186 23.18 -33.49 21.63
CA VAL B 186 23.20 -32.19 20.95
C VAL B 186 23.79 -31.12 21.86
N LEU B 187 24.86 -30.46 21.38
CA LEU B 187 25.50 -29.32 22.03
C LEU B 187 25.61 -28.21 20.98
N SER B 188 25.06 -27.03 21.33
CA SER B 188 25.03 -25.85 20.48
C SER B 188 25.71 -24.71 21.22
N LEU B 189 26.78 -24.17 20.62
CA LEU B 189 27.58 -23.09 21.18
C LEU B 189 27.70 -21.98 20.16
N LYS B 190 26.70 -21.90 19.27
CA LYS B 190 26.66 -20.95 18.18
C LYS B 190 26.57 -19.54 18.75
N ASP B 191 27.09 -18.57 18.00
CA ASP B 191 26.91 -17.17 18.32
C ASP B 191 27.41 -16.90 19.74
N ASN B 192 28.62 -17.39 20.07
CA ASN B 192 29.12 -17.29 21.45
C ASN B 192 30.52 -16.68 21.55
N ASN B 193 31.15 -16.25 20.45
CA ASN B 193 32.49 -15.68 20.54
C ASN B 193 33.50 -16.73 21.05
N VAL B 194 33.30 -18.00 20.66
CA VAL B 194 34.17 -19.14 21.01
C VAL B 194 35.46 -19.06 20.20
N THR B 195 36.60 -19.46 20.78
CA THR B 195 37.94 -19.29 20.12
C THR B 195 38.62 -20.62 19.79
N THR B 196 38.20 -21.72 20.41
CA THR B 196 38.69 -23.08 20.04
C THR B 196 37.58 -24.10 20.25
N VAL B 197 37.59 -25.15 19.45
CA VAL B 197 36.72 -26.28 19.67
C VAL B 197 36.95 -26.77 21.09
N PRO B 198 35.93 -26.81 21.99
CA PRO B 198 36.14 -27.29 23.34
C PRO B 198 36.47 -28.78 23.27
N THR B 199 37.45 -29.21 24.08
CA THR B 199 37.80 -30.63 24.16
C THR B 199 37.96 -30.97 25.63
N VAL B 200 37.81 -32.24 25.99
CA VAL B 200 37.29 -33.30 25.12
C VAL B 200 35.77 -33.35 25.29
N LEU B 201 35.10 -33.71 24.18
CA LEU B 201 33.66 -33.78 24.13
C LEU B 201 33.25 -35.25 24.26
N PRO B 202 32.09 -35.55 24.88
CA PRO B 202 31.65 -36.93 24.98
C PRO B 202 31.36 -37.51 23.59
N SER B 203 31.70 -38.80 23.41
CA SER B 203 31.70 -39.47 22.09
C SER B 203 30.26 -39.75 21.63
N THR B 204 29.33 -39.40 22.50
CA THR B 204 27.98 -39.77 22.43
C THR B 204 27.19 -38.75 21.57
N LEU B 205 27.86 -37.62 21.23
CA LEU B 205 27.32 -36.49 20.42
C LEU B 205 26.91 -36.98 19.03
N THR B 206 25.71 -36.55 18.64
CA THR B 206 25.15 -36.74 17.31
C THR B 206 25.20 -35.45 16.51
N GLU B 207 25.07 -34.31 17.21
CA GLU B 207 25.01 -32.99 16.59
C GLU B 207 25.85 -31.96 17.37
N LEU B 208 26.72 -31.25 16.65
CA LEU B 208 27.61 -30.23 17.26
C LEU B 208 27.52 -28.95 16.43
N TYR B 209 27.13 -27.84 17.09
CA TYR B 209 26.89 -26.52 16.44
C TYR B 209 27.87 -25.49 17.02
N LEU B 210 28.81 -25.02 16.18
CA LEU B 210 29.88 -24.07 16.61
C LEU B 210 29.93 -22.87 15.67
N TYR B 211 28.85 -22.62 14.91
CA TYR B 211 28.89 -21.59 13.90
C TYR B 211 28.76 -20.20 14.51
N ASN B 212 29.22 -19.20 13.74
CA ASN B 212 29.25 -17.80 14.15
C ASN B 212 30.02 -17.70 15.48
N ASN B 213 31.33 -17.89 15.39
CA ASN B 213 32.26 -17.83 16.50
C ASN B 213 33.60 -17.25 15.98
N MET B 214 34.64 -17.24 16.83
CA MET B 214 35.99 -16.77 16.50
C MET B 214 36.98 -17.94 16.51
N ILE B 215 36.58 -19.10 15.99
CA ILE B 215 37.50 -20.23 15.84
C ILE B 215 38.30 -20.00 14.55
N ALA B 216 39.62 -19.89 14.71
CA ALA B 216 40.59 -19.59 13.66
C ALA B 216 41.15 -20.88 13.04
N GLU B 217 41.24 -21.93 13.88
CA GLU B 217 41.96 -23.12 13.57
C GLU B 217 41.28 -24.32 14.21
N ILE B 218 41.18 -25.40 13.44
CA ILE B 218 40.79 -26.70 13.93
C ILE B 218 42.08 -27.51 14.16
N GLN B 219 42.33 -27.92 15.43
CA GLN B 219 43.39 -28.90 15.77
C GLN B 219 43.00 -30.27 15.16
N GLU B 220 44.01 -31.05 14.77
CA GLU B 220 43.76 -32.26 13.96
C GLU B 220 43.00 -33.31 14.77
N ASP B 221 43.02 -33.17 16.10
CA ASP B 221 42.40 -34.16 16.99
C ASP B 221 41.18 -33.58 17.71
N ASP B 222 40.72 -32.39 17.30
CA ASP B 222 39.55 -31.71 17.86
C ASP B 222 38.28 -32.60 17.80
N PHE B 223 38.15 -33.50 16.81
CA PHE B 223 36.89 -34.31 16.67
C PHE B 223 37.18 -35.81 16.67
N ASN B 224 38.30 -36.22 17.29
CA ASN B 224 38.82 -37.61 17.26
C ASN B 224 37.84 -38.63 17.83
N ASN B 225 37.14 -38.28 18.90
CA ASN B 225 36.35 -39.28 19.58
C ASN B 225 34.93 -39.36 19.02
N LEU B 226 34.52 -38.42 18.15
CA LEU B 226 33.09 -38.16 17.90
C LEU B 226 32.51 -39.10 16.84
N ASN B 227 32.64 -40.40 17.10
CA ASN B 227 32.37 -41.42 16.11
C ASN B 227 30.87 -41.70 16.03
N GLN B 228 30.03 -40.92 16.75
CA GLN B 228 28.56 -40.99 16.59
C GLN B 228 28.01 -39.72 15.92
N LEU B 229 28.88 -38.77 15.59
CA LEU B 229 28.45 -37.46 15.09
C LEU B 229 27.85 -37.59 13.69
N GLN B 230 26.72 -36.88 13.48
CA GLN B 230 25.91 -36.88 12.25
C GLN B 230 25.84 -35.47 11.64
N ILE B 231 25.75 -34.42 12.49
CA ILE B 231 25.73 -33.05 12.03
C ILE B 231 26.87 -32.28 12.71
N LEU B 232 27.67 -31.61 11.89
CA LEU B 232 28.70 -30.67 12.36
C LEU B 232 28.55 -29.37 11.58
N ASP B 233 28.56 -28.25 12.29
CA ASP B 233 28.43 -26.92 11.68
C ASP B 233 29.55 -26.03 12.24
N LEU B 234 30.47 -25.63 11.35
CA LEU B 234 31.59 -24.76 11.70
C LEU B 234 31.47 -23.44 10.94
N SER B 235 30.27 -23.18 10.41
CA SER B 235 30.03 -22.01 9.54
C SER B 235 30.33 -20.69 10.24
N GLY B 236 30.77 -19.68 9.47
CA GLY B 236 30.90 -18.33 10.01
C GLY B 236 31.96 -18.20 11.08
N ASN B 237 32.96 -19.07 11.03
CA ASN B 237 34.26 -18.86 11.63
C ASN B 237 35.22 -18.47 10.50
N CYS B 238 35.79 -17.26 10.58
CA CYS B 238 36.50 -16.63 9.42
C CYS B 238 35.50 -16.41 8.29
N PRO B 239 34.44 -15.64 8.57
CA PRO B 239 33.41 -15.39 7.57
C PRO B 239 33.88 -14.55 6.37
N ARG B 240 33.17 -14.73 5.25
CA ARG B 240 33.28 -13.89 4.10
C ARG B 240 32.34 -12.71 4.30
N CYS B 241 32.91 -11.51 4.48
CA CYS B 241 32.21 -10.36 5.05
C CYS B 241 31.72 -9.36 4.01
N TYR B 242 31.98 -9.58 2.72
CA TYR B 242 31.48 -8.70 1.65
C TYR B 242 29.93 -8.68 1.69
N ASN B 243 29.35 -7.46 1.65
CA ASN B 243 27.87 -7.20 1.75
C ASN B 243 27.19 -8.01 2.87
N ALA B 244 27.93 -8.28 3.94
CA ALA B 244 27.31 -8.90 5.07
C ALA B 244 26.29 -7.92 5.66
N PRO B 245 25.04 -8.37 5.89
CA PRO B 245 24.04 -7.51 6.53
C PRO B 245 24.00 -7.65 8.06
N PHE B 246 25.10 -8.12 8.64
CA PHE B 246 25.36 -8.05 10.07
C PHE B 246 26.78 -7.53 10.24
N PRO B 247 27.22 -7.00 11.39
CA PRO B 247 28.64 -6.66 11.57
C PRO B 247 29.44 -7.95 11.42
N CYS B 248 30.59 -7.85 10.74
CA CYS B 248 31.29 -9.01 10.29
C CYS B 248 32.79 -8.73 10.43
N THR B 249 33.49 -9.54 11.21
CA THR B 249 34.94 -9.41 11.32
C THR B 249 35.62 -10.64 10.73
N PRO B 250 36.38 -10.48 9.62
CA PRO B 250 37.06 -11.60 8.97
C PRO B 250 38.34 -11.91 9.75
N CYS B 251 38.82 -13.14 9.63
CA CYS B 251 40.12 -13.49 10.16
C CYS B 251 41.18 -12.64 9.45
N LYS B 252 42.18 -12.19 10.21
CA LYS B 252 43.20 -11.32 9.66
C LYS B 252 43.98 -12.09 8.59
N ASN B 253 44.66 -11.32 7.73
CA ASN B 253 45.53 -11.85 6.66
C ASN B 253 44.68 -12.55 5.60
N ASN B 254 43.37 -12.23 5.53
CA ASN B 254 42.38 -12.95 4.68
C ASN B 254 42.50 -14.47 4.88
N SER B 255 42.67 -14.90 6.11
CA SER B 255 42.95 -16.27 6.34
C SER B 255 41.62 -17.02 6.34
N PRO B 256 41.56 -18.30 5.91
CA PRO B 256 40.40 -19.16 6.16
C PRO B 256 40.42 -19.84 7.53
N LEU B 257 39.28 -20.43 7.90
CA LEU B 257 39.27 -21.45 8.89
C LEU B 257 40.23 -22.51 8.40
N GLN B 258 41.18 -22.87 9.26
CA GLN B 258 42.24 -23.79 8.90
C GLN B 258 41.92 -25.16 9.50
N ILE B 259 41.77 -26.14 8.59
CA ILE B 259 41.29 -27.45 8.93
C ILE B 259 42.30 -28.48 8.45
N PRO B 260 43.07 -29.09 9.35
CA PRO B 260 43.88 -30.25 9.00
C PRO B 260 43.13 -31.20 8.08
N VAL B 261 43.88 -31.76 7.12
CA VAL B 261 43.31 -32.62 6.09
C VAL B 261 42.71 -33.87 6.73
N ASN B 262 43.17 -34.24 7.93
CA ASN B 262 42.71 -35.46 8.61
C ASN B 262 41.76 -35.12 9.78
N ALA B 263 41.16 -33.92 9.78
CA ALA B 263 40.43 -33.47 10.95
C ALA B 263 39.14 -34.27 11.11
N PHE B 264 38.58 -34.78 9.98
CA PHE B 264 37.22 -35.40 9.99
C PHE B 264 37.30 -36.93 10.03
N ASP B 265 38.50 -37.50 10.19
CA ASP B 265 38.75 -38.94 9.95
C ASP B 265 37.86 -39.83 10.83
N ALA B 266 37.68 -39.41 12.09
CA ALA B 266 36.89 -40.12 13.07
C ALA B 266 35.38 -40.11 12.74
N LEU B 267 34.89 -39.21 11.86
CA LEU B 267 33.46 -38.89 11.78
C LEU B 267 32.76 -39.77 10.74
N THR B 268 32.81 -41.09 10.94
CA THR B 268 32.37 -42.08 9.96
C THR B 268 30.86 -42.03 9.82
N GLU B 269 30.19 -41.45 10.83
CA GLU B 269 28.73 -41.40 10.87
C GLU B 269 28.18 -40.08 10.32
N LEU B 270 29.07 -39.12 9.99
CA LEU B 270 28.67 -37.76 9.61
C LEU B 270 27.82 -37.80 8.35
N LYS B 271 26.72 -37.06 8.40
CA LYS B 271 25.68 -36.96 7.37
C LYS B 271 25.60 -35.52 6.81
N VAL B 272 25.83 -34.51 7.68
CA VAL B 272 25.69 -33.10 7.36
C VAL B 272 26.92 -32.33 7.87
N LEU B 273 27.63 -31.71 6.93
CA LEU B 273 28.76 -30.87 7.21
C LEU B 273 28.46 -29.48 6.63
N ARG B 274 28.55 -28.46 7.47
CA ARG B 274 28.23 -27.11 7.10
C ARG B 274 29.46 -26.25 7.29
N LEU B 275 30.01 -25.77 6.16
CA LEU B 275 31.16 -24.89 6.13
C LEU B 275 30.80 -23.69 5.24
N HIS B 276 29.71 -23.03 5.64
CA HIS B 276 29.23 -21.78 5.10
C HIS B 276 30.06 -20.65 5.72
N SER B 277 30.53 -19.72 4.89
CA SER B 277 31.21 -18.51 5.36
C SER B 277 32.43 -18.85 6.22
N ASN B 278 33.37 -19.61 5.64
CA ASN B 278 34.65 -19.93 6.27
C ASN B 278 35.83 -19.46 5.41
N SER B 279 35.54 -18.62 4.39
CA SER B 279 36.55 -17.98 3.56
C SER B 279 37.49 -19.02 2.91
N LEU B 280 36.96 -20.21 2.60
CA LEU B 280 37.75 -21.29 1.99
C LEU B 280 38.11 -20.97 0.54
N GLN B 281 39.35 -21.29 0.18
CA GLN B 281 39.85 -21.07 -1.20
C GLN B 281 40.02 -22.41 -1.90
N HIS B 282 40.24 -23.48 -1.11
CA HIS B 282 40.46 -24.84 -1.57
C HIS B 282 39.62 -25.79 -0.70
N VAL B 283 39.23 -26.91 -1.31
CA VAL B 283 38.52 -27.98 -0.62
C VAL B 283 39.32 -29.26 -0.84
N PRO B 284 40.25 -29.58 0.09
CA PRO B 284 41.08 -30.78 -0.03
C PRO B 284 40.25 -32.07 -0.06
N PRO B 285 40.40 -32.89 -1.13
CA PRO B 285 39.82 -34.23 -1.16
C PRO B 285 40.05 -35.04 0.12
N ARG B 286 41.26 -34.90 0.66
CA ARG B 286 41.71 -35.63 1.82
C ARG B 286 40.71 -35.49 2.99
N TRP B 287 39.95 -34.38 3.05
CA TRP B 287 38.92 -34.14 4.11
C TRP B 287 37.96 -35.34 4.14
N PHE B 288 37.51 -35.74 2.94
CA PHE B 288 36.36 -36.64 2.82
C PHE B 288 36.79 -38.10 2.63
N LYS B 289 38.04 -38.44 2.95
CA LYS B 289 38.59 -39.79 2.72
C LYS B 289 37.76 -40.86 3.47
N ASN B 290 37.46 -40.66 4.76
CA ASN B 290 36.78 -41.68 5.59
C ASN B 290 35.34 -41.26 5.94
N ILE B 291 34.68 -40.52 5.04
CA ILE B 291 33.27 -40.20 5.21
C ILE B 291 32.55 -40.49 3.89
N ASN B 292 31.98 -41.68 3.78
CA ASN B 292 31.32 -42.05 2.55
C ASN B 292 29.82 -41.77 2.64
N ASN B 293 29.32 -41.50 3.85
CA ASN B 293 27.88 -41.39 4.09
C ASN B 293 27.41 -39.94 4.11
N LEU B 294 28.29 -38.99 3.80
CA LEU B 294 27.90 -37.60 3.82
C LEU B 294 26.80 -37.37 2.77
N GLN B 295 25.73 -36.69 3.20
CA GLN B 295 24.49 -36.47 2.43
C GLN B 295 24.26 -34.98 2.11
N GLU B 296 24.56 -34.10 3.06
CA GLU B 296 24.36 -32.68 2.92
C GLU B 296 25.71 -31.97 3.18
N LEU B 297 26.15 -31.17 2.22
CA LEU B 297 27.37 -30.38 2.34
C LEU B 297 27.11 -28.93 1.92
N ASP B 298 27.36 -27.98 2.84
CA ASP B 298 27.18 -26.54 2.58
C ASP B 298 28.56 -25.87 2.49
N LEU B 299 28.92 -25.44 1.26
CA LEU B 299 30.20 -24.72 1.02
C LEU B 299 29.92 -23.31 0.48
N SER B 300 28.73 -22.78 0.81
CA SER B 300 28.30 -21.46 0.40
C SER B 300 29.11 -20.39 1.13
N GLN B 301 29.29 -19.26 0.45
CA GLN B 301 29.89 -18.03 1.01
C GLN B 301 31.36 -18.26 1.35
N ASN B 302 32.07 -18.92 0.45
CA ASN B 302 33.51 -19.05 0.52
C ASN B 302 34.10 -18.30 -0.68
N PHE B 303 35.37 -18.55 -1.01
CA PHE B 303 35.99 -18.07 -2.24
C PHE B 303 36.38 -19.28 -3.09
N LEU B 304 35.38 -20.03 -3.55
CA LEU B 304 35.62 -21.29 -4.22
C LEU B 304 35.26 -21.21 -5.72
N ALA B 305 35.23 -20.01 -6.31
CA ALA B 305 34.98 -19.89 -7.75
C ALA B 305 35.93 -20.80 -8.55
N LYS B 306 37.25 -20.60 -8.39
CA LYS B 306 38.25 -21.38 -9.13
C LYS B 306 38.01 -22.87 -8.88
N GLU B 307 37.85 -23.22 -7.60
CA GLU B 307 37.76 -24.61 -7.17
C GLU B 307 36.59 -25.32 -7.88
N ILE B 308 35.50 -24.60 -8.16
CA ILE B 308 34.32 -25.19 -8.78
C ILE B 308 34.69 -25.76 -10.15
N GLY B 309 35.75 -25.23 -10.76
CA GLY B 309 36.19 -25.68 -12.08
C GLY B 309 37.08 -26.91 -12.03
N ASP B 310 37.36 -27.39 -10.81
CA ASP B 310 38.33 -28.45 -10.52
C ASP B 310 37.62 -29.49 -9.65
N ALA B 311 37.58 -29.24 -8.34
CA ALA B 311 36.68 -29.92 -7.41
C ALA B 311 36.90 -31.43 -7.42
N LYS B 312 38.15 -31.87 -7.25
CA LYS B 312 38.50 -33.26 -7.15
C LYS B 312 37.79 -33.89 -5.94
N PHE B 313 37.48 -33.09 -4.91
CA PHE B 313 36.86 -33.64 -3.68
C PHE B 313 35.53 -34.34 -4.01
N LEU B 314 34.88 -34.00 -5.12
CA LEU B 314 33.54 -34.52 -5.44
C LEU B 314 33.58 -36.03 -5.67
N HIS B 315 34.72 -36.54 -6.12
CA HIS B 315 34.89 -37.98 -6.41
C HIS B 315 34.70 -38.81 -5.13
N PHE B 316 34.77 -38.19 -3.96
CA PHE B 316 34.75 -38.91 -2.69
C PHE B 316 33.36 -38.79 -2.04
N LEU B 317 32.34 -38.34 -2.78
CA LEU B 317 31.04 -38.03 -2.17
C LEU B 317 29.93 -38.66 -2.98
N PRO B 318 30.00 -39.96 -3.28
CA PRO B 318 28.99 -40.62 -4.11
C PRO B 318 27.63 -40.78 -3.42
N ASN B 319 27.53 -40.53 -2.11
CA ASN B 319 26.24 -40.59 -1.43
C ASN B 319 25.60 -39.20 -1.22
N LEU B 320 26.28 -38.13 -1.65
CA LEU B 320 25.80 -36.79 -1.38
C LEU B 320 24.45 -36.57 -2.07
N ILE B 321 23.51 -36.00 -1.31
CA ILE B 321 22.16 -35.68 -1.74
C ILE B 321 22.06 -34.19 -2.11
N GLN B 322 22.57 -33.31 -1.23
CA GLN B 322 22.56 -31.84 -1.37
C GLN B 322 23.97 -31.28 -1.39
N LEU B 323 24.24 -30.42 -2.37
CA LEU B 323 25.48 -29.64 -2.46
C LEU B 323 25.11 -28.17 -2.67
N ASP B 324 25.65 -27.31 -1.81
CA ASP B 324 25.49 -25.88 -1.95
C ASP B 324 26.86 -25.21 -2.15
N LEU B 325 27.04 -24.58 -3.32
CA LEU B 325 28.25 -23.83 -3.62
C LEU B 325 27.92 -22.35 -3.95
N SER B 326 26.86 -21.83 -3.32
CA SER B 326 26.32 -20.48 -3.61
C SER B 326 27.20 -19.36 -2.99
N PHE B 327 27.24 -18.24 -3.70
CA PHE B 327 28.00 -17.07 -3.32
C PHE B 327 29.47 -17.44 -3.09
N ASN B 328 30.14 -17.90 -4.16
CA ASN B 328 31.60 -18.10 -4.15
C ASN B 328 32.32 -17.15 -5.13
N PHE B 329 31.59 -16.23 -5.76
CA PHE B 329 32.15 -15.35 -6.81
C PHE B 329 33.37 -14.58 -6.30
N GLU B 330 34.31 -14.29 -7.19
CA GLU B 330 35.40 -13.35 -6.95
C GLU B 330 34.91 -11.89 -7.04
N LEU B 331 35.17 -11.12 -5.98
CA LEU B 331 34.87 -9.69 -5.97
C LEU B 331 35.44 -9.06 -7.25
N GLN B 332 34.66 -8.22 -7.92
CA GLN B 332 35.10 -7.37 -9.04
C GLN B 332 35.16 -8.14 -10.36
N VAL B 333 34.59 -9.34 -10.43
CA VAL B 333 34.71 -10.14 -11.62
C VAL B 333 33.32 -10.53 -12.14
N TYR B 334 33.18 -10.47 -13.47
CA TYR B 334 31.97 -10.88 -14.12
C TYR B 334 32.36 -11.92 -15.17
N ARG B 335 32.56 -13.16 -14.71
CA ARG B 335 32.95 -14.27 -15.56
C ARG B 335 32.03 -14.35 -16.78
N ALA B 336 32.60 -14.84 -17.90
CA ALA B 336 31.90 -14.98 -19.15
C ALA B 336 31.01 -16.21 -19.15
N SER B 337 31.35 -17.20 -18.32
CA SER B 337 30.70 -18.51 -18.35
C SER B 337 30.90 -19.24 -17.03
N MET B 338 30.10 -20.28 -16.80
CA MET B 338 30.23 -21.14 -15.64
C MET B 338 31.07 -22.36 -16.00
N ASN B 339 32.20 -22.51 -15.29
CA ASN B 339 33.15 -23.56 -15.51
C ASN B 339 32.92 -24.61 -14.42
N LEU B 340 32.14 -25.64 -14.75
CA LEU B 340 31.85 -26.79 -13.88
C LEU B 340 32.77 -27.97 -14.20
N SER B 341 33.54 -28.41 -13.20
CA SER B 341 34.41 -29.57 -13.32
C SER B 341 33.62 -30.82 -13.77
N GLN B 342 34.30 -31.75 -14.47
CA GLN B 342 33.72 -33.04 -14.84
C GLN B 342 33.35 -33.78 -13.57
N ALA B 343 34.05 -33.47 -12.47
CA ALA B 343 33.92 -34.21 -11.23
C ALA B 343 32.47 -34.25 -10.77
N PHE B 344 31.70 -33.18 -11.07
CA PHE B 344 30.26 -33.13 -10.73
C PHE B 344 29.55 -34.40 -11.22
N SER B 345 30.06 -34.99 -12.31
CA SER B 345 29.47 -36.19 -12.89
C SER B 345 29.54 -37.40 -11.95
N SER B 346 30.36 -37.33 -10.88
CA SER B 346 30.54 -38.47 -9.99
C SER B 346 29.63 -38.37 -8.77
N LEU B 347 28.62 -37.50 -8.84
CA LEU B 347 27.68 -37.30 -7.73
C LEU B 347 26.42 -38.15 -7.95
N LYS B 348 26.61 -39.48 -7.96
CA LYS B 348 25.61 -40.46 -8.33
C LYS B 348 24.26 -40.14 -7.66
N SER B 349 24.28 -39.82 -6.36
CA SER B 349 23.02 -39.75 -5.54
C SER B 349 22.40 -38.34 -5.50
N LEU B 350 23.09 -37.33 -6.08
CA LEU B 350 22.72 -35.90 -5.92
C LEU B 350 21.29 -35.65 -6.40
N LYS B 351 20.52 -34.99 -5.52
CA LYS B 351 19.14 -34.58 -5.75
C LYS B 351 19.04 -33.05 -5.88
N ILE B 352 19.90 -32.28 -5.18
CA ILE B 352 19.80 -30.82 -5.12
C ILE B 352 21.19 -30.21 -5.33
N LEU B 353 21.31 -29.29 -6.30
CA LEU B 353 22.54 -28.60 -6.52
C LEU B 353 22.23 -27.11 -6.57
N ARG B 354 22.81 -26.33 -5.64
CA ARG B 354 22.67 -24.89 -5.64
C ARG B 354 24.02 -24.23 -5.89
N ILE B 355 24.05 -23.31 -6.86
CA ILE B 355 25.18 -22.46 -7.17
C ILE B 355 24.63 -21.08 -7.54
N ARG B 356 24.00 -20.42 -6.58
CA ARG B 356 23.73 -19.01 -6.69
C ARG B 356 25.05 -18.23 -6.63
N GLY B 357 25.05 -16.99 -7.11
CA GLY B 357 26.13 -16.06 -6.86
C GLY B 357 27.48 -16.60 -7.30
N TYR B 358 27.50 -17.29 -8.44
CA TYR B 358 28.73 -17.59 -9.17
C TYR B 358 29.10 -16.35 -9.98
N VAL B 359 28.08 -15.78 -10.64
CA VAL B 359 28.11 -14.45 -11.28
C VAL B 359 28.83 -14.53 -12.63
N PHE B 360 28.04 -14.73 -13.69
CA PHE B 360 28.53 -14.98 -15.05
C PHE B 360 27.53 -14.55 -16.13
N LYS B 361 28.02 -14.32 -17.35
CA LYS B 361 27.29 -13.59 -18.39
C LYS B 361 26.38 -14.51 -19.21
N GLU B 362 26.85 -15.72 -19.50
CA GLU B 362 26.22 -16.55 -20.50
C GLU B 362 26.26 -18.00 -20.00
N LEU B 363 25.09 -18.64 -20.05
CA LEU B 363 24.96 -20.03 -19.77
C LEU B 363 24.71 -20.76 -21.09
N LYS B 364 25.60 -21.69 -21.43
CA LYS B 364 25.49 -22.50 -22.65
C LYS B 364 25.28 -23.98 -22.28
N SER B 365 24.53 -24.68 -23.13
CA SER B 365 24.11 -26.07 -22.92
C SER B 365 25.28 -26.94 -22.43
N PHE B 366 26.44 -26.81 -23.08
CA PHE B 366 27.57 -27.72 -22.86
C PHE B 366 28.02 -27.62 -21.39
N GLN B 367 27.95 -26.42 -20.81
CA GLN B 367 28.55 -26.12 -19.49
C GLN B 367 27.87 -26.92 -18.38
N LEU B 368 26.64 -27.40 -18.62
CA LEU B 368 25.88 -28.21 -17.63
C LEU B 368 26.08 -29.73 -17.82
N SER B 369 26.99 -30.09 -18.75
CA SER B 369 27.07 -31.48 -19.23
C SER B 369 27.53 -32.43 -18.13
N PRO B 370 28.35 -31.99 -17.14
CA PRO B 370 28.66 -32.84 -16.00
C PRO B 370 27.41 -33.34 -15.27
N LEU B 371 26.29 -32.64 -15.41
CA LEU B 371 25.07 -32.97 -14.67
C LEU B 371 24.17 -33.92 -15.51
N HIS B 372 24.52 -34.13 -16.79
CA HIS B 372 23.64 -34.81 -17.79
C HIS B 372 23.18 -36.19 -17.32
N ASN B 373 24.06 -36.99 -16.67
CA ASN B 373 23.69 -38.36 -16.22
C ASN B 373 23.58 -38.46 -14.70
N LEU B 374 23.17 -37.40 -14.00
CA LEU B 374 22.87 -37.53 -12.58
C LEU B 374 21.39 -37.89 -12.46
N GLN B 375 21.14 -39.21 -12.39
CA GLN B 375 19.81 -39.80 -12.51
C GLN B 375 18.84 -39.17 -11.50
N ASN B 376 19.29 -38.85 -10.27
CA ASN B 376 18.35 -38.46 -9.23
C ASN B 376 18.29 -36.94 -9.03
N LEU B 377 18.92 -36.18 -9.91
CA LEU B 377 18.90 -34.74 -9.75
C LEU B 377 17.45 -34.26 -9.87
N GLU B 378 17.03 -33.47 -8.88
CA GLU B 378 15.68 -32.98 -8.74
C GLU B 378 15.67 -31.44 -8.79
N VAL B 379 16.69 -30.77 -8.24
CA VAL B 379 16.71 -29.29 -8.22
C VAL B 379 18.04 -28.77 -8.73
N LEU B 380 17.99 -27.88 -9.72
CA LEU B 380 19.16 -27.08 -10.13
C LEU B 380 18.83 -25.60 -9.90
N ASP B 381 19.58 -24.94 -9.01
CA ASP B 381 19.40 -23.55 -8.62
C ASP B 381 20.57 -22.70 -9.11
N LEU B 382 20.35 -21.92 -10.18
CA LEU B 382 21.38 -21.00 -10.68
C LEU B 382 20.87 -19.56 -10.57
N GLY B 383 20.19 -19.28 -9.45
CA GLY B 383 19.66 -17.96 -9.17
C GLY B 383 20.74 -16.94 -8.84
N THR B 384 20.38 -15.68 -8.98
CA THR B 384 21.22 -14.56 -8.59
C THR B 384 22.60 -14.77 -9.23
N ASN B 385 22.62 -14.90 -10.55
CA ASN B 385 23.90 -15.05 -11.26
C ASN B 385 24.14 -13.93 -12.27
N PHE B 386 23.16 -13.05 -12.49
CA PHE B 386 23.28 -11.99 -13.49
C PHE B 386 23.56 -12.58 -14.87
N ILE B 387 22.94 -13.75 -15.15
CA ILE B 387 23.00 -14.36 -16.46
C ILE B 387 22.19 -13.49 -17.43
N LYS B 388 22.81 -13.13 -18.55
CA LYS B 388 22.24 -12.24 -19.58
C LYS B 388 21.72 -13.06 -20.78
N ILE B 389 22.21 -14.30 -20.95
CA ILE B 389 21.92 -15.12 -22.14
C ILE B 389 21.79 -16.59 -21.74
N ALA B 390 20.66 -17.20 -22.09
CA ALA B 390 20.42 -18.61 -21.82
C ALA B 390 19.37 -19.17 -22.78
N ASN B 391 19.79 -20.07 -23.68
CA ASN B 391 18.86 -20.74 -24.55
C ASN B 391 18.10 -21.74 -23.68
N LEU B 392 16.86 -21.37 -23.32
CA LEU B 392 16.07 -22.10 -22.35
C LEU B 392 15.86 -23.55 -22.83
N SER B 393 16.04 -23.77 -24.14
CA SER B 393 15.85 -25.11 -24.74
C SER B 393 16.91 -26.11 -24.25
N MET B 394 17.98 -25.64 -23.60
CA MET B 394 18.97 -26.55 -23.06
C MET B 394 18.31 -27.42 -21.98
N PHE B 395 17.22 -26.96 -21.37
CA PHE B 395 16.64 -27.67 -20.23
C PHE B 395 15.82 -28.90 -20.72
N LYS B 396 15.84 -29.14 -22.04
CA LYS B 396 15.21 -30.34 -22.64
C LYS B 396 15.93 -31.59 -22.11
N GLN B 397 17.20 -31.43 -21.73
CA GLN B 397 18.01 -32.49 -21.18
C GLN B 397 17.83 -32.56 -19.66
N PHE B 398 16.75 -31.97 -19.13
CA PHE B 398 16.52 -31.93 -17.69
C PHE B 398 15.03 -32.15 -17.38
N LYS B 399 14.34 -32.93 -18.23
CA LYS B 399 12.93 -33.32 -18.01
C LYS B 399 12.70 -33.95 -16.62
N ARG B 400 13.75 -34.62 -16.10
CA ARG B 400 13.64 -35.42 -14.87
C ARG B 400 13.54 -34.51 -13.63
N LEU B 401 14.04 -33.27 -13.72
CA LEU B 401 14.13 -32.35 -12.58
C LEU B 401 12.73 -31.86 -12.22
N LYS B 402 12.55 -31.56 -10.93
CA LYS B 402 11.34 -30.93 -10.37
C LYS B 402 11.37 -29.39 -10.48
N VAL B 403 12.54 -28.77 -10.25
CA VAL B 403 12.73 -27.35 -10.33
C VAL B 403 14.05 -27.00 -11.01
N ILE B 404 13.97 -26.12 -12.01
CA ILE B 404 15.07 -25.40 -12.56
C ILE B 404 14.88 -23.93 -12.20
N ASP B 405 15.73 -23.40 -11.33
CA ASP B 405 15.58 -22.06 -10.75
C ASP B 405 16.59 -21.09 -11.36
N LEU B 406 16.12 -20.18 -12.22
CA LEU B 406 16.93 -19.11 -12.80
C LEU B 406 16.45 -17.75 -12.28
N SER B 407 15.83 -17.78 -11.09
CA SER B 407 15.28 -16.62 -10.44
C SER B 407 16.35 -15.56 -10.14
N VAL B 408 16.04 -14.28 -10.41
CA VAL B 408 16.92 -13.16 -10.11
C VAL B 408 18.14 -13.25 -11.04
N ASN B 409 17.90 -13.01 -12.33
CA ASN B 409 18.96 -13.02 -13.29
C ASN B 409 18.69 -11.85 -14.24
N LYS B 410 19.49 -11.72 -15.31
CA LYS B 410 19.34 -10.63 -16.25
C LYS B 410 19.05 -11.16 -17.67
N ILE B 411 18.42 -12.33 -17.74
CA ILE B 411 18.13 -13.00 -19.00
C ILE B 411 17.17 -12.12 -19.82
N SER B 412 17.40 -12.06 -21.14
CA SER B 412 16.45 -11.50 -22.13
C SER B 412 16.80 -12.00 -23.53
N PRO B 413 15.89 -11.96 -24.51
CA PRO B 413 16.24 -12.27 -25.90
C PRO B 413 17.09 -11.12 -26.48
N VAL B 437 10.84 -24.28 -0.79
CA VAL B 437 11.34 -22.92 -0.94
C VAL B 437 12.32 -22.63 0.21
N LEU B 438 12.91 -21.42 0.19
CA LEU B 438 13.88 -20.90 1.21
C LEU B 438 13.34 -19.59 1.79
N GLU B 439 13.80 -19.22 2.99
CA GLU B 439 13.48 -17.93 3.66
C GLU B 439 14.02 -16.77 2.79
N GLN B 440 13.32 -15.63 2.82
CA GLN B 440 13.54 -14.50 1.84
C GLN B 440 15.00 -14.04 1.92
N LEU B 441 15.53 -13.96 3.14
CA LEU B 441 16.94 -13.63 3.46
C LEU B 441 17.62 -14.91 3.98
N TYR B 442 18.02 -15.78 3.04
CA TYR B 442 18.44 -17.17 3.35
C TYR B 442 19.97 -17.26 3.49
N TYR B 443 20.69 -16.79 2.48
CA TYR B 443 22.16 -16.96 2.40
C TYR B 443 22.87 -15.81 3.11
N PHE B 444 22.11 -14.76 3.45
CA PHE B 444 22.75 -13.55 3.88
C PHE B 444 22.32 -13.13 5.28
N ARG B 445 21.46 -13.91 5.96
CA ARG B 445 21.13 -13.57 7.36
C ARG B 445 22.11 -14.26 8.32
N TYR B 446 22.19 -13.72 9.54
CA TYR B 446 23.25 -14.04 10.52
C TYR B 446 23.12 -15.50 10.97
N ASP B 447 21.95 -15.84 11.52
CA ASP B 447 21.65 -17.16 12.01
C ASP B 447 20.28 -17.54 11.48
N LYS B 448 20.29 -18.24 10.33
CA LYS B 448 19.06 -18.57 9.63
C LYS B 448 18.24 -19.58 10.45
N TYR B 449 18.86 -20.22 11.46
CA TYR B 449 18.15 -21.15 12.39
C TYR B 449 17.97 -20.55 13.78
N ALA B 450 17.80 -19.22 13.89
CA ALA B 450 17.64 -18.53 15.21
C ALA B 450 16.16 -18.61 15.66
N ARG B 451 15.96 -19.11 16.89
CA ARG B 451 14.69 -19.12 17.60
C ARG B 451 14.41 -17.70 18.11
N SER B 452 13.18 -17.23 17.90
CA SER B 452 12.73 -15.97 18.48
C SER B 452 11.92 -16.27 19.75
N CYS B 453 11.41 -15.20 20.36
CA CYS B 453 10.52 -15.29 21.49
C CYS B 453 9.10 -15.60 20.98
N SER B 468 2.79 -21.47 -4.24
CA SER B 468 3.88 -22.09 -4.97
C SER B 468 3.35 -23.22 -5.88
N CYS B 469 4.07 -23.49 -6.97
CA CYS B 469 3.57 -24.26 -8.09
C CYS B 469 4.41 -25.52 -8.31
N TYR B 470 5.30 -25.83 -7.37
CA TYR B 470 6.16 -26.99 -7.44
C TYR B 470 5.31 -28.26 -7.53
N LYS B 471 4.18 -28.29 -6.81
CA LYS B 471 3.32 -29.48 -6.69
C LYS B 471 2.64 -29.84 -8.03
N TYR B 472 2.62 -28.94 -9.00
CA TYR B 472 1.98 -29.20 -10.29
C TYR B 472 2.90 -30.08 -11.15
N GLY B 473 4.19 -30.13 -10.81
CA GLY B 473 5.19 -30.85 -11.59
C GLY B 473 6.38 -29.98 -11.92
N GLN B 474 7.04 -30.27 -13.03
CA GLN B 474 8.29 -29.68 -13.36
C GLN B 474 8.12 -28.17 -13.54
N THR B 475 9.03 -27.42 -12.92
CA THR B 475 8.94 -26.00 -12.80
C THR B 475 10.19 -25.31 -13.39
N LEU B 476 9.95 -24.33 -14.26
CA LEU B 476 10.96 -23.44 -14.69
C LEU B 476 10.68 -22.05 -14.13
N ASP B 477 11.42 -21.68 -13.09
CA ASP B 477 11.34 -20.39 -12.43
C ASP B 477 12.24 -19.38 -13.16
N LEU B 478 11.63 -18.46 -13.93
CA LEU B 478 12.31 -17.39 -14.68
C LEU B 478 11.99 -16.03 -14.05
N SER B 479 11.53 -16.05 -12.79
CA SER B 479 11.08 -14.84 -12.14
C SER B 479 12.23 -13.82 -11.97
N LYS B 480 11.85 -12.54 -11.90
CA LYS B 480 12.77 -11.43 -11.70
C LYS B 480 13.92 -11.53 -12.71
N ASN B 481 13.57 -11.53 -13.98
CA ASN B 481 14.55 -11.45 -15.05
C ASN B 481 14.24 -10.23 -15.91
N SER B 482 14.95 -10.06 -17.01
CA SER B 482 14.78 -8.89 -17.88
C SER B 482 14.15 -9.30 -19.23
N ILE B 483 13.23 -10.26 -19.22
CA ILE B 483 12.55 -10.68 -20.45
C ILE B 483 11.50 -9.61 -20.78
N PHE B 484 11.69 -8.92 -21.91
CA PHE B 484 10.77 -7.88 -22.42
C PHE B 484 9.87 -8.44 -23.52
N PHE B 485 10.36 -9.40 -24.30
CA PHE B 485 9.60 -9.99 -25.41
C PHE B 485 9.65 -11.52 -25.35
N ILE B 486 8.52 -12.18 -25.56
CA ILE B 486 8.46 -13.64 -25.69
C ILE B 486 7.86 -14.04 -27.03
N LYS B 487 8.31 -15.19 -27.52
CA LYS B 487 7.78 -15.83 -28.72
C LYS B 487 7.92 -17.35 -28.57
N SER B 488 7.11 -18.09 -29.35
CA SER B 488 6.98 -19.54 -29.25
C SER B 488 8.33 -20.25 -29.16
N SER B 489 9.27 -19.90 -30.04
CA SER B 489 10.52 -20.64 -30.15
C SER B 489 11.34 -20.58 -28.84
N ASP B 490 11.13 -19.52 -28.04
CA ASP B 490 11.82 -19.34 -26.78
C ASP B 490 11.67 -20.58 -25.91
N PHE B 491 10.54 -21.29 -26.09
CA PHE B 491 10.13 -22.45 -25.29
C PHE B 491 10.23 -23.75 -26.11
N GLN B 492 10.88 -23.70 -27.26
CA GLN B 492 11.05 -24.87 -28.12
C GLN B 492 11.70 -25.99 -27.28
N HIS B 493 11.08 -27.18 -27.33
CA HIS B 493 11.55 -28.38 -26.66
C HIS B 493 11.28 -28.35 -25.16
N LEU B 494 10.38 -27.50 -24.67
CA LEU B 494 10.07 -27.50 -23.24
C LEU B 494 8.61 -27.94 -23.00
N SER B 495 8.09 -28.84 -23.84
CA SER B 495 6.68 -29.24 -23.80
C SER B 495 6.34 -29.86 -22.43
N PHE B 496 7.34 -30.40 -21.77
CA PHE B 496 7.17 -31.17 -20.53
C PHE B 496 6.85 -30.29 -19.30
N LEU B 497 7.01 -28.95 -19.43
CA LEU B 497 6.85 -28.01 -18.28
C LEU B 497 5.39 -27.95 -17.83
N LYS B 498 5.20 -27.93 -16.50
CA LYS B 498 3.90 -27.94 -15.84
C LYS B 498 3.64 -26.57 -15.21
N CYS B 499 4.69 -25.90 -14.70
CA CYS B 499 4.59 -24.56 -14.19
C CYS B 499 5.75 -23.74 -14.77
N LEU B 500 5.45 -22.49 -15.12
CA LEU B 500 6.42 -21.55 -15.62
C LEU B 500 6.22 -20.27 -14.83
N ASN B 501 7.29 -19.75 -14.23
CA ASN B 501 7.21 -18.52 -13.42
C ASN B 501 7.85 -17.38 -14.19
N LEU B 502 7.04 -16.48 -14.73
CA LEU B 502 7.55 -15.33 -15.47
C LEU B 502 7.38 -14.06 -14.64
N SER B 503 6.99 -14.23 -13.37
CA SER B 503 6.76 -13.11 -12.48
C SER B 503 8.00 -12.21 -12.43
N GLY B 504 7.78 -10.91 -12.51
CA GLY B 504 8.84 -9.94 -12.32
C GLY B 504 9.70 -9.77 -13.54
N ASN B 505 9.09 -9.88 -14.73
CA ASN B 505 9.78 -9.56 -15.97
C ASN B 505 9.29 -8.23 -16.52
N LEU B 506 9.57 -7.96 -17.80
CA LEU B 506 9.24 -6.68 -18.39
C LEU B 506 8.21 -6.84 -19.52
N ILE B 507 7.47 -7.95 -19.51
CA ILE B 507 6.69 -8.35 -20.68
C ILE B 507 5.54 -7.35 -20.83
N SER B 508 5.54 -6.68 -21.99
CA SER B 508 4.89 -5.42 -22.20
C SER B 508 4.13 -5.45 -23.55
N GLN B 509 3.60 -6.62 -23.89
CA GLN B 509 3.32 -7.03 -25.26
C GLN B 509 1.87 -7.52 -25.38
N THR B 510 1.33 -7.48 -26.61
CA THR B 510 -0.08 -7.72 -26.87
C THR B 510 -0.29 -9.20 -27.20
N LEU B 511 -0.06 -10.06 -26.21
CA LEU B 511 -0.23 -11.54 -26.31
C LEU B 511 -1.49 -11.85 -27.14
N ASN B 512 -1.31 -12.60 -28.23
CA ASN B 512 -2.37 -12.91 -29.21
C ASN B 512 -2.60 -14.41 -29.31
N GLY B 513 -2.02 -15.21 -28.41
CA GLY B 513 -2.22 -16.65 -28.36
C GLY B 513 -1.20 -17.45 -29.18
N SER B 514 -0.03 -16.86 -29.43
CA SER B 514 0.96 -17.49 -30.28
C SER B 514 2.34 -17.47 -29.63
N GLU B 515 2.42 -17.15 -28.33
CA GLU B 515 3.69 -16.91 -27.67
C GLU B 515 4.17 -18.14 -26.89
N PHE B 516 3.26 -19.04 -26.52
CA PHE B 516 3.54 -20.12 -25.58
C PHE B 516 3.23 -21.47 -26.22
N GLN B 517 3.26 -21.52 -27.56
CA GLN B 517 2.65 -22.62 -28.34
C GLN B 517 3.26 -23.96 -27.92
N PRO B 518 4.57 -24.08 -27.67
CA PRO B 518 5.15 -25.35 -27.22
C PRO B 518 4.69 -25.92 -25.87
N LEU B 519 4.05 -25.09 -25.04
CA LEU B 519 3.80 -25.42 -23.62
C LEU B 519 2.41 -26.06 -23.48
N ALA B 520 2.26 -27.21 -24.15
CA ALA B 520 0.98 -27.87 -24.25
C ALA B 520 0.65 -28.63 -22.97
N GLU B 521 1.60 -28.70 -22.02
CA GLU B 521 1.32 -29.42 -20.76
C GLU B 521 1.18 -28.44 -19.58
N LEU B 522 1.45 -27.16 -19.80
CA LEU B 522 1.54 -26.18 -18.72
C LEU B 522 0.22 -26.14 -17.96
N ARG B 523 0.32 -26.19 -16.63
CA ARG B 523 -0.83 -26.20 -15.73
C ARG B 523 -0.93 -24.88 -14.95
N TYR B 524 0.20 -24.26 -14.68
CA TYR B 524 0.33 -23.06 -13.89
C TYR B 524 1.22 -22.07 -14.64
N LEU B 525 0.76 -20.83 -14.75
CA LEU B 525 1.59 -19.74 -15.22
C LEU B 525 1.47 -18.55 -14.25
N ASP B 526 2.60 -18.13 -13.71
CA ASP B 526 2.71 -16.88 -12.96
C ASP B 526 3.22 -15.79 -13.90
N PHE B 527 2.32 -14.87 -14.26
CA PHE B 527 2.59 -13.70 -15.08
C PHE B 527 2.49 -12.41 -14.27
N SER B 528 2.68 -12.51 -12.95
CA SER B 528 2.51 -11.35 -12.09
C SER B 528 3.70 -10.40 -12.27
N ASN B 529 3.51 -9.12 -11.96
CA ASN B 529 4.56 -8.11 -12.07
C ASN B 529 5.14 -8.15 -13.47
N ASN B 530 4.26 -8.10 -14.47
CA ASN B 530 4.62 -7.79 -15.86
C ASN B 530 3.73 -6.62 -16.30
N ARG B 531 3.58 -6.40 -17.61
CA ARG B 531 2.75 -5.33 -18.14
C ARG B 531 1.85 -5.90 -19.23
N LEU B 532 0.95 -6.81 -18.82
CA LEU B 532 0.03 -7.45 -19.73
C LEU B 532 -0.77 -6.40 -20.49
N ASP B 533 -0.83 -6.57 -21.81
CA ASP B 533 -1.71 -5.79 -22.68
C ASP B 533 -2.79 -6.67 -23.31
N LEU B 534 -4.02 -6.55 -22.80
CA LEU B 534 -5.14 -7.38 -23.25
C LEU B 534 -5.85 -6.69 -24.42
N LEU B 535 -5.10 -6.39 -25.47
CA LEU B 535 -5.73 -5.91 -26.67
C LEU B 535 -6.53 -7.05 -27.28
N HIS B 536 -5.97 -8.27 -27.25
CA HIS B 536 -6.56 -9.43 -27.88
C HIS B 536 -7.15 -10.35 -26.81
N SER B 537 -8.37 -10.84 -27.05
CA SER B 537 -9.05 -11.80 -26.17
C SER B 537 -8.55 -13.23 -26.43
N THR B 538 -7.56 -13.39 -27.33
CA THR B 538 -6.91 -14.67 -27.63
C THR B 538 -5.64 -14.85 -26.76
N ALA B 539 -5.37 -13.89 -25.87
CA ALA B 539 -4.26 -14.00 -24.93
C ALA B 539 -4.37 -15.32 -24.16
N PHE B 540 -3.25 -16.06 -24.12
CA PHE B 540 -3.04 -17.24 -23.26
C PHE B 540 -3.82 -18.48 -23.75
N GLU B 541 -4.56 -18.37 -24.86
CA GLU B 541 -5.45 -19.46 -25.26
C GLU B 541 -4.66 -20.69 -25.73
N GLU B 542 -3.37 -20.53 -26.07
CA GLU B 542 -2.56 -21.66 -26.56
C GLU B 542 -2.27 -22.64 -25.41
N LEU B 543 -2.31 -22.14 -24.17
CA LEU B 543 -2.03 -22.96 -23.00
C LEU B 543 -3.28 -23.77 -22.67
N ARG B 544 -3.43 -24.89 -23.38
CA ARG B 544 -4.69 -25.64 -23.45
C ARG B 544 -4.99 -26.38 -22.15
N LYS B 545 -4.00 -26.57 -21.27
CA LYS B 545 -4.20 -27.33 -20.04
C LYS B 545 -4.03 -26.44 -18.81
N LEU B 546 -4.08 -25.12 -18.99
CA LEU B 546 -3.83 -24.17 -17.92
C LEU B 546 -4.96 -24.21 -16.89
N GLU B 547 -4.58 -24.49 -15.64
CA GLU B 547 -5.49 -24.60 -14.50
C GLU B 547 -5.41 -23.36 -13.61
N VAL B 548 -4.22 -22.73 -13.54
CA VAL B 548 -4.00 -21.54 -12.73
C VAL B 548 -3.26 -20.50 -13.57
N LEU B 549 -3.83 -19.28 -13.60
CA LEU B 549 -3.24 -18.14 -14.27
C LEU B 549 -3.20 -16.99 -13.28
N ASP B 550 -2.00 -16.48 -12.97
CA ASP B 550 -1.83 -15.29 -12.17
C ASP B 550 -1.39 -14.13 -13.07
N ILE B 551 -2.30 -13.17 -13.29
CA ILE B 551 -1.93 -11.92 -13.97
C ILE B 551 -2.08 -10.73 -13.02
N SER B 552 -1.83 -10.98 -11.72
CA SER B 552 -1.82 -9.93 -10.71
C SER B 552 -0.66 -8.95 -10.92
N SER B 553 -0.85 -7.73 -10.44
CA SER B 553 0.16 -6.67 -10.50
C SER B 553 0.68 -6.53 -11.93
N ASN B 554 -0.26 -6.38 -12.86
CA ASN B 554 -0.02 -6.00 -14.23
C ASN B 554 -0.84 -4.74 -14.54
N SER B 555 -0.74 -3.74 -13.66
CA SER B 555 -1.65 -2.56 -13.66
C SER B 555 -1.28 -1.56 -14.75
N HIS B 556 -0.06 -1.62 -15.30
CA HIS B 556 0.43 -0.61 -16.26
C HIS B 556 -0.62 -0.23 -17.32
N TYR B 557 -1.06 -1.17 -18.16
CA TYR B 557 -1.94 -0.82 -19.26
C TYR B 557 -3.37 -0.61 -18.77
N PHE B 558 -3.73 -1.10 -17.57
CA PHE B 558 -5.08 -0.86 -16.99
C PHE B 558 -5.17 0.53 -16.35
N GLN B 559 -4.02 1.18 -16.13
CA GLN B 559 -3.91 2.50 -15.45
C GLN B 559 -4.14 3.66 -16.42
N SER B 560 -4.18 3.38 -17.73
CA SER B 560 -4.35 4.43 -18.71
C SER B 560 -5.78 4.39 -19.27
N GLU B 561 -6.27 5.60 -19.59
CA GLU B 561 -7.62 5.85 -20.08
C GLU B 561 -7.71 5.50 -21.57
N GLY B 562 -8.81 4.86 -21.96
CA GLY B 562 -9.16 4.73 -23.39
C GLY B 562 -8.19 3.86 -24.16
N ILE B 563 -7.84 2.74 -23.54
CA ILE B 563 -7.06 1.66 -24.09
C ILE B 563 -7.96 0.42 -24.04
N THR B 564 -7.93 -0.44 -25.07
CA THR B 564 -8.79 -1.61 -25.05
C THR B 564 -8.30 -2.61 -24.00
N HIS B 565 -9.23 -3.23 -23.26
CA HIS B 565 -8.92 -4.37 -22.37
C HIS B 565 -10.01 -5.45 -22.48
N MET B 566 -9.65 -6.65 -22.95
CA MET B 566 -10.60 -7.69 -23.21
C MET B 566 -10.57 -8.67 -22.03
N LEU B 567 -11.37 -8.40 -20.99
CA LEU B 567 -11.41 -9.27 -19.81
C LEU B 567 -12.10 -10.60 -20.12
N ASN B 568 -12.72 -10.73 -21.30
CA ASN B 568 -13.47 -11.93 -21.68
C ASN B 568 -12.55 -12.99 -22.28
N PHE B 569 -11.23 -12.73 -22.27
CA PHE B 569 -10.22 -13.67 -22.70
C PHE B 569 -10.31 -15.03 -21.98
N THR B 570 -11.03 -15.09 -20.86
CA THR B 570 -11.18 -16.29 -20.02
C THR B 570 -11.87 -17.45 -20.73
N LYS B 571 -12.53 -17.16 -21.86
CA LYS B 571 -13.49 -18.06 -22.43
C LYS B 571 -12.77 -19.24 -23.10
N ASN B 572 -11.58 -19.00 -23.61
CA ASN B 572 -10.86 -19.98 -24.43
C ASN B 572 -10.13 -21.02 -23.55
N LEU B 573 -9.99 -20.73 -22.24
CA LEU B 573 -9.22 -21.56 -21.32
C LEU B 573 -10.14 -22.55 -20.61
N LYS B 574 -10.17 -23.76 -21.17
CA LYS B 574 -11.27 -24.63 -20.96
C LYS B 574 -11.13 -25.39 -19.65
N VAL B 575 -9.94 -25.36 -19.03
CA VAL B 575 -9.74 -26.18 -17.82
C VAL B 575 -9.22 -25.31 -16.66
N LEU B 576 -9.41 -23.99 -16.78
CA LEU B 576 -8.87 -23.03 -15.85
C LEU B 576 -9.70 -23.05 -14.57
N GLN B 577 -9.06 -23.35 -13.45
CA GLN B 577 -9.72 -23.45 -12.13
C GLN B 577 -9.61 -22.11 -11.38
N LYS B 578 -8.49 -21.42 -11.56
CA LYS B 578 -8.15 -20.31 -10.69
C LYS B 578 -7.47 -19.20 -11.49
N LEU B 579 -8.01 -17.99 -11.30
CA LEU B 579 -7.52 -16.79 -11.95
C LEU B 579 -7.31 -15.73 -10.89
N MET B 580 -6.11 -15.15 -10.90
CA MET B 580 -5.74 -14.07 -10.01
C MET B 580 -5.46 -12.84 -10.84
N MET B 581 -6.24 -11.78 -10.62
CA MET B 581 -5.94 -10.53 -11.27
C MET B 581 -6.06 -9.37 -10.27
N ASN B 582 -5.35 -9.58 -9.14
CA ASN B 582 -5.21 -8.66 -8.04
C ASN B 582 -4.33 -7.46 -8.41
N ASP B 583 -4.64 -6.30 -7.81
CA ASP B 583 -3.85 -5.08 -7.89
C ASP B 583 -3.61 -4.66 -9.35
N ASN B 584 -4.62 -4.77 -10.21
CA ASN B 584 -4.47 -4.39 -11.61
C ASN B 584 -5.09 -3.01 -11.84
N ASP B 585 -5.70 -2.46 -10.80
CA ASP B 585 -6.14 -1.09 -10.84
C ASP B 585 -7.21 -0.93 -11.93
N ILE B 586 -7.93 -2.02 -12.23
CA ILE B 586 -8.89 -2.14 -13.32
C ILE B 586 -10.12 -1.27 -13.03
N SER B 587 -10.41 -0.36 -13.95
CA SER B 587 -11.52 0.58 -13.79
C SER B 587 -12.30 0.74 -15.10
N SER B 588 -11.83 0.08 -16.16
CA SER B 588 -12.57 0.02 -17.38
C SER B 588 -12.36 -1.35 -18.01
N SER B 589 -13.34 -1.77 -18.81
CA SER B 589 -13.27 -3.01 -19.55
C SER B 589 -14.06 -2.84 -20.82
N THR B 590 -13.50 -3.30 -21.93
CA THR B 590 -14.13 -3.30 -23.20
C THR B 590 -15.24 -4.35 -23.23
N SER B 591 -15.08 -5.46 -22.51
CA SER B 591 -16.11 -6.48 -22.45
C SER B 591 -16.93 -6.33 -21.18
N ARG B 592 -18.23 -6.61 -21.28
CA ARG B 592 -19.20 -6.41 -20.20
C ARG B 592 -19.30 -7.65 -19.30
N THR B 593 -18.83 -8.79 -19.81
CA THR B 593 -18.92 -10.05 -19.11
C THR B 593 -17.64 -10.89 -19.32
N MET B 594 -17.17 -11.50 -18.22
CA MET B 594 -16.15 -12.52 -18.25
C MET B 594 -16.89 -13.86 -18.25
N GLU B 595 -16.36 -14.84 -18.99
CA GLU B 595 -17.04 -16.12 -19.21
C GLU B 595 -16.03 -17.25 -19.07
N SER B 596 -16.44 -18.27 -18.31
CA SER B 596 -15.72 -19.53 -18.18
C SER B 596 -16.72 -20.61 -17.76
N GLU B 597 -16.53 -21.79 -18.33
CA GLU B 597 -17.31 -22.94 -17.95
C GLU B 597 -16.59 -23.68 -16.83
N SER B 598 -15.32 -23.33 -16.59
CA SER B 598 -14.41 -24.11 -15.78
C SER B 598 -14.07 -23.41 -14.46
N LEU B 599 -13.97 -22.08 -14.48
CA LEU B 599 -13.32 -21.32 -13.43
C LEU B 599 -14.08 -21.41 -12.10
N ARG B 600 -13.31 -21.58 -11.03
CA ARG B 600 -13.80 -21.93 -9.70
C ARG B 600 -13.46 -20.79 -8.72
N THR B 601 -12.27 -20.19 -8.88
CA THR B 601 -11.78 -19.13 -8.02
C THR B 601 -11.29 -17.94 -8.85
N LEU B 602 -11.72 -16.75 -8.45
CA LEU B 602 -11.26 -15.53 -9.06
C LEU B 602 -10.88 -14.54 -7.96
N GLU B 603 -9.61 -14.13 -7.97
CA GLU B 603 -9.14 -13.06 -7.10
C GLU B 603 -9.08 -11.75 -7.90
N PHE B 604 -9.88 -10.75 -7.47
CA PHE B 604 -10.05 -9.49 -8.18
C PHE B 604 -9.80 -8.34 -7.23
N ARG B 605 -8.86 -8.56 -6.31
CA ARG B 605 -8.60 -7.67 -5.19
C ARG B 605 -7.81 -6.47 -5.71
N GLY B 606 -8.04 -5.30 -5.15
CA GLY B 606 -7.23 -4.12 -5.47
C GLY B 606 -7.46 -3.63 -6.89
N ASN B 607 -8.73 -3.49 -7.28
CA ASN B 607 -9.13 -2.96 -8.60
C ASN B 607 -10.07 -1.78 -8.32
N HIS B 608 -10.84 -1.34 -9.31
CA HIS B 608 -11.76 -0.24 -9.13
C HIS B 608 -13.13 -0.59 -9.70
N LEU B 609 -13.73 -1.65 -9.16
CA LEU B 609 -15.13 -1.96 -9.43
C LEU B 609 -16.01 -0.77 -9.02
N ASP B 610 -15.53 0.09 -8.13
CA ASP B 610 -16.33 1.26 -7.75
C ASP B 610 -16.60 2.13 -8.99
N VAL B 611 -15.63 2.21 -9.90
CA VAL B 611 -15.74 2.97 -11.16
C VAL B 611 -16.55 2.20 -12.22
N LEU B 612 -16.28 0.91 -12.41
CA LEU B 612 -17.08 0.07 -13.33
C LEU B 612 -18.56 0.04 -12.95
N TRP B 613 -18.83 0.07 -11.63
CA TRP B 613 -20.19 0.04 -11.08
C TRP B 613 -20.65 1.42 -10.62
N ARG B 614 -20.04 2.47 -11.18
CA ARG B 614 -20.46 3.84 -10.97
C ARG B 614 -21.99 3.86 -10.95
N ASP B 615 -22.58 4.47 -9.92
CA ASP B 615 -24.04 4.49 -9.79
C ASP B 615 -24.67 5.13 -11.02
N GLY B 616 -25.52 4.35 -11.70
CA GLY B 616 -26.17 4.74 -12.92
C GLY B 616 -25.70 3.95 -14.13
N ASP B 617 -24.53 3.29 -14.03
CA ASP B 617 -23.95 2.55 -15.15
C ASP B 617 -24.17 1.04 -14.89
N ASN B 618 -25.16 0.50 -15.60
CA ASN B 618 -25.67 -0.86 -15.44
C ASN B 618 -24.79 -1.89 -16.15
N ARG B 619 -23.88 -1.44 -17.00
CA ARG B 619 -23.28 -2.28 -18.03
C ARG B 619 -22.39 -3.40 -17.45
N TYR B 620 -21.83 -3.21 -16.25
CA TYR B 620 -20.86 -4.20 -15.75
C TYR B 620 -21.38 -4.97 -14.51
N LEU B 621 -22.68 -4.87 -14.22
CA LEU B 621 -23.27 -5.51 -13.08
C LEU B 621 -23.40 -7.02 -13.32
N GLN B 622 -22.99 -7.50 -14.49
CA GLN B 622 -23.02 -8.93 -14.77
C GLN B 622 -21.63 -9.39 -15.19
N LEU B 623 -20.61 -8.67 -14.71
CA LEU B 623 -19.21 -8.94 -15.10
C LEU B 623 -18.80 -10.38 -14.77
N PHE B 624 -19.35 -10.95 -13.67
CA PHE B 624 -18.94 -12.25 -13.18
C PHE B 624 -20.07 -13.29 -13.32
N LYS B 625 -21.24 -12.90 -13.86
CA LYS B 625 -22.44 -13.77 -13.86
C LYS B 625 -22.23 -15.06 -14.65
N ASN B 626 -21.45 -15.01 -15.75
CA ASN B 626 -21.31 -16.14 -16.67
C ASN B 626 -20.05 -16.95 -16.34
N LEU B 627 -19.50 -16.77 -15.14
CA LEU B 627 -18.48 -17.66 -14.60
C LEU B 627 -19.20 -18.74 -13.79
N LEU B 628 -19.73 -19.77 -14.47
CA LEU B 628 -20.86 -20.53 -13.95
C LEU B 628 -20.45 -21.39 -12.75
N LYS B 629 -19.21 -21.89 -12.79
CA LYS B 629 -18.78 -22.77 -11.73
C LYS B 629 -18.03 -21.99 -10.64
N LEU B 630 -18.08 -20.66 -10.68
CA LEU B 630 -17.34 -19.84 -9.74
C LEU B 630 -17.90 -20.06 -8.34
N GLU B 631 -16.98 -20.38 -7.42
CA GLU B 631 -17.27 -20.71 -6.03
C GLU B 631 -16.69 -19.67 -5.07
N GLU B 632 -15.59 -19.00 -5.47
CA GLU B 632 -14.85 -18.07 -4.60
C GLU B 632 -14.54 -16.80 -5.39
N LEU B 633 -15.02 -15.66 -4.88
CA LEU B 633 -14.73 -14.35 -5.45
C LEU B 633 -14.19 -13.42 -4.35
N ASP B 634 -12.98 -12.89 -4.58
CA ASP B 634 -12.36 -11.88 -3.72
C ASP B 634 -12.47 -10.52 -4.41
N ILE B 635 -13.36 -9.65 -3.93
CA ILE B 635 -13.47 -8.28 -4.42
C ILE B 635 -13.30 -7.30 -3.25
N SER B 636 -12.39 -7.67 -2.35
CA SER B 636 -11.83 -6.76 -1.38
C SER B 636 -11.03 -5.68 -2.11
N LYS B 637 -10.77 -4.57 -1.41
CA LYS B 637 -9.86 -3.49 -1.84
C LYS B 637 -10.26 -2.99 -3.23
N ASN B 638 -11.55 -2.68 -3.40
CA ASN B 638 -12.06 -2.15 -4.65
C ASN B 638 -12.78 -0.83 -4.42
N SER B 639 -12.56 -0.19 -3.26
CA SER B 639 -13.11 1.16 -2.97
C SER B 639 -14.63 1.17 -3.07
N LEU B 640 -15.28 0.04 -2.74
CA LEU B 640 -16.73 -0.07 -2.83
C LEU B 640 -17.39 0.45 -1.55
N SER B 641 -17.61 1.77 -1.49
CA SER B 641 -18.18 2.40 -0.31
C SER B 641 -19.66 2.03 -0.19
N PHE B 642 -20.27 1.66 -1.33
CA PHE B 642 -21.60 1.06 -1.41
C PHE B 642 -21.58 0.05 -2.55
N LEU B 643 -22.60 -0.82 -2.56
CA LEU B 643 -22.86 -1.77 -3.63
C LEU B 643 -24.11 -1.34 -4.39
N PRO B 644 -24.01 -0.99 -5.69
CA PRO B 644 -25.20 -0.63 -6.45
C PRO B 644 -26.13 -1.85 -6.45
N SER B 645 -27.44 -1.62 -6.49
CA SER B 645 -28.36 -2.76 -6.59
C SER B 645 -28.11 -3.42 -7.94
N GLY B 646 -28.10 -4.76 -7.92
CA GLY B 646 -27.85 -5.50 -9.12
C GLY B 646 -26.56 -6.28 -9.05
N VAL B 647 -25.69 -5.92 -8.08
CA VAL B 647 -24.42 -6.55 -7.86
C VAL B 647 -24.64 -8.01 -7.42
N PHE B 648 -25.49 -8.20 -6.41
CA PHE B 648 -25.77 -9.54 -5.88
C PHE B 648 -26.59 -10.36 -6.88
N ASP B 649 -27.58 -9.73 -7.51
CA ASP B 649 -28.37 -10.40 -8.54
C ASP B 649 -27.43 -10.91 -9.65
N GLY B 650 -26.36 -10.18 -9.95
CA GLY B 650 -25.49 -10.54 -11.07
C GLY B 650 -24.35 -11.47 -10.70
N MET B 651 -24.35 -11.99 -9.46
CA MET B 651 -23.28 -12.89 -9.05
C MET B 651 -23.60 -14.24 -9.67
N PRO B 652 -22.57 -15.06 -10.01
CA PRO B 652 -22.81 -16.38 -10.59
C PRO B 652 -23.45 -17.28 -9.53
N PRO B 653 -24.25 -18.28 -9.93
CA PRO B 653 -25.23 -18.85 -9.00
C PRO B 653 -24.64 -19.84 -7.99
N ASN B 654 -23.35 -20.19 -8.10
CA ASN B 654 -22.75 -21.15 -7.19
C ASN B 654 -21.72 -20.51 -6.27
N LEU B 655 -21.74 -19.18 -6.13
CA LEU B 655 -20.81 -18.46 -5.28
C LEU B 655 -20.98 -18.93 -3.83
N LYS B 656 -19.87 -19.30 -3.19
CA LYS B 656 -19.82 -19.84 -1.82
C LYS B 656 -19.09 -18.90 -0.85
N ASN B 657 -17.98 -18.31 -1.32
CA ASN B 657 -17.01 -17.63 -0.49
C ASN B 657 -16.82 -16.23 -1.12
N LEU B 658 -17.36 -15.18 -0.50
CA LEU B 658 -17.28 -13.82 -1.06
C LEU B 658 -16.60 -12.85 -0.08
N SER B 659 -15.49 -12.23 -0.49
CA SER B 659 -14.85 -11.16 0.29
C SER B 659 -15.21 -9.76 -0.24
N LEU B 660 -15.70 -8.90 0.64
CA LEU B 660 -15.92 -7.51 0.38
C LEU B 660 -15.16 -6.71 1.45
N ALA B 661 -14.03 -7.27 1.90
CA ALA B 661 -13.25 -6.64 2.93
C ALA B 661 -12.57 -5.37 2.40
N LYS B 662 -12.18 -4.50 3.31
CA LYS B 662 -11.32 -3.35 3.03
C LYS B 662 -11.86 -2.52 1.86
N ASN B 663 -13.13 -2.15 1.93
CA ASN B 663 -13.79 -1.44 0.82
C ASN B 663 -14.31 -0.08 1.29
N GLY B 664 -14.20 0.22 2.59
CA GLY B 664 -14.86 1.37 3.19
C GLY B 664 -16.38 1.36 2.98
N LEU B 665 -17.00 0.17 2.89
CA LEU B 665 -18.44 0.04 2.89
C LEU B 665 -19.02 0.80 4.07
N LYS B 666 -19.96 1.72 3.79
CA LYS B 666 -20.64 2.49 4.83
C LYS B 666 -22.04 1.91 5.06
N SER B 667 -22.56 1.14 4.09
CA SER B 667 -23.93 0.65 4.13
C SER B 667 -24.02 -0.62 3.29
N PHE B 668 -25.08 -1.39 3.53
CA PHE B 668 -25.13 -2.74 3.02
C PHE B 668 -26.56 -3.28 3.18
N ILE B 669 -27.26 -3.47 2.05
CA ILE B 669 -28.63 -4.06 2.03
C ILE B 669 -28.51 -5.59 2.18
N TRP B 670 -28.58 -6.03 3.45
CA TRP B 670 -28.38 -7.41 3.84
C TRP B 670 -29.40 -8.34 3.19
N GLU B 671 -30.62 -7.82 2.92
CA GLU B 671 -31.72 -8.59 2.33
C GLU B 671 -31.30 -9.15 0.97
N LYS B 672 -30.43 -8.40 0.27
CA LYS B 672 -29.99 -8.79 -1.08
C LYS B 672 -29.14 -10.07 -1.03
N LEU B 673 -28.76 -10.55 0.16
CA LEU B 673 -28.00 -11.78 0.27
C LEU B 673 -28.86 -12.99 -0.13
N ARG B 674 -30.18 -12.76 -0.24
CA ARG B 674 -31.16 -13.79 -0.64
C ARG B 674 -30.85 -14.32 -2.05
N TYR B 675 -30.25 -13.49 -2.90
CA TYR B 675 -29.89 -13.85 -4.26
C TYR B 675 -28.73 -14.86 -4.29
N LEU B 676 -27.90 -14.90 -3.24
CA LEU B 676 -26.66 -15.71 -3.26
C LEU B 676 -26.93 -17.06 -2.59
N LYS B 677 -27.61 -17.94 -3.31
CA LYS B 677 -28.34 -19.05 -2.70
C LYS B 677 -27.36 -20.14 -2.21
N ASN B 678 -26.09 -20.07 -2.57
CA ASN B 678 -25.11 -21.05 -2.12
C ASN B 678 -24.03 -20.43 -1.22
N LEU B 679 -24.33 -19.27 -0.61
CA LEU B 679 -23.33 -18.49 0.14
C LEU B 679 -23.04 -19.21 1.45
N GLU B 680 -21.75 -19.39 1.75
CA GLU B 680 -21.30 -20.09 2.95
C GLU B 680 -20.46 -19.15 3.81
N THR B 681 -19.48 -18.48 3.19
CA THR B 681 -18.57 -17.55 3.84
C THR B 681 -18.76 -16.13 3.29
N LEU B 682 -19.00 -15.14 4.17
CA LEU B 682 -19.07 -13.74 3.78
C LEU B 682 -18.13 -12.89 4.64
N ASP B 683 -17.14 -12.27 3.98
CA ASP B 683 -16.12 -11.47 4.66
C ASP B 683 -16.40 -9.97 4.46
N LEU B 684 -16.87 -9.31 5.52
CA LEU B 684 -17.11 -7.89 5.49
C LEU B 684 -16.12 -7.18 6.42
N SER B 685 -14.93 -7.77 6.62
CA SER B 685 -13.95 -7.26 7.57
C SER B 685 -13.38 -5.94 7.05
N HIS B 686 -13.00 -5.06 8.00
CA HIS B 686 -12.32 -3.77 7.74
C HIS B 686 -13.21 -2.90 6.83
N ASN B 687 -14.44 -2.64 7.29
CA ASN B 687 -15.32 -1.75 6.60
C ASN B 687 -15.82 -0.76 7.64
N GLN B 688 -16.91 -0.05 7.31
CA GLN B 688 -17.47 0.99 8.15
C GLN B 688 -18.97 0.75 8.39
N LEU B 689 -19.38 -0.52 8.43
CA LEU B 689 -20.77 -0.88 8.71
C LEU B 689 -21.04 -0.48 10.16
N THR B 690 -22.24 0.06 10.40
CA THR B 690 -22.61 0.46 11.75
C THR B 690 -23.71 -0.44 12.31
N THR B 691 -24.32 -1.27 11.44
CA THR B 691 -25.47 -2.10 11.84
C THR B 691 -25.42 -3.51 11.22
N VAL B 692 -26.09 -4.42 11.91
CA VAL B 692 -26.35 -5.76 11.40
C VAL B 692 -27.83 -5.85 11.01
N PRO B 693 -28.22 -6.87 10.23
CA PRO B 693 -29.63 -7.03 9.83
C PRO B 693 -30.56 -7.35 11.01
N GLU B 694 -31.85 -6.99 10.87
CA GLU B 694 -32.87 -7.21 11.93
C GLU B 694 -33.04 -8.69 12.20
N ARG B 695 -33.06 -9.51 11.13
CA ARG B 695 -33.03 -11.00 11.21
C ARG B 695 -32.11 -11.56 10.10
N LEU B 696 -31.07 -12.30 10.51
CA LEU B 696 -30.07 -12.82 9.58
C LEU B 696 -30.61 -14.04 8.84
N SER B 697 -31.54 -14.77 9.47
CA SER B 697 -32.15 -15.97 8.84
C SER B 697 -33.01 -15.55 7.63
N ASN B 698 -33.52 -14.31 7.68
CA ASN B 698 -34.41 -13.74 6.65
C ASN B 698 -33.58 -13.15 5.50
N CYS B 699 -32.24 -13.28 5.60
CA CYS B 699 -31.28 -12.72 4.65
C CYS B 699 -30.62 -13.83 3.82
N SER B 700 -30.35 -14.95 4.47
CA SER B 700 -29.73 -16.05 3.79
C SER B 700 -29.97 -17.32 4.61
N ARG B 701 -30.32 -18.40 3.91
CA ARG B 701 -30.55 -19.72 4.51
C ARG B 701 -29.25 -20.50 4.61
N SER B 702 -28.23 -20.07 3.86
CA SER B 702 -27.08 -20.91 3.56
C SER B 702 -25.87 -20.49 4.38
N LEU B 703 -25.88 -19.25 4.87
CA LEU B 703 -24.68 -18.56 5.38
C LEU B 703 -24.18 -19.26 6.65
N LYS B 704 -22.90 -19.69 6.60
CA LYS B 704 -22.25 -20.36 7.69
C LYS B 704 -21.30 -19.45 8.46
N ASN B 705 -20.45 -18.71 7.74
CA ASN B 705 -19.30 -17.98 8.31
C ASN B 705 -19.40 -16.48 7.99
N LEU B 706 -19.59 -15.68 9.04
CA LEU B 706 -19.86 -14.29 8.88
C LEU B 706 -18.77 -13.51 9.61
N ILE B 707 -17.99 -12.74 8.83
CA ILE B 707 -16.90 -11.98 9.32
C ILE B 707 -17.25 -10.49 9.26
N LEU B 708 -17.37 -9.86 10.42
CA LEU B 708 -17.74 -8.47 10.54
C LEU B 708 -16.69 -7.70 11.36
N LYS B 709 -15.46 -8.22 11.41
CA LYS B 709 -14.46 -7.68 12.30
C LYS B 709 -13.98 -6.35 11.73
N ASN B 710 -13.58 -5.43 12.63
CA ASN B 710 -13.05 -4.10 12.28
C ASN B 710 -14.12 -3.35 11.48
N ASN B 711 -15.27 -3.15 12.11
CA ASN B 711 -16.33 -2.31 11.59
C ASN B 711 -16.68 -1.32 12.72
N GLN B 712 -17.81 -0.63 12.59
CA GLN B 712 -18.21 0.44 13.48
C GLN B 712 -19.53 0.10 14.16
N ILE B 713 -19.77 -1.19 14.45
CA ILE B 713 -21.07 -1.62 14.93
C ILE B 713 -21.17 -1.32 16.43
N ARG B 714 -22.23 -0.62 16.83
CA ARG B 714 -22.39 -0.08 18.19
C ARG B 714 -23.38 -0.92 19.02
N SER B 715 -24.31 -1.57 18.34
CA SER B 715 -25.31 -2.42 19.00
C SER B 715 -25.96 -3.37 17.99
N LEU B 716 -26.43 -4.51 18.47
CA LEU B 716 -27.04 -5.50 17.63
C LEU B 716 -28.56 -5.25 17.57
N THR B 717 -29.18 -5.72 16.50
CA THR B 717 -30.62 -5.71 16.34
C THR B 717 -31.25 -6.66 17.37
N LYS B 718 -32.51 -6.41 17.72
CA LYS B 718 -33.17 -7.11 18.84
C LYS B 718 -33.19 -8.64 18.62
N TYR B 719 -33.44 -9.13 17.40
CA TYR B 719 -33.49 -10.59 17.14
C TYR B 719 -32.46 -11.01 16.07
N PHE B 720 -31.29 -10.37 16.08
CA PHE B 720 -30.25 -10.56 15.08
C PHE B 720 -30.19 -12.03 14.62
N LEU B 721 -29.70 -12.91 15.50
CA LEU B 721 -29.33 -14.30 15.12
C LEU B 721 -30.52 -15.26 15.24
N GLN B 722 -31.73 -14.76 15.44
CA GLN B 722 -32.88 -15.63 15.67
C GLN B 722 -33.09 -16.59 14.48
N ASP B 723 -33.17 -17.88 14.81
CA ASP B 723 -33.49 -19.00 13.90
C ASP B 723 -32.42 -19.15 12.80
N ALA B 724 -31.19 -18.70 13.04
CA ALA B 724 -30.12 -18.76 12.05
C ALA B 724 -29.27 -20.02 12.30
N PHE B 725 -29.91 -21.18 12.23
CA PHE B 725 -29.33 -22.44 12.73
C PHE B 725 -28.14 -22.90 11.88
N GLN B 726 -27.97 -22.34 10.67
CA GLN B 726 -26.91 -22.79 9.77
C GLN B 726 -25.56 -22.18 10.17
N LEU B 727 -25.57 -21.08 10.94
CA LEU B 727 -24.39 -20.29 11.32
C LEU B 727 -23.42 -21.15 12.16
N ARG B 728 -22.12 -21.07 11.84
CA ARG B 728 -21.11 -21.86 12.54
C ARG B 728 -19.95 -21.00 13.04
N TYR B 729 -19.72 -19.82 12.43
CA TYR B 729 -18.57 -18.95 12.75
C TYR B 729 -19.03 -17.49 12.64
N LEU B 730 -18.88 -16.71 13.72
CA LEU B 730 -19.27 -15.31 13.73
C LEU B 730 -18.15 -14.49 14.38
N ASP B 731 -17.56 -13.54 13.63
CA ASP B 731 -16.55 -12.66 14.14
C ASP B 731 -17.13 -11.26 14.24
N LEU B 732 -17.30 -10.75 15.47
CA LEU B 732 -17.77 -9.41 15.73
C LEU B 732 -16.67 -8.62 16.46
N SER B 733 -15.44 -9.11 16.41
CA SER B 733 -14.33 -8.48 17.10
C SER B 733 -14.09 -7.09 16.49
N SER B 734 -13.43 -6.22 17.26
CA SER B 734 -12.99 -4.89 16.82
C SER B 734 -14.16 -4.08 16.24
N ASN B 735 -15.23 -3.98 17.01
CA ASN B 735 -16.36 -3.14 16.72
C ASN B 735 -16.54 -2.23 17.94
N LYS B 736 -17.74 -1.67 18.17
CA LYS B 736 -17.92 -0.73 19.27
C LYS B 736 -19.16 -1.15 20.08
N ILE B 737 -19.39 -2.46 20.15
CA ILE B 737 -20.61 -3.02 20.76
C ILE B 737 -20.55 -2.76 22.26
N GLN B 738 -21.67 -2.33 22.84
CA GLN B 738 -21.75 -2.02 24.28
C GLN B 738 -22.52 -3.11 25.04
N MET B 739 -23.74 -3.42 24.58
CA MET B 739 -24.62 -4.42 25.14
C MET B 739 -24.71 -5.60 24.16
N ILE B 740 -25.00 -6.79 24.67
CA ILE B 740 -25.49 -7.91 23.86
C ILE B 740 -26.58 -8.60 24.70
N GLN B 741 -27.84 -8.55 24.24
CA GLN B 741 -28.97 -9.13 24.97
C GLN B 741 -29.24 -10.53 24.42
N LYS B 742 -29.94 -11.34 25.22
CA LYS B 742 -30.29 -12.74 24.86
C LYS B 742 -31.17 -12.79 23.59
N THR B 743 -32.07 -11.81 23.39
CA THR B 743 -32.92 -11.79 22.20
C THR B 743 -32.04 -11.83 20.93
N SER B 744 -30.93 -11.08 20.93
CA SER B 744 -30.04 -10.99 19.75
C SER B 744 -29.19 -12.25 19.58
N PHE B 745 -28.86 -12.89 20.71
CA PHE B 745 -27.94 -14.02 20.76
C PHE B 745 -28.64 -15.21 21.40
N PRO B 746 -29.69 -15.79 20.77
CA PRO B 746 -30.37 -16.94 21.34
C PRO B 746 -29.39 -18.12 21.46
N GLU B 747 -29.56 -18.85 22.55
CA GLU B 747 -28.70 -19.92 22.98
C GLU B 747 -28.74 -21.08 21.95
N ASN B 748 -29.89 -21.29 21.29
CA ASN B 748 -30.05 -22.43 20.35
C ASN B 748 -29.31 -22.18 19.04
N VAL B 749 -28.82 -20.95 18.82
CA VAL B 749 -27.91 -20.65 17.71
C VAL B 749 -26.46 -20.65 18.21
N LEU B 750 -26.24 -20.03 19.38
CA LEU B 750 -24.91 -19.86 19.92
C LEU B 750 -24.20 -21.19 20.12
N ASN B 751 -24.94 -22.23 20.52
CA ASN B 751 -24.34 -23.45 21.04
C ASN B 751 -23.91 -24.37 19.89
N ASN B 752 -24.19 -23.96 18.64
CA ASN B 752 -23.74 -24.68 17.44
C ASN B 752 -22.53 -23.99 16.81
N LEU B 753 -22.15 -22.82 17.36
CA LEU B 753 -21.02 -22.05 16.82
C LEU B 753 -19.71 -22.76 17.15
N LYS B 754 -18.93 -23.08 16.12
CA LYS B 754 -17.58 -23.57 16.30
C LYS B 754 -16.75 -22.52 17.08
N MET B 755 -16.97 -21.26 16.75
CA MET B 755 -16.17 -20.15 17.27
C MET B 755 -17.01 -18.85 17.20
N LEU B 756 -16.74 -17.92 18.12
CA LEU B 756 -17.45 -16.65 18.24
C LEU B 756 -16.47 -15.62 18.82
N LEU B 757 -16.14 -14.61 18.00
CA LEU B 757 -15.14 -13.61 18.32
C LEU B 757 -15.82 -12.29 18.75
N LEU B 758 -15.48 -11.80 19.95
CA LEU B 758 -16.12 -10.62 20.53
C LEU B 758 -15.08 -9.62 21.03
N HIS B 759 -13.80 -9.98 20.99
CA HIS B 759 -12.76 -9.17 21.62
C HIS B 759 -12.67 -7.79 20.97
N HIS B 760 -12.16 -6.83 21.73
CA HIS B 760 -11.92 -5.47 21.29
C HIS B 760 -13.25 -4.80 20.90
N ASN B 761 -14.20 -4.81 21.82
CA ASN B 761 -15.45 -4.06 21.72
C ASN B 761 -15.47 -3.04 22.88
N ARG B 762 -16.63 -2.47 23.19
CA ARG B 762 -16.72 -1.37 24.18
C ARG B 762 -17.78 -1.73 25.23
N PHE B 763 -17.64 -2.94 25.78
CA PHE B 763 -18.66 -3.57 26.64
C PHE B 763 -18.88 -2.80 27.96
N LEU B 764 -20.13 -2.46 28.21
CA LEU B 764 -20.56 -1.84 29.46
C LEU B 764 -21.02 -2.94 30.41
N CYS B 765 -20.43 -2.98 31.60
CA CYS B 765 -20.72 -4.03 32.57
C CYS B 765 -21.61 -3.52 33.73
N THR B 766 -22.76 -2.92 33.36
CA THR B 766 -23.81 -2.57 34.29
C THR B 766 -24.65 -3.83 34.55
N CYS B 767 -25.73 -3.67 35.32
CA CYS B 767 -26.58 -4.80 35.69
C CYS B 767 -27.40 -5.22 34.46
N ASP B 768 -27.53 -4.33 33.47
CA ASP B 768 -28.24 -4.67 32.23
C ASP B 768 -27.49 -5.79 31.49
N ALA B 769 -26.18 -5.93 31.75
CA ALA B 769 -25.27 -6.77 30.98
C ALA B 769 -25.11 -8.13 31.63
N VAL B 770 -26.06 -8.47 32.51
CA VAL B 770 -25.91 -9.57 33.46
C VAL B 770 -25.96 -10.89 32.68
N TRP B 771 -26.90 -11.01 31.74
CA TRP B 771 -27.03 -12.22 30.93
C TRP B 771 -25.72 -12.47 30.14
N PHE B 772 -25.21 -11.43 29.50
CA PHE B 772 -24.06 -11.59 28.64
C PHE B 772 -22.83 -12.00 29.47
N VAL B 773 -22.64 -11.36 30.62
CA VAL B 773 -21.49 -11.66 31.44
C VAL B 773 -21.56 -13.14 31.89
N TRP B 774 -22.76 -13.58 32.28
CA TRP B 774 -22.97 -14.94 32.78
C TRP B 774 -22.70 -15.92 31.65
N TRP B 775 -23.28 -15.61 30.48
CA TRP B 775 -23.21 -16.49 29.34
C TRP B 775 -21.75 -16.67 28.91
N VAL B 776 -20.97 -15.58 28.89
CA VAL B 776 -19.57 -15.61 28.50
C VAL B 776 -18.80 -16.53 29.44
N GLN B 777 -19.03 -16.35 30.75
CA GLN B 777 -18.29 -17.05 31.82
C GLN B 777 -18.60 -18.55 31.84
N HIS B 778 -19.78 -18.95 31.37
CA HIS B 778 -20.29 -20.31 31.55
C HIS B 778 -20.48 -21.06 30.21
N THR B 779 -20.09 -20.50 29.06
CA THR B 779 -20.35 -21.13 27.75
C THR B 779 -19.17 -22.02 27.33
N GLU B 780 -19.51 -23.05 26.54
CA GLU B 780 -18.60 -24.03 25.95
C GLU B 780 -17.94 -23.44 24.67
N VAL B 781 -18.71 -22.61 23.97
CA VAL B 781 -18.31 -22.00 22.70
C VAL B 781 -16.92 -21.37 22.83
N THR B 782 -16.07 -21.59 21.82
CA THR B 782 -14.72 -21.06 21.85
C THR B 782 -14.75 -19.56 21.59
N ILE B 783 -14.11 -18.80 22.47
CA ILE B 783 -14.07 -17.35 22.38
C ILE B 783 -12.64 -16.93 22.63
N PRO B 784 -11.81 -16.73 21.58
CA PRO B 784 -10.43 -16.30 21.80
C PRO B 784 -10.34 -15.01 22.61
N TYR B 785 -9.24 -14.87 23.35
CA TYR B 785 -8.78 -13.63 24.00
C TYR B 785 -9.63 -13.24 25.23
N LEU B 786 -10.31 -14.21 25.86
CA LEU B 786 -11.06 -13.95 27.10
C LEU B 786 -10.16 -13.39 28.21
N ALA B 787 -8.87 -13.76 28.20
CA ALA B 787 -7.82 -13.23 29.10
C ALA B 787 -7.42 -11.82 28.71
N THR B 788 -6.97 -11.70 27.46
CA THR B 788 -6.23 -10.56 26.95
C THR B 788 -7.16 -9.37 26.66
N ASP B 789 -8.29 -9.57 25.94
CA ASP B 789 -8.93 -8.43 25.22
C ASP B 789 -10.48 -8.55 25.17
N VAL B 790 -11.12 -9.19 26.16
CA VAL B 790 -12.62 -9.11 26.30
C VAL B 790 -12.95 -8.52 27.68
N THR B 791 -13.25 -7.23 27.66
CA THR B 791 -12.95 -6.32 28.72
C THR B 791 -14.06 -5.28 28.83
N CYS B 792 -14.34 -4.85 30.06
CA CYS B 792 -15.33 -3.80 30.31
C CYS B 792 -14.65 -2.44 30.14
N VAL B 793 -15.27 -1.50 29.44
CA VAL B 793 -14.75 -0.10 29.40
C VAL B 793 -15.34 0.69 30.56
N GLY B 794 -16.45 0.20 31.13
CA GLY B 794 -17.23 0.89 32.13
C GLY B 794 -18.22 -0.06 32.82
N PRO B 795 -18.96 0.41 33.86
CA PRO B 795 -18.84 1.78 34.35
C PRO B 795 -17.56 1.98 35.18
N GLY B 796 -17.10 3.24 35.29
CA GLY B 796 -15.99 3.67 36.18
C GLY B 796 -15.38 2.53 36.99
N ALA B 797 -16.17 1.93 37.89
CA ALA B 797 -15.76 0.85 38.83
C ALA B 797 -14.92 -0.24 38.11
N HIS B 798 -15.49 -0.86 37.06
CA HIS B 798 -14.99 -2.06 36.42
C HIS B 798 -14.12 -1.76 35.20
N LYS B 799 -13.80 -0.47 34.93
CA LYS B 799 -13.00 -0.11 33.75
C LYS B 799 -11.74 -0.98 33.73
N GLY B 800 -11.45 -1.56 32.56
CA GLY B 800 -10.21 -2.30 32.28
C GLY B 800 -10.29 -3.76 32.72
N GLN B 801 -11.39 -4.14 33.38
CA GLN B 801 -11.51 -5.45 33.96
C GLN B 801 -12.12 -6.44 32.94
N SER B 802 -11.53 -7.64 32.91
CA SER B 802 -11.98 -8.73 32.07
C SER B 802 -13.40 -9.15 32.48
N VAL B 803 -14.25 -9.50 31.51
CA VAL B 803 -15.63 -9.82 31.83
C VAL B 803 -15.64 -11.25 32.37
N ILE B 804 -14.63 -12.03 32.00
CA ILE B 804 -14.54 -13.37 32.52
C ILE B 804 -14.53 -13.34 34.06
N SER B 805 -13.96 -12.28 34.66
CA SER B 805 -13.63 -12.19 36.09
C SER B 805 -14.70 -11.44 36.89
N LEU B 806 -15.72 -10.93 36.19
CA LEU B 806 -16.65 -9.95 36.74
C LEU B 806 -17.57 -10.61 37.78
N ASP B 807 -17.58 -10.07 39.01
CA ASP B 807 -18.55 -10.45 40.03
C ASP B 807 -19.68 -9.43 40.02
N LEU B 808 -20.87 -9.84 39.60
CA LEU B 808 -22.04 -8.93 39.51
C LEU B 808 -23.12 -9.34 40.53
N TYR B 809 -22.70 -9.69 41.74
CA TYR B 809 -23.65 -10.19 42.76
C TYR B 809 -24.50 -9.01 43.25
N THR B 810 -23.93 -7.80 43.17
CA THR B 810 -24.60 -6.56 43.60
C THR B 810 -25.92 -6.38 42.83
N CYS B 811 -26.08 -7.06 41.68
CA CYS B 811 -27.27 -7.00 40.82
C CYS B 811 -28.35 -8.01 41.25
N GLU B 812 -28.22 -8.62 42.43
CA GLU B 812 -29.01 -9.83 42.80
C GLU B 812 -29.39 -9.84 44.28
N LEU B 813 -29.44 -8.68 44.95
CA LEU B 813 -29.43 -8.68 46.41
C LEU B 813 -30.83 -9.02 46.95
C1 NAG C . -33.99 10.76 -22.60
C2 NAG C . -34.24 9.72 -21.50
C3 NAG C . -34.87 8.43 -22.00
C4 NAG C . -35.99 8.63 -22.98
C5 NAG C . -35.52 9.66 -24.01
C6 NAG C . -36.57 9.93 -25.07
C7 NAG C . -32.76 9.83 -19.56
C8 NAG C . -31.40 9.52 -19.03
N2 NAG C . -33.01 9.39 -20.80
O3 NAG C . -35.40 7.73 -20.91
O4 NAG C . -36.16 7.36 -23.61
O5 NAG C . -35.19 10.89 -23.37
O6 NAG C . -36.98 11.29 -24.88
O7 NAG C . -33.60 10.48 -18.92
C1 NAG C . -37.38 6.70 -23.28
C2 NAG C . -37.62 5.64 -24.34
C3 NAG C . -38.83 4.75 -24.01
C4 NAG C . -39.03 4.44 -22.53
C5 NAG C . -38.60 5.58 -21.62
C6 NAG C . -38.49 5.12 -20.18
C7 NAG C . -36.80 6.25 -26.61
C8 NAG C . -37.10 6.98 -27.91
N2 NAG C . -37.76 6.28 -25.66
O3 NAG C . -38.63 3.47 -24.59
O4 NAG C . -40.42 4.11 -22.32
O5 NAG C . -37.31 6.06 -22.02
O6 NAG C . -37.55 4.05 -20.11
O7 NAG C . -35.73 5.66 -26.43
C1 BMA C . -40.53 2.80 -21.68
C2 BMA C . -41.68 2.65 -20.64
C3 BMA C . -41.74 1.18 -20.16
C4 BMA C . -41.81 0.28 -21.40
C5 BMA C . -40.55 0.49 -22.27
C6 BMA C . -40.43 -0.43 -23.47
O2 BMA C . -43.00 3.05 -21.07
O3 BMA C . -42.82 0.92 -19.23
O4 BMA C . -41.93 -1.09 -21.01
O5 BMA C . -40.56 1.83 -22.73
O6 BMA C . -39.06 -0.44 -23.85
C1 NAG D . 34.48 -11.25 21.67
C2 NAG D . 33.77 -10.03 22.11
C3 NAG D . 34.64 -8.84 21.84
C4 NAG D . 35.98 -8.98 22.52
C5 NAG D . 36.63 -10.26 22.05
C6 NAG D . 38.01 -10.43 22.69
C7 NAG D . 31.34 -9.79 21.86
C8 NAG D . 30.23 -9.51 20.87
N2 NAG D . 32.56 -9.93 21.33
O3 NAG D . 33.94 -7.69 22.25
O4 NAG D . 36.86 -7.93 22.10
O5 NAG D . 35.75 -11.34 22.34
O6 NAG D . 38.29 -11.77 23.05
O7 NAG D . 31.08 -9.83 23.07
C1 NAG D . 37.36 -7.10 23.17
C2 NAG D . 38.66 -6.47 22.67
C3 NAG D . 39.21 -5.53 23.73
C4 NAG D . 38.18 -4.45 24.05
C5 NAG D . 36.84 -5.09 24.44
C6 NAG D . 35.73 -4.06 24.50
C7 NAG D . 39.94 -7.66 20.95
C8 NAG D . 41.06 -8.68 20.68
N2 NAG D . 39.68 -7.44 22.25
O3 NAG D . 40.41 -4.95 23.23
O4 NAG D . 38.67 -3.72 25.19
O5 NAG D . 36.42 -6.10 23.52
O6 NAG D . 35.14 -3.97 23.19
O7 NAG D . 39.29 -7.11 20.04
C1 BMA D . 38.95 -2.31 25.02
C2 BMA D . 38.26 -1.53 26.13
C3 BMA D . 38.36 -0.03 25.80
C4 BMA D . 39.86 0.30 25.75
C5 BMA D . 40.62 -0.60 24.75
C6 BMA D . 42.14 -0.32 24.76
O2 BMA D . 38.88 -1.86 27.38
O3 BMA D . 37.63 0.83 26.73
O4 BMA D . 39.99 1.66 25.36
O5 BMA D . 40.36 -1.98 25.05
O6 BMA D . 42.66 -0.09 23.44
C1 NAG E . 5.19 -31.41 26.63
C2 NAG E . 5.39 -31.16 25.15
C3 NAG E . 6.05 -32.37 24.50
C4 NAG E . 7.38 -32.71 25.16
C5 NAG E . 7.16 -32.81 26.68
C6 NAG E . 8.48 -32.91 27.44
C7 NAG E . 3.58 -29.66 24.47
C8 NAG E . 2.39 -29.57 23.57
N2 NAG E . 4.14 -30.86 24.48
O3 NAG E . 6.24 -32.07 23.12
O4 NAG E . 7.90 -33.96 24.68
O5 NAG E . 6.45 -31.67 27.21
O6 NAG E . 9.32 -31.78 27.15
O7 NAG E . 4.04 -28.70 25.11
C1 NAG E . 8.91 -33.95 23.63
C2 NAG E . 9.71 -35.29 23.63
C3 NAG E . 10.55 -35.44 22.35
C4 NAG E . 9.76 -35.13 21.05
C5 NAG E . 9.29 -33.68 21.23
C6 NAG E . 8.77 -32.97 19.96
C7 NAG E . 10.13 -36.20 25.97
C8 NAG E . 11.17 -36.55 27.03
N2 NAG E . 10.54 -35.53 24.85
O3 NAG E . 11.05 -36.77 22.25
O4 NAG E . 10.52 -35.41 19.83
O5 NAG E . 8.34 -33.76 22.31
O6 NAG E . 7.36 -33.13 19.77
O7 NAG E . 8.99 -36.59 26.15
C1 NAG F . 6.48 12.16 -15.07
C2 NAG F . 6.08 13.29 -14.15
C3 NAG F . 5.22 12.77 -13.01
C4 NAG F . 3.97 12.06 -13.48
C5 NAG F . 4.45 10.97 -14.46
C6 NAG F . 3.25 10.26 -15.06
C7 NAG F . 7.45 15.12 -13.28
C8 NAG F . 8.77 15.47 -12.65
N2 NAG F . 7.30 13.86 -13.63
O3 NAG F . 4.91 13.87 -12.18
O4 NAG F . 3.22 11.53 -12.33
O5 NAG F . 5.30 11.48 -15.52
O6 NAG F . 3.44 9.91 -16.43
O7 NAG F . 6.58 15.94 -13.46
C1 NAG G . 18.76 10.00 -35.54
C2 NAG G . 19.71 9.01 -36.17
C3 NAG G . 21.12 9.60 -36.18
C4 NAG G . 21.23 11.11 -36.46
C5 NAG G . 20.09 11.84 -35.76
C6 NAG G . 20.20 13.37 -35.85
C7 NAG G . 18.95 6.71 -35.58
C8 NAG G . 19.20 5.53 -34.68
N2 NAG G . 19.74 7.76 -35.37
O3 NAG G . 21.95 8.80 -37.04
O4 NAG G . 22.42 11.62 -35.86
O5 NAG G . 18.88 11.26 -36.21
O6 NAG G . 18.98 14.04 -36.04
O7 NAG G . 18.07 6.67 -36.44
C1 NAG H . 30.26 2.21 -19.17
C2 NAG H . 31.73 1.90 -19.44
C3 NAG H . 32.06 2.26 -20.88
C4 NAG H . 31.17 1.42 -21.80
C5 NAG H . 29.69 1.74 -21.44
C6 NAG H . 28.67 1.02 -22.31
C7 NAG H . 33.48 2.12 -17.81
C8 NAG H . 34.33 3.01 -16.96
N2 NAG H . 32.57 2.68 -18.58
O3 NAG H . 33.46 2.11 -21.11
O4 NAG H . 31.41 1.69 -23.19
O5 NAG H . 29.44 1.45 -20.05
O6 NAG H . 28.44 -0.30 -21.80
O7 NAG H . 33.59 0.93 -17.83
C1 NAG I . 31.48 4.69 -2.82
C2 NAG I . 32.63 5.49 -3.44
C3 NAG I . 33.53 4.56 -4.22
C4 NAG I . 34.09 3.51 -3.27
C5 NAG I . 32.87 2.72 -2.73
C6 NAG I . 33.21 1.48 -1.87
C7 NAG I . 32.21 7.83 -4.22
C8 NAG I . 31.76 8.56 -5.48
N2 NAG I . 32.15 6.49 -4.38
O3 NAG I . 34.53 5.31 -4.92
O4 NAG I . 34.98 2.62 -3.96
O5 NAG I . 31.90 3.57 -2.05
O6 NAG I . 33.69 1.91 -0.60
O7 NAG I . 32.60 8.42 -3.20
C1 NAG J . -19.76 36.54 -2.00
C2 NAG J . -18.56 35.91 -2.72
C3 NAG J . -18.18 36.62 -4.04
C4 NAG J . -19.37 36.94 -4.95
C5 NAG J . -20.51 37.55 -4.12
C6 NAG J . -21.74 37.62 -5.01
C7 NAG J . -17.03 34.76 -1.18
C8 NAG J . -15.58 34.61 -0.84
N2 NAG J . -17.36 35.84 -1.91
O3 NAG J . -17.42 35.68 -4.77
O4 NAG J . -19.01 37.66 -6.17
O5 NAG J . -20.83 36.73 -2.95
O6 NAG J . -22.21 36.30 -5.28
O7 NAG J . -17.83 33.92 -0.90
C1 NAG K . 17.63 20.66 30.69
C2 NAG K . 18.77 21.50 30.08
C3 NAG K . 20.00 21.43 30.98
C4 NAG K . 19.63 21.84 32.42
C5 NAG K . 18.39 21.08 32.98
C6 NAG K . 17.80 21.76 34.23
C7 NAG K . 18.71 21.99 27.68
C8 NAG K . 18.94 21.54 26.25
N2 NAG K . 19.08 21.14 28.67
O3 NAG K . 21.05 22.28 30.53
O4 NAG K . 20.76 21.64 33.29
O5 NAG K . 17.31 21.04 32.03
O6 NAG K . 17.05 22.90 33.79
O7 NAG K . 18.19 23.09 27.92
C1 NAG L . 8.47 20.33 6.26
C2 NAG L . 7.78 21.56 5.66
C3 NAG L . 6.41 21.19 5.05
C4 NAG L . 6.52 19.95 4.10
C5 NAG L . 7.14 18.79 4.91
C6 NAG L . 7.27 17.46 4.17
C7 NAG L . 8.63 23.58 6.77
C8 NAG L . 8.21 24.79 7.51
N2 NAG L . 7.66 22.69 6.59
O3 NAG L . 5.98 22.38 4.37
O4 NAG L . 5.27 19.54 3.44
O5 NAG L . 8.45 19.20 5.36
O6 NAG L . 7.00 17.70 2.79
O7 NAG L . 9.76 23.45 6.33
C1 NAG M . -2.29 12.00 -46.11
C2 NAG M . -1.73 11.62 -47.50
C3 NAG M . -2.57 12.35 -48.58
C4 NAG M . -4.07 12.18 -48.35
C5 NAG M . -4.45 12.74 -46.99
C6 NAG M . -5.94 12.65 -46.70
C7 NAG M . 0.72 11.14 -47.23
C8 NAG M . 2.12 11.68 -47.35
N2 NAG M . -0.28 11.94 -47.64
O3 NAG M . -2.25 11.93 -49.91
O4 NAG M . -4.80 12.88 -49.33
O5 NAG M . -3.72 11.97 -46.04
O6 NAG M . -6.30 11.28 -46.38
O7 NAG M . 0.49 10.03 -46.76
S SO4 N . 32.14 1.85 -8.71
O1 SO4 N . 33.59 1.75 -8.44
O2 SO4 N . 31.54 2.35 -7.44
O3 SO4 N . 32.07 2.66 -9.99
O4 SO4 N . 31.46 0.54 -8.98
S SO4 O . 13.82 25.59 -32.45
O1 SO4 O . 14.57 24.28 -32.42
O2 SO4 O . 14.49 26.74 -31.75
O3 SO4 O . 13.69 25.90 -33.91
O4 SO4 O . 12.49 25.46 -31.80
S SO4 P . -20.22 24.35 -17.52
O1 SO4 P . -20.27 23.69 -16.19
O2 SO4 P . -19.77 25.76 -17.45
O3 SO4 P . -19.25 23.67 -18.43
O4 SO4 P . -21.63 24.36 -18.00
S SO4 Q . 8.12 34.72 14.83
O1 SO4 Q . 7.25 35.39 15.85
O2 SO4 Q . 8.99 35.81 14.29
O3 SO4 Q . 7.20 34.11 13.82
O4 SO4 Q . 9.01 33.65 15.40
S SO4 R . 0.73 18.31 -21.15
O1 SO4 R . -0.26 17.84 -20.16
O2 SO4 R . 1.31 19.58 -20.61
O3 SO4 R . 0.07 18.47 -22.47
O4 SO4 R . 1.76 17.26 -21.38
O EWX S . 24.96 -6.57 -13.55
C4 EWX S . 25.19 -6.65 -12.20
N2 EWX S . 24.49 -5.89 -11.32
C EWX S . 24.99 -6.22 -10.11
N3 EWX S . 26.12 -7.47 -11.61
C8 EWX S . 27.06 -8.40 -12.25
C9 EWX S . 28.34 -7.66 -12.45
C13 EWX S . 28.46 -6.72 -13.49
N5 EWX S . 29.63 -6.05 -13.71
C12 EWX S . 30.68 -6.31 -12.89
C11 EWX S . 30.59 -7.24 -11.83
C10 EWX S . 29.40 -7.90 -11.59
C1 EWX S . 26.05 -7.24 -10.28
N EWX S . 26.68 -7.72 -9.19
C3 EWX S . 26.36 -7.32 -7.93
N1 EWX S . 25.40 -6.38 -7.74
C2 EWX S . 24.71 -5.82 -8.74
N4 EWX S . 23.76 -4.91 -8.48
O1 EWX S . 27.01 -7.83 -6.81
C5 EWX S . 27.93 -8.94 -6.84
C6 EWX S . 27.09 -10.14 -7.26
O2 EWX S . 26.74 -10.94 -6.12
C7 EWX S . 25.53 -11.69 -6.30
O EWX T . -0.39 -2.29 -28.92
C4 EWX T . -1.64 -1.88 -28.59
N2 EWX T . -2.24 -2.15 -27.40
C EWX T . -3.43 -1.56 -27.49
N3 EWX T . -2.33 -1.17 -29.48
C8 EWX T . -1.91 -0.76 -30.82
C9 EWX T . -2.90 -1.35 -31.83
C13 EWX T . -2.61 -2.57 -32.50
N5 EWX T . -3.46 -3.09 -33.40
C12 EWX T . -4.65 -2.46 -33.66
C11 EWX T . -5.02 -1.25 -33.04
C10 EWX T . -4.11 -0.69 -32.10
C1 EWX T . -3.49 -0.92 -28.84
N EWX T . -4.58 -0.24 -29.16
C3 EWX T . -5.64 -0.16 -28.31
N1 EWX T . -5.71 -0.72 -27.02
C2 EWX T . -4.60 -1.45 -26.59
N4 EWX T . -4.48 -2.06 -25.39
O1 EWX T . -6.66 0.54 -28.88
C5 EWX T . -7.11 1.71 -28.33
C6 EWX T . -6.55 2.81 -29.18
O2 EWX T . -6.42 3.83 -28.16
C7 EWX T . -5.54 4.89 -28.52
C1 NAG U . 7.20 -17.05 -8.76
C2 NAG U . 6.47 -17.69 -7.62
C3 NAG U . 6.11 -16.69 -6.55
C4 NAG U . 7.34 -15.90 -6.13
C5 NAG U . 7.96 -15.25 -7.39
C6 NAG U . 9.11 -14.27 -7.14
C7 NAG U . 4.90 -19.52 -7.91
C8 NAG U . 3.52 -19.91 -8.37
N2 NAG U . 5.24 -18.26 -8.09
O3 NAG U . 5.54 -17.39 -5.44
O4 NAG U . 6.98 -14.95 -5.10
O5 NAG U . 8.35 -16.31 -8.30
O6 NAG U . 10.31 -14.99 -7.08
O7 NAG U . 5.64 -20.33 -7.38
C1 NAG V . -14.80 -10.71 -26.31
C2 NAG V . -14.85 -11.80 -27.39
C3 NAG V . -14.64 -11.20 -28.78
C4 NAG V . -15.50 -9.98 -29.06
C5 NAG V . -15.25 -8.96 -27.93
C6 NAG V . -15.87 -7.56 -28.09
C7 NAG V . -13.99 -14.04 -26.70
C8 NAG V . -12.80 -14.96 -26.75
N2 NAG V . -13.81 -12.83 -27.25
O3 NAG V . -14.84 -12.22 -29.76
O4 NAG V . -15.05 -9.44 -30.31
O5 NAG V . -15.56 -9.52 -26.63
O6 NAG V . -17.17 -7.64 -28.64
O7 NAG V . -15.04 -14.41 -26.18
C1 NAG W . 37.91 -24.65 -15.84
C2 NAG W . 38.78 -23.95 -16.91
C3 NAG W . 40.17 -24.61 -16.95
C4 NAG W . 40.78 -24.47 -15.54
C5 NAG W . 39.97 -25.36 -14.60
C6 NAG W . 40.54 -25.38 -13.16
C7 NAG W . 37.42 -22.76 -18.66
C8 NAG W . 36.90 -22.75 -20.06
N2 NAG W . 38.13 -23.85 -18.25
O3 NAG W . 40.98 -23.98 -17.93
O4 NAG W . 42.18 -24.79 -15.51
O5 NAG W . 38.58 -24.95 -14.60
O6 NAG W . 40.19 -24.21 -12.37
O7 NAG W . 37.21 -21.79 -17.95
S SO4 X . -9.80 -9.98 -30.42
O1 SO4 X . -8.96 -10.98 -29.73
O2 SO4 X . -9.35 -8.61 -30.12
O3 SO4 X . -9.52 -10.17 -31.84
O4 SO4 X . -11.23 -10.13 -30.04
S SO4 Y . 21.03 -24.87 16.18
O1 SO4 Y . 21.83 -24.89 17.46
O2 SO4 Y . 20.29 -23.59 16.12
O3 SO4 Y . 21.76 -24.90 14.88
O4 SO4 Y . 20.07 -25.99 16.10
S SO4 Z . 4.40 -0.24 -13.49
O1 SO4 Z . 3.73 -0.08 -12.17
O2 SO4 Z . 5.86 -0.56 -13.40
O3 SO4 Z . 3.86 -1.41 -14.25
O4 SO4 Z . 4.17 1.05 -14.20
S SO4 AA . 35.70 -16.40 -17.81
O1 SO4 AA . 36.34 -16.95 -16.58
O2 SO4 AA . 35.75 -14.91 -17.76
O3 SO4 AA . 36.34 -16.86 -19.07
O4 SO4 AA . 34.32 -16.97 -17.83
#